data_2OXL
# 
_entry.id   2OXL 
# 
_audit_conform.dict_name       mmcif_pdbx.dic 
_audit_conform.dict_version    5.398 
_audit_conform.dict_location   http://mmcif.pdb.org/dictionaries/ascii/mmcif_pdbx.dic 
# 
loop_
_database_2.database_id 
_database_2.database_code 
_database_2.pdbx_database_accession 
_database_2.pdbx_DOI 
PDB   2OXL         pdb_00002oxl 10.2210/pdb2oxl/pdb 
RCSB  RCSB041709   ?            ?                   
WWPDB D_1000041709 ?            ?                   
# 
loop_
_pdbx_audit_revision_history.ordinal 
_pdbx_audit_revision_history.data_content_type 
_pdbx_audit_revision_history.major_revision 
_pdbx_audit_revision_history.minor_revision 
_pdbx_audit_revision_history.revision_date 
1 'Structure model' 1 0 2007-10-30 
2 'Structure model' 1 1 2011-07-13 
3 'Structure model' 1 2 2017-10-18 
4 'Structure model' 1 3 2020-07-29 
5 'Structure model' 1 4 2024-10-30 
# 
loop_
_pdbx_audit_revision_details.ordinal 
_pdbx_audit_revision_details.revision_ordinal 
_pdbx_audit_revision_details.data_content_type 
_pdbx_audit_revision_details.provider 
_pdbx_audit_revision_details.type 
_pdbx_audit_revision_details.description 
_pdbx_audit_revision_details.details 
1 1 'Structure model' repository 'Initial release' ?                          ? 
2 4 'Structure model' repository Remediation       'Carbohydrate remediation' ? 
# 
loop_
_pdbx_audit_revision_group.ordinal 
_pdbx_audit_revision_group.revision_ordinal 
_pdbx_audit_revision_group.data_content_type 
_pdbx_audit_revision_group.group 
1  2 'Structure model' Advisory                    
2  2 'Structure model' 'Refinement description'    
3  2 'Structure model' 'Version format compliance' 
4  3 'Structure model' 'Refinement description'    
5  4 'Structure model' Advisory                    
6  4 'Structure model' 'Data collection'           
7  4 'Structure model' 'Database references'       
8  4 'Structure model' 'Derived calculations'      
9  4 'Structure model' 'Structure summary'         
10 5 'Structure model' 'Data collection'           
11 5 'Structure model' 'Database references'       
12 5 'Structure model' 'Structure summary'         
# 
loop_
_pdbx_audit_revision_category.ordinal 
_pdbx_audit_revision_category.revision_ordinal 
_pdbx_audit_revision_category.data_content_type 
_pdbx_audit_revision_category.category 
1  3 'Structure model' software                  
2  4 'Structure model' chem_comp                 
3  4 'Structure model' database_PDB_caveat       
4  4 'Structure model' entity                    
5  4 'Structure model' pdbx_chem_comp_identifier 
6  4 'Structure model' pdbx_entity_nonpoly       
7  4 'Structure model' struct_conn               
8  4 'Structure model' struct_ref_seq_dif        
9  4 'Structure model' struct_site               
10 4 'Structure model' struct_site_gen           
11 5 'Structure model' chem_comp                 
12 5 'Structure model' chem_comp_atom            
13 5 'Structure model' chem_comp_bond            
14 5 'Structure model' database_2                
15 5 'Structure model' pdbx_entry_details        
16 5 'Structure model' pdbx_modification_feature 
# 
loop_
_pdbx_audit_revision_item.ordinal 
_pdbx_audit_revision_item.revision_ordinal 
_pdbx_audit_revision_item.data_content_type 
_pdbx_audit_revision_item.item 
1  4 'Structure model' '_chem_comp.mon_nstd_flag'            
2  4 'Structure model' '_chem_comp.name'                     
3  4 'Structure model' '_chem_comp.type'                     
4  4 'Structure model' '_entity.pdbx_description'            
5  4 'Structure model' '_pdbx_entity_nonpoly.name'           
6  4 'Structure model' '_struct_conn.pdbx_leaving_atom_flag' 
7  4 'Structure model' '_struct_ref_seq_dif.details'         
8  5 'Structure model' '_chem_comp.pdbx_synonyms'            
9  5 'Structure model' '_database_2.pdbx_DOI'                
10 5 'Structure model' '_database_2.pdbx_database_accession' 
# 
loop_
_database_PDB_caveat.id 
_database_PDB_caveat.text 
1 'BOG A 101 HAS WRONG CHIRALITY AT ATOM C4' 
2 'BOG B 101 HAS WRONG CHIRALITY AT ATOM C4' 
# 
_pdbx_database_status.entry_id                        2OXL 
_pdbx_database_status.deposit_site                    RCSB 
_pdbx_database_status.process_site                    RCSB 
_pdbx_database_status.recvd_initial_deposition_date   2007-02-20 
_pdbx_database_status.status_code                     REL 
_pdbx_database_status.status_code_sf                  REL 
_pdbx_database_status.status_code_mr                  ? 
_pdbx_database_status.SG_entry                        ? 
_pdbx_database_status.pdb_format_compatible           Y 
_pdbx_database_status.status_code_cs                  ? 
_pdbx_database_status.methods_development_category    ? 
_pdbx_database_status.status_code_nmr_data            ? 
# 
loop_
_audit_author.name 
_audit_author.pdbx_ordinal 
'Page, R.'        1 
'Peti, W.'        2 
'Woods, T.K.'     3 
'Palermino, J.M.' 4 
'Doshi, O.'       5 
# 
_citation.id                        primary 
_citation.title                     
'Structure and Function of the Escherichia coli Protein YmgB: A Protein Critical for Biofilm Formation and Acid-resistance.' 
_citation.journal_abbrev            J.Mol.Biol. 
_citation.journal_volume            373 
_citation.page_first                11 
_citation.page_last                 26 
_citation.year                      2007 
_citation.journal_id_ASTM           JMOBAK 
_citation.country                   UK 
_citation.journal_id_ISSN           0022-2836 
_citation.journal_id_CSD            0070 
_citation.book_publisher            ? 
_citation.pdbx_database_id_PubMed   17765265 
_citation.pdbx_database_id_DOI      10.1016/j.jmb.2007.07.037 
# 
loop_
_citation_author.citation_id 
_citation_author.name 
_citation_author.ordinal 
_citation_author.identifier_ORCID 
primary 'Lee, J.'              1 ? 
primary 'Page, R.'             2 ? 
primary 'Garcia-Contreras, R.' 3 ? 
primary 'Palermino, J.M.'      4 ? 
primary 'Zhang, X.S.'          5 ? 
primary 'Doshi, O.'            6 ? 
primary 'Wood, T.K.'           7 ? 
primary 'Peti, W.'             8 ? 
# 
loop_
_entity.id 
_entity.type 
_entity.src_method 
_entity.pdbx_description 
_entity.formula_weight 
_entity.pdbx_number_of_molecules 
_entity.pdbx_ec 
_entity.pdbx_mutation 
_entity.pdbx_fragment 
_entity.details 
1 polymer     man 'Hypothetical protein ymgB'    7169.856 2  ? ? 'YmgB C-terminal fragment' ? 
2 non-polymer man 'octyl beta-D-glucopyranoside' 292.369  2  ? ? ?                          ? 
3 water       nat water                          18.015   31 ? ? ?                          ? 
# 
_entity_poly.entity_id                      1 
_entity_poly.type                           'polypeptide(L)' 
_entity_poly.nstd_linkage                   no 
_entity_poly.nstd_monomer                   yes 
_entity_poly.pdbx_seq_one_letter_code       'NLLEEESAVLGQAVTNL(MSE)LSGDNVNNKNIILSLIHSLETTSDILKADVIRKTLEIVLRYTADD(MSE)' 
_entity_poly.pdbx_seq_one_letter_code_can   NLLEEESAVLGQAVTNLMLSGDNVNNKNIILSLIHSLETTSDILKADVIRKTLEIVLRYTADDM 
_entity_poly.pdbx_strand_id                 A,B 
_entity_poly.pdbx_target_identifier         ? 
# 
loop_
_pdbx_entity_nonpoly.entity_id 
_pdbx_entity_nonpoly.name 
_pdbx_entity_nonpoly.comp_id 
2 'octyl beta-D-glucopyranoside' BOG 
3 water                          HOH 
# 
loop_
_entity_poly_seq.entity_id 
_entity_poly_seq.num 
_entity_poly_seq.mon_id 
_entity_poly_seq.hetero 
1 1  ASN n 
1 2  LEU n 
1 3  LEU n 
1 4  GLU n 
1 5  GLU n 
1 6  GLU n 
1 7  SER n 
1 8  ALA n 
1 9  VAL n 
1 10 LEU n 
1 11 GLY n 
1 12 GLN n 
1 13 ALA n 
1 14 VAL n 
1 15 THR n 
1 16 ASN n 
1 17 LEU n 
1 18 MSE n 
1 19 LEU n 
1 20 SER n 
1 21 GLY n 
1 22 ASP n 
1 23 ASN n 
1 24 VAL n 
1 25 ASN n 
1 26 ASN n 
1 27 LYS n 
1 28 ASN n 
1 29 ILE n 
1 30 ILE n 
1 31 LEU n 
1 32 SER n 
1 33 LEU n 
1 34 ILE n 
1 35 HIS n 
1 36 SER n 
1 37 LEU n 
1 38 GLU n 
1 39 THR n 
1 40 THR n 
1 41 SER n 
1 42 ASP n 
1 43 ILE n 
1 44 LEU n 
1 45 LYS n 
1 46 ALA n 
1 47 ASP n 
1 48 VAL n 
1 49 ILE n 
1 50 ARG n 
1 51 LYS n 
1 52 THR n 
1 53 LEU n 
1 54 GLU n 
1 55 ILE n 
1 56 VAL n 
1 57 LEU n 
1 58 ARG n 
1 59 TYR n 
1 60 THR n 
1 61 ALA n 
1 62 ASP n 
1 63 ASP n 
1 64 MSE n 
# 
_entity_src_gen.entity_id                          1 
_entity_src_gen.pdbx_src_id                        1 
_entity_src_gen.pdbx_alt_source_flag               sample 
_entity_src_gen.pdbx_seq_type                      ? 
_entity_src_gen.pdbx_beg_seq_num                   ? 
_entity_src_gen.pdbx_end_seq_num                   ? 
_entity_src_gen.gene_src_common_name               ? 
_entity_src_gen.gene_src_genus                     Escherichia 
_entity_src_gen.pdbx_gene_src_gene                 ymgB 
_entity_src_gen.gene_src_species                   ? 
_entity_src_gen.gene_src_strain                    ? 
_entity_src_gen.gene_src_tissue                    ? 
_entity_src_gen.gene_src_tissue_fraction           ? 
_entity_src_gen.gene_src_details                   ? 
_entity_src_gen.pdbx_gene_src_fragment             ? 
_entity_src_gen.pdbx_gene_src_scientific_name      'Escherichia coli' 
_entity_src_gen.pdbx_gene_src_ncbi_taxonomy_id     562 
_entity_src_gen.pdbx_gene_src_variant              ? 
_entity_src_gen.pdbx_gene_src_cell_line            ? 
_entity_src_gen.pdbx_gene_src_atcc                 ? 
_entity_src_gen.pdbx_gene_src_organ                ? 
_entity_src_gen.pdbx_gene_src_organelle            ? 
_entity_src_gen.pdbx_gene_src_cell                 ? 
_entity_src_gen.pdbx_gene_src_cellular_location    ? 
_entity_src_gen.host_org_common_name               ? 
_entity_src_gen.pdbx_host_org_scientific_name      'Escherichia coli' 
_entity_src_gen.pdbx_host_org_ncbi_taxonomy_id     562 
_entity_src_gen.host_org_genus                     Escherichia 
_entity_src_gen.pdbx_host_org_gene                 ? 
_entity_src_gen.pdbx_host_org_organ                ? 
_entity_src_gen.host_org_species                   ? 
_entity_src_gen.pdbx_host_org_tissue               ? 
_entity_src_gen.pdbx_host_org_tissue_fraction      ? 
_entity_src_gen.pdbx_host_org_strain               'BL21 (DE3) RIL' 
_entity_src_gen.pdbx_host_org_variant              ? 
_entity_src_gen.pdbx_host_org_cell_line            ? 
_entity_src_gen.pdbx_host_org_atcc                 ? 
_entity_src_gen.pdbx_host_org_culture_collection   ? 
_entity_src_gen.pdbx_host_org_cell                 ? 
_entity_src_gen.pdbx_host_org_organelle            ? 
_entity_src_gen.pdbx_host_org_cellular_location    ? 
_entity_src_gen.pdbx_host_org_vector_type          plasmid 
_entity_src_gen.pdbx_host_org_vector               ? 
_entity_src_gen.host_org_details                   ? 
_entity_src_gen.expression_system_id               ? 
_entity_src_gen.plasmid_name                       RP-1B 
_entity_src_gen.plasmid_details                    ? 
_entity_src_gen.pdbx_description                   ? 
# 
loop_
_chem_comp.id 
_chem_comp.type 
_chem_comp.mon_nstd_flag 
_chem_comp.name 
_chem_comp.pdbx_synonyms 
_chem_comp.formula 
_chem_comp.formula_weight 
ALA 'L-peptide linking' y ALANINE                        ? 'C3 H7 N O2'     89.093  
ARG 'L-peptide linking' y ARGININE                       ? 'C6 H15 N4 O2 1' 175.209 
ASN 'L-peptide linking' y ASPARAGINE                     ? 'C4 H8 N2 O3'    132.118 
ASP 'L-peptide linking' y 'ASPARTIC ACID'                ? 'C4 H7 N O4'     133.103 
BOG D-saccharide        n 'octyl beta-D-glucopyranoside' 
'Beta-Octylglucoside; octyl beta-D-glucoside; octyl D-glucoside; octyl glucoside' 'C14 H28 O6'     292.369 
GLN 'L-peptide linking' y GLUTAMINE                      ? 'C5 H10 N2 O3'   146.144 
GLU 'L-peptide linking' y 'GLUTAMIC ACID'                ? 'C5 H9 N O4'     147.129 
GLY 'peptide linking'   y GLYCINE                        ? 'C2 H5 N O2'     75.067  
HIS 'L-peptide linking' y HISTIDINE                      ? 'C6 H10 N3 O2 1' 156.162 
HOH non-polymer         . WATER                          ? 'H2 O'           18.015  
ILE 'L-peptide linking' y ISOLEUCINE                     ? 'C6 H13 N O2'    131.173 
LEU 'L-peptide linking' y LEUCINE                        ? 'C6 H13 N O2'    131.173 
LYS 'L-peptide linking' y LYSINE                         ? 'C6 H15 N2 O2 1' 147.195 
MET 'L-peptide linking' y METHIONINE                     ? 'C5 H11 N O2 S'  149.211 
MSE 'L-peptide linking' n SELENOMETHIONINE               ? 'C5 H11 N O2 Se' 196.106 
SER 'L-peptide linking' y SERINE                         ? 'C3 H7 N O3'     105.093 
THR 'L-peptide linking' y THREONINE                      ? 'C4 H9 N O3'     119.119 
TYR 'L-peptide linking' y TYROSINE                       ? 'C9 H11 N O3'    181.189 
VAL 'L-peptide linking' y VALINE                         ? 'C5 H11 N O2'    117.146 
# 
_pdbx_chem_comp_identifier.comp_id           BOG 
_pdbx_chem_comp_identifier.type              'IUPAC CARBOHYDRATE SYMBOL' 
_pdbx_chem_comp_identifier.program           PDB-CARE 
_pdbx_chem_comp_identifier.program_version   1.0 
_pdbx_chem_comp_identifier.identifier        b-octylglucoside 
# 
loop_
_pdbx_poly_seq_scheme.asym_id 
_pdbx_poly_seq_scheme.entity_id 
_pdbx_poly_seq_scheme.seq_id 
_pdbx_poly_seq_scheme.mon_id 
_pdbx_poly_seq_scheme.ndb_seq_num 
_pdbx_poly_seq_scheme.pdb_seq_num 
_pdbx_poly_seq_scheme.auth_seq_num 
_pdbx_poly_seq_scheme.pdb_mon_id 
_pdbx_poly_seq_scheme.auth_mon_id 
_pdbx_poly_seq_scheme.pdb_strand_id 
_pdbx_poly_seq_scheme.pdb_ins_code 
_pdbx_poly_seq_scheme.hetero 
A 1 1  ASN 1  25 25 ASN ASN A . n 
A 1 2  LEU 2  26 26 LEU LEU A . n 
A 1 3  LEU 3  27 27 LEU LEU A . n 
A 1 4  GLU 4  28 28 GLU GLU A . n 
A 1 5  GLU 5  29 29 GLU GLU A . n 
A 1 6  GLU 6  30 30 GLU GLU A . n 
A 1 7  SER 7  31 31 SER SER A . n 
A 1 8  ALA 8  32 32 ALA ALA A . n 
A 1 9  VAL 9  33 33 VAL VAL A . n 
A 1 10 LEU 10 34 34 LEU LEU A . n 
A 1 11 GLY 11 35 35 GLY GLY A . n 
A 1 12 GLN 12 36 36 GLN GLN A . n 
A 1 13 ALA 13 37 37 ALA ALA A . n 
A 1 14 VAL 14 38 38 VAL VAL A . n 
A 1 15 THR 15 39 39 THR THR A . n 
A 1 16 ASN 16 40 40 ASN ASN A . n 
A 1 17 LEU 17 41 41 LEU LEU A . n 
A 1 18 MSE 18 42 42 MSE MSE A . n 
A 1 19 LEU 19 43 43 LEU LEU A . n 
A 1 20 SER 20 44 44 SER SER A . n 
A 1 21 GLY 21 45 45 GLY GLY A . n 
A 1 22 ASP 22 46 46 ASP ASP A . n 
A 1 23 ASN 23 47 47 ASN ASN A . n 
A 1 24 VAL 24 48 48 VAL VAL A . n 
A 1 25 ASN 25 49 49 ASN ASN A . n 
A 1 26 ASN 26 50 50 ASN ASN A . n 
A 1 27 LYS 27 51 51 LYS LYS A . n 
A 1 28 ASN 28 52 52 ASN ASN A . n 
A 1 29 ILE 29 53 53 ILE ILE A . n 
A 1 30 ILE 30 54 54 ILE ILE A . n 
A 1 31 LEU 31 55 55 LEU LEU A . n 
A 1 32 SER 32 56 56 SER SER A . n 
A 1 33 LEU 33 57 57 LEU LEU A . n 
A 1 34 ILE 34 58 58 ILE ILE A . n 
A 1 35 HIS 35 59 59 HIS HIS A . n 
A 1 36 SER 36 60 60 SER SER A . n 
A 1 37 LEU 37 61 61 LEU LEU A . n 
A 1 38 GLU 38 62 62 GLU GLU A . n 
A 1 39 THR 39 63 63 THR THR A . n 
A 1 40 THR 40 64 64 THR THR A . n 
A 1 41 SER 41 65 65 SER SER A . n 
A 1 42 ASP 42 66 66 ASP ASP A . n 
A 1 43 ILE 43 67 67 ILE ILE A . n 
A 1 44 LEU 44 68 68 LEU LEU A . n 
A 1 45 LYS 45 69 69 LYS LYS A . n 
A 1 46 ALA 46 70 70 ALA ALA A . n 
A 1 47 ASP 47 71 71 ASP ASP A . n 
A 1 48 VAL 48 72 72 VAL VAL A . n 
A 1 49 ILE 49 73 73 ILE ILE A . n 
A 1 50 ARG 50 74 74 ARG ARG A . n 
A 1 51 LYS 51 75 75 LYS LYS A . n 
A 1 52 THR 52 76 76 THR THR A . n 
A 1 53 LEU 53 77 77 LEU LEU A . n 
A 1 54 GLU 54 78 78 GLU GLU A . n 
A 1 55 ILE 55 79 79 ILE ILE A . n 
A 1 56 VAL 56 80 80 VAL VAL A . n 
A 1 57 LEU 57 81 81 LEU LEU A . n 
A 1 58 ARG 58 82 82 ARG ARG A . n 
A 1 59 TYR 59 83 83 TYR TYR A . n 
A 1 60 THR 60 84 84 THR THR A . n 
A 1 61 ALA 61 85 85 ALA ALA A . n 
A 1 62 ASP 62 86 86 ASP ASP A . n 
A 1 63 ASP 63 87 ?  ?   ?   A . n 
A 1 64 MSE 64 88 ?  ?   ?   A . n 
B 1 1  ASN 1  25 25 ASN ASN B . n 
B 1 2  LEU 2  26 26 LEU LEU B . n 
B 1 3  LEU 3  27 27 LEU LEU B . n 
B 1 4  GLU 4  28 28 GLU GLU B . n 
B 1 5  GLU 5  29 29 GLU GLU B . n 
B 1 6  GLU 6  30 30 GLU GLU B . n 
B 1 7  SER 7  31 31 SER SER B . n 
B 1 8  ALA 8  32 32 ALA ALA B . n 
B 1 9  VAL 9  33 33 VAL VAL B . n 
B 1 10 LEU 10 34 34 LEU LEU B . n 
B 1 11 GLY 11 35 35 GLY GLY B . n 
B 1 12 GLN 12 36 36 GLN GLN B . n 
B 1 13 ALA 13 37 37 ALA ALA B . n 
B 1 14 VAL 14 38 38 VAL VAL B . n 
B 1 15 THR 15 39 39 THR THR B . n 
B 1 16 ASN 16 40 40 ASN ASN B . n 
B 1 17 LEU 17 41 41 LEU LEU B . n 
B 1 18 MSE 18 42 42 MSE MSE B . n 
B 1 19 LEU 19 43 43 LEU LEU B . n 
B 1 20 SER 20 44 44 SER SER B . n 
B 1 21 GLY 21 45 45 GLY GLY B . n 
B 1 22 ASP 22 46 46 ASP ASP B . n 
B 1 23 ASN 23 47 47 ASN ASN B . n 
B 1 24 VAL 24 48 48 VAL VAL B . n 
B 1 25 ASN 25 49 49 ASN ASN B . n 
B 1 26 ASN 26 50 50 ASN ASN B . n 
B 1 27 LYS 27 51 51 LYS LYS B . n 
B 1 28 ASN 28 52 52 ASN ASN B . n 
B 1 29 ILE 29 53 53 ILE ILE B . n 
B 1 30 ILE 30 54 54 ILE ILE B . n 
B 1 31 LEU 31 55 55 LEU LEU B . n 
B 1 32 SER 32 56 56 SER SER B . n 
B 1 33 LEU 33 57 57 LEU LEU B . n 
B 1 34 ILE 34 58 58 ILE ILE B . n 
B 1 35 HIS 35 59 59 HIS HIS B . n 
B 1 36 SER 36 60 60 SER SER B . n 
B 1 37 LEU 37 61 61 LEU LEU B . n 
B 1 38 GLU 38 62 62 GLU GLU B . n 
B 1 39 THR 39 63 63 THR THR B . n 
B 1 40 THR 40 64 64 THR THR B . n 
B 1 41 SER 41 65 65 SER SER B . n 
B 1 42 ASP 42 66 66 ASP ASP B . n 
B 1 43 ILE 43 67 67 ILE ILE B . n 
B 1 44 LEU 44 68 68 LEU LEU B . n 
B 1 45 LYS 45 69 69 LYS LYS B . n 
B 1 46 ALA 46 70 70 ALA ALA B . n 
B 1 47 ASP 47 71 71 ASP ASP B . n 
B 1 48 VAL 48 72 72 VAL VAL B . n 
B 1 49 ILE 49 73 73 ILE ILE B . n 
B 1 50 ARG 50 74 74 ARG ARG B . n 
B 1 51 LYS 51 75 75 LYS LYS B . n 
B 1 52 THR 52 76 76 THR THR B . n 
B 1 53 LEU 53 77 77 LEU LEU B . n 
B 1 54 GLU 54 78 78 GLU GLU B . n 
B 1 55 ILE 55 79 79 ILE ILE B . n 
B 1 56 VAL 56 80 80 VAL VAL B . n 
B 1 57 LEU 57 81 81 LEU LEU B . n 
B 1 58 ARG 58 82 82 ARG ARG B . n 
B 1 59 TYR 59 83 83 TYR TYR B . n 
B 1 60 THR 60 84 84 THR THR B . n 
B 1 61 ALA 61 85 85 ALA ALA B . n 
B 1 62 ASP 62 86 86 ASP ASP B . n 
B 1 63 ASP 63 87 ?  ?   ?   B . n 
B 1 64 MSE 64 88 ?  ?   ?   B . n 
# 
loop_
_pdbx_nonpoly_scheme.asym_id 
_pdbx_nonpoly_scheme.entity_id 
_pdbx_nonpoly_scheme.mon_id 
_pdbx_nonpoly_scheme.ndb_seq_num 
_pdbx_nonpoly_scheme.pdb_seq_num 
_pdbx_nonpoly_scheme.auth_seq_num 
_pdbx_nonpoly_scheme.pdb_mon_id 
_pdbx_nonpoly_scheme.auth_mon_id 
_pdbx_nonpoly_scheme.pdb_strand_id 
_pdbx_nonpoly_scheme.pdb_ins_code 
C 2 BOG 1  101 101 BOG BOG A . 
D 2 BOG 1  101 101 BOG BOG B . 
E 3 HOH 1  102 1   HOH HOH A . 
E 3 HOH 2  103 3   HOH HOH A . 
E 3 HOH 3  104 4   HOH HOH A . 
E 3 HOH 4  105 8   HOH HOH A . 
E 3 HOH 5  106 13  HOH HOH A . 
E 3 HOH 6  107 14  HOH HOH A . 
E 3 HOH 7  108 15  HOH HOH A . 
E 3 HOH 8  109 16  HOH HOH A . 
E 3 HOH 9  110 18  HOH HOH A . 
E 3 HOH 10 111 22  HOH HOH A . 
E 3 HOH 11 112 29  HOH HOH A . 
F 3 HOH 1  102 2   HOH HOH B . 
F 3 HOH 2  103 5   HOH HOH B . 
F 3 HOH 3  104 6   HOH HOH B . 
F 3 HOH 4  105 7   HOH HOH B . 
F 3 HOH 5  106 9   HOH HOH B . 
F 3 HOH 6  107 10  HOH HOH B . 
F 3 HOH 7  108 11  HOH HOH B . 
F 3 HOH 8  109 12  HOH HOH B . 
F 3 HOH 9  110 17  HOH HOH B . 
F 3 HOH 10 111 19  HOH HOH B . 
F 3 HOH 11 112 20  HOH HOH B . 
F 3 HOH 12 113 21  HOH HOH B . 
F 3 HOH 13 114 23  HOH HOH B . 
F 3 HOH 14 115 24  HOH HOH B . 
F 3 HOH 15 116 25  HOH HOH B . 
F 3 HOH 16 117 26  HOH HOH B . 
F 3 HOH 17 118 27  HOH HOH B . 
F 3 HOH 18 119 28  HOH HOH B . 
F 3 HOH 19 120 30  HOH HOH B . 
F 3 HOH 20 121 31  HOH HOH B . 
# 
loop_
_software.name 
_software.version 
_software.date 
_software.type 
_software.contact_author 
_software.contact_author_email 
_software.classification 
_software.location 
_software.language 
_software.citation_id 
_software.pdbx_ordinal 
DENZO       .       ?                package 'Zbyszek Otwinowski' zbyszek@mix.swmed.edu    'data reduction'  
http://www.lnls.br/infra/linhasluz/denzo-hkl.htm ?          ? 1 
SCALEPACK   .       ?                package 'Zbyszek Otwinowski' zbyszek@mix.swmed.edu    'data scaling'    
http://www.lnls.br/infra/linhasluz/denzo-hkl.htm ?          ? 2 
SOLVE       2.11    21-July-2006     package 'Tom Terwilliger'    terwilliger@LANL.gov     phasing           
http://www.solve.lanl.gov/                       ?          ? 3 
RESOLVE     2.11    1-Aug-2006       package 'Terwilliger, T. C'  terwilliger@LANL.gov     phasing           
http://www.solve.lanl.gov/                       ?          ? 4 
REFMAC      .       ?                program 'Murshudov, G.N.'    ccp4@dl.ac.uk            refinement        
http://www.ccp4.ac.uk/main.html                  Fortran_77 ? 5 
PDB_EXTRACT 2.000   'April. 3, 2006' package PDB                  sw-help@rcsb.rutgers.edu 'data extraction' 
http://pdb.rutgers.edu/software/                 C++        ? 6 
ADSC        Quantum ?                ?       ?                    ?                        'data collection' ? ?          ? 7 
HKL-2000    .       ?                ?       ?                    ?                        'data reduction'  ? ?          ? 8 
HKL-2000    .       ?                ?       ?                    ?                        'data scaling'    ? ?          ? 9 
# 
_cell.entry_id           2OXL 
_cell.length_a           69.919 
_cell.length_b           69.945 
_cell.length_c           55.021 
_cell.angle_alpha        90.00 
_cell.angle_beta         90.00 
_cell.angle_gamma        90.00 
_cell.Z_PDB              16 
_cell.pdbx_unique_axis   ? 
_cell.length_a_esd       ? 
_cell.length_b_esd       ? 
_cell.length_c_esd       ? 
_cell.angle_alpha_esd    ? 
_cell.angle_beta_esd     ? 
_cell.angle_gamma_esd    ? 
# 
_symmetry.entry_id                         2OXL 
_symmetry.space_group_name_H-M             'C 2 2 21' 
_symmetry.pdbx_full_space_group_name_H-M   ? 
_symmetry.cell_setting                     ? 
_symmetry.Int_Tables_number                20 
_symmetry.space_group_name_Hall            ? 
# 
_exptl.entry_id          2OXL 
_exptl.method            'X-RAY DIFFRACTION' 
_exptl.crystals_number   1 
# 
_exptl_crystal.id                    1 
_exptl_crystal.density_meas          ? 
_exptl_crystal.density_Matthews      2.45 
_exptl_crystal.density_percent_sol   49.70 
_exptl_crystal.description           ? 
_exptl_crystal.F_000                 ? 
_exptl_crystal.preparation           ? 
# 
_exptl_crystal_grow.crystal_id      1 
_exptl_crystal_grow.method          MICROBATCH 
_exptl_crystal_grow.temp            295 
_exptl_crystal_grow.temp_details    ? 
_exptl_crystal_grow.pH              8.0 
_exptl_crystal_grow.pdbx_details    '90 mM Tris, 1.8 M NaCl, 0.5 (w/v)% B-OG, pH 8.0, microbatch, temperature 295K' 
_exptl_crystal_grow.pdbx_pH_range   . 
# 
loop_
_diffrn.id 
_diffrn.ambient_temp 
_diffrn.ambient_temp_details 
_diffrn.crystal_id 
1 100 ? 1 
2 ?   ? 1 
3 ?   ? 1 
# 
_diffrn_detector.diffrn_id              1 
_diffrn_detector.detector               CCD 
_diffrn_detector.type                   'ADSC QUANTUM 210' 
_diffrn_detector.pdbx_collection_date   2006-10-25 
_diffrn_detector.details                'Toroidal focusing mirror' 
# 
_diffrn_radiation.diffrn_id                        1 
_diffrn_radiation.wavelength_id                    1 
_diffrn_radiation.pdbx_monochromatic_or_laue_m_l   M 
_diffrn_radiation.monochromator                    'Si(111) channel cut monochromator' 
_diffrn_radiation.pdbx_diffrn_protocol             MAD 
_diffrn_radiation.pdbx_scattering_type             x-ray 
# 
loop_
_diffrn_radiation_wavelength.id 
_diffrn_radiation_wavelength.wavelength 
_diffrn_radiation_wavelength.wt 
1 0.9790 1.0 
2 0.9793 1.0 
3 0.9322 1.0 
# 
_diffrn_source.diffrn_id                   1 
_diffrn_source.source                      SYNCHROTRON 
_diffrn_source.type                        'NSLS BEAMLINE X6A' 
_diffrn_source.pdbx_synchrotron_site       NSLS 
_diffrn_source.pdbx_synchrotron_beamline   X6A 
_diffrn_source.pdbx_wavelength             ? 
_diffrn_source.pdbx_wavelength_list        '0.9790, 0.9793, 0.9322' 
# 
_reflns.entry_id                     2OXL 
_reflns.observed_criterion_sigma_I   1. 
_reflns.observed_criterion_sigma_F   1. 
_reflns.d_resolution_low             45.000 
_reflns.d_resolution_high            1.800 
_reflns.number_obs                   12802 
_reflns.number_all                   12849 
_reflns.percent_possible_obs         99.600 
_reflns.pdbx_Rmerge_I_obs            0.038 
_reflns.pdbx_Rsym_value              ? 
_reflns.pdbx_netI_over_sigmaI        22.800 
_reflns.B_iso_Wilson_estimate        ? 
_reflns.pdbx_redundancy              6.600 
_reflns.R_free_details               ? 
_reflns.limit_h_max                  ? 
_reflns.limit_h_min                  ? 
_reflns.limit_k_max                  ? 
_reflns.limit_k_min                  ? 
_reflns.limit_l_max                  ? 
_reflns.limit_l_min                  ? 
_reflns.observed_criterion_F_max     ? 
_reflns.observed_criterion_F_min     ? 
_reflns.pdbx_chi_squared             ? 
_reflns.pdbx_scaling_rejects         ? 
_reflns.pdbx_ordinal                 1 
_reflns.pdbx_diffrn_id               1 
# 
_reflns_shell.d_res_high             1.80 
_reflns_shell.d_res_low              1.86 
_reflns_shell.percent_possible_all   96.80 
_reflns_shell.Rmerge_I_obs           0.403 
_reflns_shell.pdbx_Rsym_value        ? 
_reflns_shell.meanI_over_sigI_obs    ? 
_reflns_shell.pdbx_redundancy        3.60 
_reflns_shell.percent_possible_obs   ? 
_reflns_shell.number_unique_all      ? 
_reflns_shell.number_measured_all    ? 
_reflns_shell.number_measured_obs    ? 
_reflns_shell.number_unique_obs      ? 
_reflns_shell.pdbx_chi_squared       ? 
_reflns_shell.pdbx_ordinal           1 
_reflns_shell.pdbx_diffrn_id         1 
# 
_refine.entry_id                                 2OXL 
_refine.ls_number_reflns_obs                     12174 
_refine.ls_number_reflns_all                     12849 
_refine.pdbx_ls_sigma_I                          ? 
_refine.pdbx_ls_sigma_F                          ? 
_refine.pdbx_data_cutoff_high_absF               ? 
_refine.pdbx_data_cutoff_low_absF                ? 
_refine.pdbx_data_cutoff_high_rms_absF           ? 
_refine.ls_d_res_low                             20.00 
_refine.ls_d_res_high                            1.80 
_refine.ls_percent_reflns_obs                    99.67 
_refine.ls_R_factor_obs                          0.21567 
_refine.ls_R_factor_all                          ? 
_refine.ls_R_factor_R_work                       0.21456 
_refine.ls_R_factor_R_free                       0.23789 
_refine.ls_R_factor_R_free_error                 ? 
_refine.ls_R_factor_R_free_error_details         ? 
_refine.ls_percent_reflns_R_free                 4.9 
_refine.ls_number_reflns_R_free                  625 
_refine.ls_number_parameters                     ? 
_refine.ls_number_restraints                     ? 
_refine.occupancy_min                            ? 
_refine.occupancy_max                            ? 
_refine.correlation_coeff_Fo_to_Fc               0.948 
_refine.correlation_coeff_Fo_to_Fc_free          0.942 
_refine.B_iso_mean                               20.249 
_refine.aniso_B[1][1]                            0.24 
_refine.aniso_B[2][2]                            0.17 
_refine.aniso_B[3][3]                            -0.42 
_refine.aniso_B[1][2]                            0.00 
_refine.aniso_B[1][3]                            0.00 
_refine.aniso_B[2][3]                            0.00 
_refine.solvent_model_details                    MASK 
_refine.solvent_model_param_ksol                 ? 
_refine.solvent_model_param_bsol                 ? 
_refine.pdbx_solvent_vdw_probe_radii             1.40 
_refine.pdbx_solvent_ion_probe_radii             0.80 
_refine.pdbx_solvent_shrinkage_radii             0.80 
_refine.pdbx_ls_cross_valid_method               THROUGHOUT 
_refine.details                                  'HYDROGENS HAVE BEEN ADDED IN THE RIDING POSITIONS' 
_refine.pdbx_starting_model                      ? 
_refine.pdbx_method_to_determine_struct          MAD 
_refine.pdbx_isotropic_thermal_model             ? 
_refine.pdbx_stereochemistry_target_values       'MAXIMUM LIKELIHOOD' 
_refine.pdbx_stereochem_target_val_spec_case     ? 
_refine.pdbx_R_Free_selection_details            RANDOM 
_refine.pdbx_overall_ESU_R                       0.141 
_refine.pdbx_overall_ESU_R_Free                  0.127 
_refine.overall_SU_ML                            0.099 
_refine.overall_SU_B                             3.969 
_refine.ls_redundancy_reflns_obs                 ? 
_refine.B_iso_min                                ? 
_refine.B_iso_max                                ? 
_refine.overall_SU_R_Cruickshank_DPI             ? 
_refine.overall_SU_R_free                        ? 
_refine.ls_wR_factor_R_free                      ? 
_refine.ls_wR_factor_R_work                      ? 
_refine.overall_FOM_free_R_set                   ? 
_refine.overall_FOM_work_R_set                   ? 
_refine.pdbx_refine_id                           'X-RAY DIFFRACTION' 
_refine.pdbx_TLS_residual_ADP_flag               'LIKELY RESIDUAL' 
_refine.pdbx_diffrn_id                           1 
_refine.pdbx_overall_phase_error                 ? 
_refine.pdbx_overall_SU_R_free_Cruickshank_DPI   ? 
_refine.pdbx_overall_SU_R_Blow_DPI               ? 
_refine.pdbx_overall_SU_R_free_Blow_DPI          ? 
# 
_refine_hist.pdbx_refine_id                   'X-RAY DIFFRACTION' 
_refine_hist.cycle_id                         LAST 
_refine_hist.pdbx_number_atoms_protein        954 
_refine_hist.pdbx_number_atoms_nucleic_acid   0 
_refine_hist.pdbx_number_atoms_ligand         40 
_refine_hist.number_atoms_solvent             31 
_refine_hist.number_atoms_total               1025 
_refine_hist.d_res_high                       1.80 
_refine_hist.d_res_low                        20.00 
# 
loop_
_refine_ls_restr.type 
_refine_ls_restr.dev_ideal 
_refine_ls_restr.dev_ideal_target 
_refine_ls_restr.weight 
_refine_ls_restr.number 
_refine_ls_restr.pdbx_refine_id 
_refine_ls_restr.pdbx_restraint_function 
r_bond_refined_d             0.016  0.022  ? 1012 'X-RAY DIFFRACTION' ? 
r_bond_other_d               ?      ?      ? ?    'X-RAY DIFFRACTION' ? 
r_angle_refined_deg          1.666  2.041  ? 1374 'X-RAY DIFFRACTION' ? 
r_angle_other_deg            ?      ?      ? ?    'X-RAY DIFFRACTION' ? 
r_dihedral_angle_1_deg       3.992  5.000  ? 130  'X-RAY DIFFRACTION' ? 
r_dihedral_angle_2_deg       45.360 27.000 ? 40   'X-RAY DIFFRACTION' ? 
r_dihedral_angle_3_deg       12.009 15.000 ? 192  'X-RAY DIFFRACTION' ? 
r_dihedral_angle_4_deg       21.786 15.000 ? 4    'X-RAY DIFFRACTION' ? 
r_chiral_restr               0.087  0.200  ? 188  'X-RAY DIFFRACTION' ? 
r_gen_planes_refined         0.005  0.020  ? 680  'X-RAY DIFFRACTION' ? 
r_gen_planes_other           ?      ?      ? ?    'X-RAY DIFFRACTION' ? 
r_nbd_refined                0.207  0.200  ? 435  'X-RAY DIFFRACTION' ? 
r_nbd_other                  ?      ?      ? ?    'X-RAY DIFFRACTION' ? 
r_nbtor_refined              0.296  0.200  ? 732  'X-RAY DIFFRACTION' ? 
r_nbtor_other                ?      ?      ? ?    'X-RAY DIFFRACTION' ? 
r_xyhbond_nbd_refined        0.110  0.200  ? 33   'X-RAY DIFFRACTION' ? 
r_xyhbond_nbd_other          ?      ?      ? ?    'X-RAY DIFFRACTION' ? 
r_metal_ion_refined          ?      ?      ? ?    'X-RAY DIFFRACTION' ? 
r_metal_ion_other            ?      ?      ? ?    'X-RAY DIFFRACTION' ? 
r_symmetry_vdw_refined       0.244  0.200  ? 67   'X-RAY DIFFRACTION' ? 
r_symmetry_vdw_other         ?      ?      ? ?    'X-RAY DIFFRACTION' ? 
r_symmetry_hbond_refined     0.057  0.200  ? 5    'X-RAY DIFFRACTION' ? 
r_symmetry_hbond_other       ?      ?      ? ?    'X-RAY DIFFRACTION' ? 
r_symmetry_metal_ion_refined ?      ?      ? ?    'X-RAY DIFFRACTION' ? 
r_symmetry_metal_ion_other   ?      ?      ? ?    'X-RAY DIFFRACTION' ? 
r_mcbond_it                  2.539  3.000  ? 652  'X-RAY DIFFRACTION' ? 
r_mcbond_other               ?      ?      ? ?    'X-RAY DIFFRACTION' ? 
r_mcangle_it                 3.500  5.000  ? 1022 'X-RAY DIFFRACTION' ? 
r_scbond_it                  6.463  8.000  ? 397  'X-RAY DIFFRACTION' ? 
r_scangle_it                 9.083  11.000 ? 348  'X-RAY DIFFRACTION' ? 
r_rigid_bond_restr           ?      ?      ? ?    'X-RAY DIFFRACTION' ? 
r_sphericity_free            ?      ?      ? ?    'X-RAY DIFFRACTION' ? 
r_sphericity_bonded          ?      ?      ? ?    'X-RAY DIFFRACTION' ? 
# 
_refine_ls_shell.pdbx_total_number_of_bins_used   20 
_refine_ls_shell.d_res_high                       1.800 
_refine_ls_shell.d_res_low                        1.846 
_refine_ls_shell.number_reflns_R_work             855 
_refine_ls_shell.R_factor_R_work                  0.313 
_refine_ls_shell.percent_reflns_obs               95.85 
_refine_ls_shell.R_factor_R_free                  0.350 
_refine_ls_shell.R_factor_R_free_error            ? 
_refine_ls_shell.percent_reflns_R_free            ? 
_refine_ls_shell.number_reflns_R_free             45 
_refine_ls_shell.number_reflns_all                ? 
_refine_ls_shell.R_factor_all                     ? 
_refine_ls_shell.redundancy_reflns_obs            ? 
_refine_ls_shell.number_reflns_obs                ? 
_refine_ls_shell.pdbx_refine_id                   'X-RAY DIFFRACTION' 
# 
_struct.entry_id                  2OXL 
_struct.title                     
'Structure and Function of the E. coli Protein YmgB: a Protein Critical for Biofilm Formation and Acid Resistance' 
_struct.pdbx_model_details        ? 
_struct.pdbx_CASP_flag            ? 
_struct.pdbx_model_type_details   ? 
# 
_struct_keywords.entry_id        2OXL 
_struct_keywords.pdbx_keywords   'GENE REGULATION' 
_struct_keywords.text            'bacterial protein, biofilm, acid resistance, DNA binding protein, dimer, GENE REGULATION' 
# 
loop_
_struct_asym.id 
_struct_asym.pdbx_blank_PDB_chainid_flag 
_struct_asym.pdbx_modified 
_struct_asym.entity_id 
_struct_asym.details 
A N N 1 ? 
B N N 1 ? 
C N N 2 ? 
D N N 2 ? 
E N N 3 ? 
F N N 3 ? 
# 
_struct_ref.id                         1 
_struct_ref.db_name                    UNP 
_struct_ref.db_code                    YMGB_ECOLI 
_struct_ref.pdbx_db_accession          P75993 
_struct_ref.entity_id                  1 
_struct_ref.pdbx_seq_one_letter_code   'NLLEEESAVLGQAVTNLMLSGDNVNNKNIILSLIHSLETTSDILKADVIRKTLEIVLRYTADD(MSE)' 
_struct_ref.pdbx_align_begin           25 
_struct_ref.pdbx_db_isoform            ? 
# 
loop_
_struct_ref_seq.align_id 
_struct_ref_seq.ref_id 
_struct_ref_seq.pdbx_PDB_id_code 
_struct_ref_seq.pdbx_strand_id 
_struct_ref_seq.seq_align_beg 
_struct_ref_seq.pdbx_seq_align_beg_ins_code 
_struct_ref_seq.seq_align_end 
_struct_ref_seq.pdbx_seq_align_end_ins_code 
_struct_ref_seq.pdbx_db_accession 
_struct_ref_seq.db_align_beg 
_struct_ref_seq.pdbx_db_align_beg_ins_code 
_struct_ref_seq.db_align_end 
_struct_ref_seq.pdbx_db_align_end_ins_code 
_struct_ref_seq.pdbx_auth_seq_align_beg 
_struct_ref_seq.pdbx_auth_seq_align_end 
1 1 2OXL A 1 ? 64 ? P75993 25 ? 88 ? 25 88 
2 1 2OXL B 1 ? 64 ? P75993 25 ? 88 ? 25 88 
# 
loop_
_struct_ref_seq_dif.align_id 
_struct_ref_seq_dif.pdbx_pdb_id_code 
_struct_ref_seq_dif.mon_id 
_struct_ref_seq_dif.pdbx_pdb_strand_id 
_struct_ref_seq_dif.seq_num 
_struct_ref_seq_dif.pdbx_pdb_ins_code 
_struct_ref_seq_dif.pdbx_seq_db_name 
_struct_ref_seq_dif.pdbx_seq_db_accession_code 
_struct_ref_seq_dif.db_mon_id 
_struct_ref_seq_dif.pdbx_seq_db_seq_num 
_struct_ref_seq_dif.details 
_struct_ref_seq_dif.pdbx_auth_seq_num 
_struct_ref_seq_dif.pdbx_ordinal 
1 2OXL MSE A 18 ? UNP P75993 MET 42 'modified residue' 42 1 
2 2OXL MSE B 18 ? UNP P75993 MET 42 'modified residue' 42 2 
# 
_pdbx_struct_assembly.id                   1 
_pdbx_struct_assembly.details              author_defined_assembly 
_pdbx_struct_assembly.method_details       ? 
_pdbx_struct_assembly.oligomeric_details   dimeric 
_pdbx_struct_assembly.oligomeric_count     2 
# 
_pdbx_struct_assembly_gen.assembly_id       1 
_pdbx_struct_assembly_gen.oper_expression   1 
_pdbx_struct_assembly_gen.asym_id_list      A,B,C,D,E,F 
# 
_pdbx_struct_oper_list.id                   1 
_pdbx_struct_oper_list.type                 'identity operation' 
_pdbx_struct_oper_list.name                 1_555 
_pdbx_struct_oper_list.symmetry_operation   x,y,z 
_pdbx_struct_oper_list.matrix[1][1]         1.0000000000 
_pdbx_struct_oper_list.matrix[1][2]         0.0000000000 
_pdbx_struct_oper_list.matrix[1][3]         0.0000000000 
_pdbx_struct_oper_list.vector[1]            0.0000000000 
_pdbx_struct_oper_list.matrix[2][1]         0.0000000000 
_pdbx_struct_oper_list.matrix[2][2]         1.0000000000 
_pdbx_struct_oper_list.matrix[2][3]         0.0000000000 
_pdbx_struct_oper_list.vector[2]            0.0000000000 
_pdbx_struct_oper_list.matrix[3][1]         0.0000000000 
_pdbx_struct_oper_list.matrix[3][2]         0.0000000000 
_pdbx_struct_oper_list.matrix[3][3]         1.0000000000 
_pdbx_struct_oper_list.vector[3]            0.0000000000 
# 
_struct_biol.id   1 
# 
loop_
_struct_conf.conf_type_id 
_struct_conf.id 
_struct_conf.pdbx_PDB_helix_id 
_struct_conf.beg_label_comp_id 
_struct_conf.beg_label_asym_id 
_struct_conf.beg_label_seq_id 
_struct_conf.pdbx_beg_PDB_ins_code 
_struct_conf.end_label_comp_id 
_struct_conf.end_label_asym_id 
_struct_conf.end_label_seq_id 
_struct_conf.pdbx_end_PDB_ins_code 
_struct_conf.beg_auth_comp_id 
_struct_conf.beg_auth_asym_id 
_struct_conf.beg_auth_seq_id 
_struct_conf.end_auth_comp_id 
_struct_conf.end_auth_asym_id 
_struct_conf.end_auth_seq_id 
_struct_conf.pdbx_PDB_helix_class 
_struct_conf.details 
_struct_conf.pdbx_PDB_helix_length 
HELX_P HELX_P1 1 LEU A 3  ? SER A 20 ? LEU A 27 SER A 44 1 ? 18 
HELX_P HELX_P2 2 ASN A 25 ? THR A 39 ? ASN A 49 THR A 63 1 ? 15 
HELX_P HELX_P3 3 ASP A 42 ? ASP A 62 ? ASP A 66 ASP A 86 1 ? 21 
HELX_P HELX_P4 4 LEU B 3  ? SER B 20 ? LEU B 27 SER B 44 1 ? 18 
HELX_P HELX_P5 5 ASN B 25 ? THR B 39 ? ASN B 49 THR B 63 1 ? 15 
HELX_P HELX_P6 6 ASP B 42 ? ASP B 62 ? ASP B 66 ASP B 86 1 ? 21 
# 
_struct_conf_type.id          HELX_P 
_struct_conf_type.criteria    ? 
_struct_conf_type.reference   ? 
# 
loop_
_struct_conn.id 
_struct_conn.conn_type_id 
_struct_conn.pdbx_leaving_atom_flag 
_struct_conn.pdbx_PDB_id 
_struct_conn.ptnr1_label_asym_id 
_struct_conn.ptnr1_label_comp_id 
_struct_conn.ptnr1_label_seq_id 
_struct_conn.ptnr1_label_atom_id 
_struct_conn.pdbx_ptnr1_label_alt_id 
_struct_conn.pdbx_ptnr1_PDB_ins_code 
_struct_conn.pdbx_ptnr1_standard_comp_id 
_struct_conn.ptnr1_symmetry 
_struct_conn.ptnr2_label_asym_id 
_struct_conn.ptnr2_label_comp_id 
_struct_conn.ptnr2_label_seq_id 
_struct_conn.ptnr2_label_atom_id 
_struct_conn.pdbx_ptnr2_label_alt_id 
_struct_conn.pdbx_ptnr2_PDB_ins_code 
_struct_conn.ptnr1_auth_asym_id 
_struct_conn.ptnr1_auth_comp_id 
_struct_conn.ptnr1_auth_seq_id 
_struct_conn.ptnr2_auth_asym_id 
_struct_conn.ptnr2_auth_comp_id 
_struct_conn.ptnr2_auth_seq_id 
_struct_conn.ptnr2_symmetry 
_struct_conn.pdbx_ptnr3_label_atom_id 
_struct_conn.pdbx_ptnr3_label_seq_id 
_struct_conn.pdbx_ptnr3_label_comp_id 
_struct_conn.pdbx_ptnr3_label_asym_id 
_struct_conn.pdbx_ptnr3_label_alt_id 
_struct_conn.pdbx_ptnr3_PDB_ins_code 
_struct_conn.details 
_struct_conn.pdbx_dist_value 
_struct_conn.pdbx_value_order 
_struct_conn.pdbx_role 
covale1 covale both ? A LEU 17 C ? ? ? 1_555 A MSE 18 N ? ? A LEU 41 A MSE 42 1_555 ? ? ? ? ? ? ? 1.319 ? ? 
covale2 covale both ? A MSE 18 C ? ? ? 1_555 A LEU 19 N ? ? A MSE 42 A LEU 43 1_555 ? ? ? ? ? ? ? 1.334 ? ? 
covale3 covale both ? B LEU 17 C ? ? ? 1_555 B MSE 18 N ? ? B LEU 41 B MSE 42 1_555 ? ? ? ? ? ? ? 1.323 ? ? 
covale4 covale both ? B MSE 18 C ? ? ? 1_555 B LEU 19 N ? ? B MSE 42 B LEU 43 1_555 ? ? ? ? ? ? ? 1.329 ? ? 
# 
_struct_conn_type.id          covale 
_struct_conn_type.criteria    ? 
_struct_conn_type.reference   ? 
# 
loop_
_pdbx_modification_feature.ordinal 
_pdbx_modification_feature.label_comp_id 
_pdbx_modification_feature.label_asym_id 
_pdbx_modification_feature.label_seq_id 
_pdbx_modification_feature.label_alt_id 
_pdbx_modification_feature.modified_residue_label_comp_id 
_pdbx_modification_feature.modified_residue_label_asym_id 
_pdbx_modification_feature.modified_residue_label_seq_id 
_pdbx_modification_feature.modified_residue_label_alt_id 
_pdbx_modification_feature.auth_comp_id 
_pdbx_modification_feature.auth_asym_id 
_pdbx_modification_feature.auth_seq_id 
_pdbx_modification_feature.PDB_ins_code 
_pdbx_modification_feature.symmetry 
_pdbx_modification_feature.modified_residue_auth_comp_id 
_pdbx_modification_feature.modified_residue_auth_asym_id 
_pdbx_modification_feature.modified_residue_auth_seq_id 
_pdbx_modification_feature.modified_residue_PDB_ins_code 
_pdbx_modification_feature.modified_residue_symmetry 
_pdbx_modification_feature.comp_id_linking_atom 
_pdbx_modification_feature.modified_residue_id_linking_atom 
_pdbx_modification_feature.modified_residue_id 
_pdbx_modification_feature.ref_pcm_id 
_pdbx_modification_feature.ref_comp_id 
_pdbx_modification_feature.type 
_pdbx_modification_feature.category 
1 MSE A 18 ? . . . . MSE A 42 ? 1_555 . . . . . . . MET 1 MSE Selenomethionine 'Named protein modification' 
2 MSE B 18 ? . . . . MSE B 42 ? 1_555 . . . . . . . MET 1 MSE Selenomethionine 'Named protein modification' 
# 
_pdbx_entry_details.entry_id                   2OXL 
_pdbx_entry_details.compound_details           ? 
_pdbx_entry_details.source_details             ? 
_pdbx_entry_details.nonpolymer_details         ? 
_pdbx_entry_details.sequence_details           ? 
_pdbx_entry_details.has_ligand_of_interest     ? 
_pdbx_entry_details.has_protein_modification   Y 
# 
loop_
_pdbx_validate_rmsd_angle.id 
_pdbx_validate_rmsd_angle.PDB_model_num 
_pdbx_validate_rmsd_angle.auth_atom_id_1 
_pdbx_validate_rmsd_angle.auth_asym_id_1 
_pdbx_validate_rmsd_angle.auth_comp_id_1 
_pdbx_validate_rmsd_angle.auth_seq_id_1 
_pdbx_validate_rmsd_angle.PDB_ins_code_1 
_pdbx_validate_rmsd_angle.label_alt_id_1 
_pdbx_validate_rmsd_angle.auth_atom_id_2 
_pdbx_validate_rmsd_angle.auth_asym_id_2 
_pdbx_validate_rmsd_angle.auth_comp_id_2 
_pdbx_validate_rmsd_angle.auth_seq_id_2 
_pdbx_validate_rmsd_angle.PDB_ins_code_2 
_pdbx_validate_rmsd_angle.label_alt_id_2 
_pdbx_validate_rmsd_angle.auth_atom_id_3 
_pdbx_validate_rmsd_angle.auth_asym_id_3 
_pdbx_validate_rmsd_angle.auth_comp_id_3 
_pdbx_validate_rmsd_angle.auth_seq_id_3 
_pdbx_validate_rmsd_angle.PDB_ins_code_3 
_pdbx_validate_rmsd_angle.label_alt_id_3 
_pdbx_validate_rmsd_angle.angle_value 
_pdbx_validate_rmsd_angle.angle_target_value 
_pdbx_validate_rmsd_angle.angle_deviation 
_pdbx_validate_rmsd_angle.angle_standard_deviation 
_pdbx_validate_rmsd_angle.linker_flag 
1 1 CG A MSE 42 ? ? SE A MSE 42 ? ? CE A MSE 42 ? ? 116.00 98.90 17.10 2.20 N 
2 1 CG B MSE 42 ? ? SE B MSE 42 ? ? CE B MSE 42 ? ? 118.74 98.90 19.84 2.20 N 
# 
loop_
_pdbx_validate_chiral.id 
_pdbx_validate_chiral.PDB_model_num 
_pdbx_validate_chiral.auth_atom_id 
_pdbx_validate_chiral.label_alt_id 
_pdbx_validate_chiral.auth_asym_id 
_pdbx_validate_chiral.auth_comp_id 
_pdbx_validate_chiral.auth_seq_id 
_pdbx_validate_chiral.PDB_ins_code 
_pdbx_validate_chiral.details 
_pdbx_validate_chiral.omega 
1 1 C4 ? A BOG 101 ? 'WRONG HAND' . 
2 1 C4 ? B BOG 101 ? 'WRONG HAND' . 
# 
loop_
_pdbx_struct_mod_residue.id 
_pdbx_struct_mod_residue.label_asym_id 
_pdbx_struct_mod_residue.label_comp_id 
_pdbx_struct_mod_residue.label_seq_id 
_pdbx_struct_mod_residue.auth_asym_id 
_pdbx_struct_mod_residue.auth_comp_id 
_pdbx_struct_mod_residue.auth_seq_id 
_pdbx_struct_mod_residue.PDB_ins_code 
_pdbx_struct_mod_residue.parent_comp_id 
_pdbx_struct_mod_residue.details 
1 A MSE 18 A MSE 42 ? MET SELENOMETHIONINE 
2 B MSE 18 B MSE 42 ? MET SELENOMETHIONINE 
# 
loop_
_diffrn_reflns.diffrn_id 
_diffrn_reflns.pdbx_d_res_high 
_diffrn_reflns.pdbx_d_res_low 
_diffrn_reflns.pdbx_number_obs 
_diffrn_reflns.pdbx_Rmerge_I_obs 
_diffrn_reflns.pdbx_Rsym_value 
_diffrn_reflns.pdbx_chi_squared 
_diffrn_reflns.av_sigmaI_over_netI 
_diffrn_reflns.pdbx_redundancy 
_diffrn_reflns.pdbx_percent_possible_obs 
_diffrn_reflns.number 
_diffrn_reflns.pdbx_observed_criterion 
_diffrn_reflns.limit_h_max 
_diffrn_reflns.limit_h_min 
_diffrn_reflns.limit_k_max 
_diffrn_reflns.limit_k_min 
_diffrn_reflns.limit_l_max 
_diffrn_reflns.limit_l_min 
1 1.950 45.000 10135 0.035 ? 1.14 27.10 6.80 99.90 69245 ? ? ? ? ? ? ? 
2 1.950 45.000 10140 0.043 ? 1.78 27.50 6.80 99.90 69259 ? ? ? ? ? ? ? 
3 1.950 45.000 10130 0.036 ? 1.09 25.10 7.10 99.90 72322 ? ? ? ? ? ? ? 
# 
loop_
_pdbx_diffrn_reflns_shell.diffrn_id 
_pdbx_diffrn_reflns_shell.d_res_high 
_pdbx_diffrn_reflns_shell.d_res_low 
_pdbx_diffrn_reflns_shell.number_obs 
_pdbx_diffrn_reflns_shell.rejects 
_pdbx_diffrn_reflns_shell.Rmerge_I_obs 
_pdbx_diffrn_reflns_shell.Rsym_value 
_pdbx_diffrn_reflns_shell.chi_squared 
_pdbx_diffrn_reflns_shell.redundancy 
_pdbx_diffrn_reflns_shell.percent_possible_obs 
1 4.20 45.00 ? ? 0.027 ? 1.576 6.60 99.40  
1 3.33 4.20  ? ? 0.025 ? 1.188 7.10 100.00 
1 2.91 3.33  ? ? 0.032 ? 1.144 7.20 100.00 
1 2.65 2.91  ? ? 0.038 ? 1.052 7.20 100.00 
1 2.46 2.65  ? ? 0.043 ? 1.164 7.30 100.00 
1 2.31 2.46  ? ? 0.054 ? 1.138 7.30 100.00 
1 2.20 2.31  ? ? 0.068 ? 1.089 7.30 100.00 
1 2.10 2.20  ? ? 0.085 ? 1.073 7.30 100.00 
1 2.02 2.10  ? ? 0.113 ? 0.979 6.30 100.00 
1 1.95 2.02  ? ? 0.134 ? 0.863 4.70 99.60  
2 4.20 45.00 ? ? 0.037 ? 3.530 6.60 99.40  
2 3.33 4.20  ? ? 0.033 ? 2.254 7.10 100.00 
2 2.91 3.33  ? ? 0.041 ? 2.018 7.20 100.00 
2 2.65 2.91  ? ? 0.046 ? 1.687 7.20 100.00 
2 2.46 2.65  ? ? 0.051 ? 1.719 7.30 100.00 
2 2.31 2.46  ? ? 0.061 ? 1.549 7.30 100.00 
2 2.20 2.31  ? ? 0.073 ? 1.326 7.30 100.00 
2 2.10 2.20  ? ? 0.088 ? 1.233 7.30 100.00 
2 2.02 2.10  ? ? 0.116 ? 1.122 6.30 100.00 
2 1.95 2.02  ? ? 0.140 ? 1.031 4.70 99.60  
3 4.20 45.00 ? ? 0.026 ? 1.443 6.60 99.50  
3 3.33 4.20  ? ? 0.025 ? 1.067 7.10 100.00 
3 2.91 3.33  ? ? 0.032 ? 1.083 7.20 100.00 
3 2.65 2.91  ? ? 0.038 ? 1.021 7.20 100.00 
3 2.46 2.65  ? ? 0.046 ? 1.156 7.30 100.00 
3 2.31 2.46  ? ? 0.056 ? 1.103 7.30 100.00 
3 2.20 2.31  ? ? 0.070 ? 1.039 7.30 100.00 
3 2.10 2.20  ? ? 0.087 ? 1.027 7.30 100.00 
3 2.02 2.10  ? ? 0.124 ? 1.030 7.30 100.00 
3 1.95 2.02  ? ? 0.162 ? 0.922 6.80 100.00 
# 
_pdbx_refine_tls.pdbx_refine_id   'X-RAY DIFFRACTION' 
_pdbx_refine_tls.id               1 
_pdbx_refine_tls.details          ? 
_pdbx_refine_tls.method           refined 
_pdbx_refine_tls.origin_x         7.6370 
_pdbx_refine_tls.origin_y         1.9812 
_pdbx_refine_tls.origin_z         -3.6278 
_pdbx_refine_tls.T[1][1]          0.0136 
_pdbx_refine_tls.T[2][2]          0.0267 
_pdbx_refine_tls.T[3][3]          -0.0437 
_pdbx_refine_tls.T[1][2]          -0.0663 
_pdbx_refine_tls.T[1][3]          0.0416 
_pdbx_refine_tls.T[2][3]          -0.0289 
_pdbx_refine_tls.L[1][1]          0.7127 
_pdbx_refine_tls.L[2][2]          1.9041 
_pdbx_refine_tls.L[3][3]          2.1831 
_pdbx_refine_tls.L[1][2]          -1.0404 
_pdbx_refine_tls.L[1][3]          0.6106 
_pdbx_refine_tls.L[2][3]          -0.0920 
_pdbx_refine_tls.S[1][1]          0.0457 
_pdbx_refine_tls.S[2][2]          0.0338 
_pdbx_refine_tls.S[3][3]          -0.0795 
_pdbx_refine_tls.S[1][2]          0.1272 
_pdbx_refine_tls.S[1][3]          -0.0016 
_pdbx_refine_tls.S[2][3]          -0.0275 
_pdbx_refine_tls.S[2][1]          0.0526 
_pdbx_refine_tls.S[3][1]          -0.1663 
_pdbx_refine_tls.S[3][2]          0.2598 
# 
_pdbx_refine_tls_group.pdbx_refine_id      'X-RAY DIFFRACTION' 
_pdbx_refine_tls_group.id                  1 
_pdbx_refine_tls_group.refine_tls_id       1 
_pdbx_refine_tls_group.beg_auth_asym_id    A 
_pdbx_refine_tls_group.beg_auth_seq_id     25 
_pdbx_refine_tls_group.end_auth_asym_id    A 
_pdbx_refine_tls_group.end_auth_seq_id     86 
_pdbx_refine_tls_group.selection_details   ? 
_pdbx_refine_tls_group.beg_label_asym_id   . 
_pdbx_refine_tls_group.beg_label_seq_id    . 
_pdbx_refine_tls_group.end_label_asym_id   . 
_pdbx_refine_tls_group.end_label_seq_id    . 
_pdbx_refine_tls_group.selection           ? 
# 
loop_
_pdbx_phasing_MAD_set_site.id 
_pdbx_phasing_MAD_set_site.atom_type_symbol 
_pdbx_phasing_MAD_set_site.occupancy 
_pdbx_phasing_MAD_set_site.fract_x 
_pdbx_phasing_MAD_set_site.fract_y 
_pdbx_phasing_MAD_set_site.fract_z 
_pdbx_phasing_MAD_set_site.b_iso 
1 Se 0.763 0.336 0.210 0.258 40.755 
2 Se 0.744 0.791 0.336 0.008 37.644 
# 
_pdbx_phasing_dm.entry_id          2OXL 
_pdbx_phasing_dm.fom_acentric      0.770 
_pdbx_phasing_dm.fom_centric       0.740 
_pdbx_phasing_dm.fom               0.770 
_pdbx_phasing_dm.reflns_acentric   8194 
_pdbx_phasing_dm.reflns_centric    1208 
_pdbx_phasing_dm.reflns            9402 
# 
loop_
_pdbx_phasing_dm_shell.d_res_high 
_pdbx_phasing_dm_shell.d_res_low 
_pdbx_phasing_dm_shell.delta_phi_final 
_pdbx_phasing_dm_shell.delta_phi_initial 
_pdbx_phasing_dm_shell.fom_acentric 
_pdbx_phasing_dm_shell.fom_centric 
_pdbx_phasing_dm_shell.fom 
_pdbx_phasing_dm_shell.reflns_acentric 
_pdbx_phasing_dm_shell.reflns_centric 
_pdbx_phasing_dm_shell.reflns 
5.700 18.388 ? ? 0.970 0.960 0.960 302  137 439  
3.600 5.700  ? ? 0.960 0.960 0.960 1053 230 1283 
2.900 3.600  ? ? 0.940 0.860 0.920 1369 220 1589 
2.500 2.900  ? ? 0.850 0.750 0.840 1401 177 1578 
2.100 2.500  ? ? 0.710 0.590 0.700 2500 286 2786 
2.000 2.100  ? ? 0.490 0.330 0.480 1569 158 1727 
# 
_phasing.method   MAD 
# 
_phasing_MAD_clust.id           1 
_phasing_MAD_clust.expt_id      '3 wavelength' 
_phasing_MAD_clust.number_set   ? 
# 
_phasing_MAD_expt.id         '3 wavelength' 
_phasing_MAD_expt.mean_fom   ? 
# 
loop_
_phasing_MAD_set.clust_id 
_phasing_MAD_set.expt_id 
_phasing_MAD_set.set_id 
_phasing_MAD_set.wavelength 
_phasing_MAD_set.pdbx_f_prime_refined 
_phasing_MAD_set.pdbx_f_double_prime_refined 
1 '3 wavelength' 1 0.9790 -7.65 5.83 
1 '3 wavelength' 2 0.9793 -9.61 3.59 
1 '3 wavelength' 3 0.9322 -2.90 3.43 
# 
loop_
_phasing_set.id 
_phasing_set.pdbx_d_res_high 
_phasing_set.pdbx_d_res_low 
1 . . 
2 . . 
3 . . 
# 
loop_
_pdbx_unobs_or_zero_occ_residues.id 
_pdbx_unobs_or_zero_occ_residues.PDB_model_num 
_pdbx_unobs_or_zero_occ_residues.polymer_flag 
_pdbx_unobs_or_zero_occ_residues.occupancy_flag 
_pdbx_unobs_or_zero_occ_residues.auth_asym_id 
_pdbx_unobs_or_zero_occ_residues.auth_comp_id 
_pdbx_unobs_or_zero_occ_residues.auth_seq_id 
_pdbx_unobs_or_zero_occ_residues.PDB_ins_code 
_pdbx_unobs_or_zero_occ_residues.label_asym_id 
_pdbx_unobs_or_zero_occ_residues.label_comp_id 
_pdbx_unobs_or_zero_occ_residues.label_seq_id 
1 1 Y 1 A ASP 87 ? A ASP 63 
2 1 Y 1 A MSE 88 ? A MSE 64 
3 1 Y 1 B ASP 87 ? B ASP 63 
4 1 Y 1 B MSE 88 ? B MSE 64 
# 
loop_
_chem_comp_atom.comp_id 
_chem_comp_atom.atom_id 
_chem_comp_atom.type_symbol 
_chem_comp_atom.pdbx_aromatic_flag 
_chem_comp_atom.pdbx_stereo_config 
_chem_comp_atom.pdbx_ordinal 
ALA N      N  N N 1   
ALA CA     C  N S 2   
ALA C      C  N N 3   
ALA O      O  N N 4   
ALA CB     C  N N 5   
ALA OXT    O  N N 6   
ALA H      H  N N 7   
ALA H2     H  N N 8   
ALA HA     H  N N 9   
ALA HB1    H  N N 10  
ALA HB2    H  N N 11  
ALA HB3    H  N N 12  
ALA HXT    H  N N 13  
ARG N      N  N N 14  
ARG CA     C  N S 15  
ARG C      C  N N 16  
ARG O      O  N N 17  
ARG CB     C  N N 18  
ARG CG     C  N N 19  
ARG CD     C  N N 20  
ARG NE     N  N N 21  
ARG CZ     C  N N 22  
ARG NH1    N  N N 23  
ARG NH2    N  N N 24  
ARG OXT    O  N N 25  
ARG H      H  N N 26  
ARG H2     H  N N 27  
ARG HA     H  N N 28  
ARG HB2    H  N N 29  
ARG HB3    H  N N 30  
ARG HG2    H  N N 31  
ARG HG3    H  N N 32  
ARG HD2    H  N N 33  
ARG HD3    H  N N 34  
ARG HE     H  N N 35  
ARG HH11   H  N N 36  
ARG HH12   H  N N 37  
ARG HH21   H  N N 38  
ARG HH22   H  N N 39  
ARG HXT    H  N N 40  
ASN N      N  N N 41  
ASN CA     C  N S 42  
ASN C      C  N N 43  
ASN O      O  N N 44  
ASN CB     C  N N 45  
ASN CG     C  N N 46  
ASN OD1    O  N N 47  
ASN ND2    N  N N 48  
ASN OXT    O  N N 49  
ASN H      H  N N 50  
ASN H2     H  N N 51  
ASN HA     H  N N 52  
ASN HB2    H  N N 53  
ASN HB3    H  N N 54  
ASN HD21   H  N N 55  
ASN HD22   H  N N 56  
ASN HXT    H  N N 57  
ASP N      N  N N 58  
ASP CA     C  N S 59  
ASP C      C  N N 60  
ASP O      O  N N 61  
ASP CB     C  N N 62  
ASP CG     C  N N 63  
ASP OD1    O  N N 64  
ASP OD2    O  N N 65  
ASP OXT    O  N N 66  
ASP H      H  N N 67  
ASP H2     H  N N 68  
ASP HA     H  N N 69  
ASP HB2    H  N N 70  
ASP HB3    H  N N 71  
ASP HD2    H  N N 72  
ASP HXT    H  N N 73  
BOG C1     C  N R 74  
BOG O1     O  N N 75  
BOG C2     C  N R 76  
BOG O2     O  N N 77  
BOG C3     C  N S 78  
BOG O3     O  N N 79  
BOG C4     C  N S 80  
BOG O4     O  N N 81  
BOG C5     C  N R 82  
BOG O5     O  N N 83  
BOG C6     C  N N 84  
BOG O6     O  N N 85  
BOG "C1'"  C  N N 86  
BOG "C2'"  C  N N 87  
BOG "C3'"  C  N N 88  
BOG "C4'"  C  N N 89  
BOG "C5'"  C  N N 90  
BOG "C6'"  C  N N 91  
BOG "C7'"  C  N N 92  
BOG "C8'"  C  N N 93  
BOG H1     H  N N 94  
BOG H2     H  N N 95  
BOG HO2    H  N N 96  
BOG H3     H  N N 97  
BOG HO3    H  N N 98  
BOG H4     H  N N 99  
BOG HO4    H  N N 100 
BOG H5     H  N N 101 
BOG H61    H  N N 102 
BOG H62    H  N N 103 
BOG HO6    H  N N 104 
BOG "H1'1" H  N N 105 
BOG "H1'2" H  N N 106 
BOG "H2'1" H  N N 107 
BOG "H2'2" H  N N 108 
BOG "H3'1" H  N N 109 
BOG "H3'2" H  N N 110 
BOG "H4'1" H  N N 111 
BOG "H4'2" H  N N 112 
BOG "H5'1" H  N N 113 
BOG "H5'2" H  N N 114 
BOG "H6'1" H  N N 115 
BOG "H6'2" H  N N 116 
BOG "H7'1" H  N N 117 
BOG "H7'2" H  N N 118 
BOG "H8'1" H  N N 119 
BOG "H8'2" H  N N 120 
BOG "H8'3" H  N N 121 
GLN N      N  N N 122 
GLN CA     C  N S 123 
GLN C      C  N N 124 
GLN O      O  N N 125 
GLN CB     C  N N 126 
GLN CG     C  N N 127 
GLN CD     C  N N 128 
GLN OE1    O  N N 129 
GLN NE2    N  N N 130 
GLN OXT    O  N N 131 
GLN H      H  N N 132 
GLN H2     H  N N 133 
GLN HA     H  N N 134 
GLN HB2    H  N N 135 
GLN HB3    H  N N 136 
GLN HG2    H  N N 137 
GLN HG3    H  N N 138 
GLN HE21   H  N N 139 
GLN HE22   H  N N 140 
GLN HXT    H  N N 141 
GLU N      N  N N 142 
GLU CA     C  N S 143 
GLU C      C  N N 144 
GLU O      O  N N 145 
GLU CB     C  N N 146 
GLU CG     C  N N 147 
GLU CD     C  N N 148 
GLU OE1    O  N N 149 
GLU OE2    O  N N 150 
GLU OXT    O  N N 151 
GLU H      H  N N 152 
GLU H2     H  N N 153 
GLU HA     H  N N 154 
GLU HB2    H  N N 155 
GLU HB3    H  N N 156 
GLU HG2    H  N N 157 
GLU HG3    H  N N 158 
GLU HE2    H  N N 159 
GLU HXT    H  N N 160 
GLY N      N  N N 161 
GLY CA     C  N N 162 
GLY C      C  N N 163 
GLY O      O  N N 164 
GLY OXT    O  N N 165 
GLY H      H  N N 166 
GLY H2     H  N N 167 
GLY HA2    H  N N 168 
GLY HA3    H  N N 169 
GLY HXT    H  N N 170 
HIS N      N  N N 171 
HIS CA     C  N S 172 
HIS C      C  N N 173 
HIS O      O  N N 174 
HIS CB     C  N N 175 
HIS CG     C  Y N 176 
HIS ND1    N  Y N 177 
HIS CD2    C  Y N 178 
HIS CE1    C  Y N 179 
HIS NE2    N  Y N 180 
HIS OXT    O  N N 181 
HIS H      H  N N 182 
HIS H2     H  N N 183 
HIS HA     H  N N 184 
HIS HB2    H  N N 185 
HIS HB3    H  N N 186 
HIS HD1    H  N N 187 
HIS HD2    H  N N 188 
HIS HE1    H  N N 189 
HIS HE2    H  N N 190 
HIS HXT    H  N N 191 
HOH O      O  N N 192 
HOH H1     H  N N 193 
HOH H2     H  N N 194 
ILE N      N  N N 195 
ILE CA     C  N S 196 
ILE C      C  N N 197 
ILE O      O  N N 198 
ILE CB     C  N S 199 
ILE CG1    C  N N 200 
ILE CG2    C  N N 201 
ILE CD1    C  N N 202 
ILE OXT    O  N N 203 
ILE H      H  N N 204 
ILE H2     H  N N 205 
ILE HA     H  N N 206 
ILE HB     H  N N 207 
ILE HG12   H  N N 208 
ILE HG13   H  N N 209 
ILE HG21   H  N N 210 
ILE HG22   H  N N 211 
ILE HG23   H  N N 212 
ILE HD11   H  N N 213 
ILE HD12   H  N N 214 
ILE HD13   H  N N 215 
ILE HXT    H  N N 216 
LEU N      N  N N 217 
LEU CA     C  N S 218 
LEU C      C  N N 219 
LEU O      O  N N 220 
LEU CB     C  N N 221 
LEU CG     C  N N 222 
LEU CD1    C  N N 223 
LEU CD2    C  N N 224 
LEU OXT    O  N N 225 
LEU H      H  N N 226 
LEU H2     H  N N 227 
LEU HA     H  N N 228 
LEU HB2    H  N N 229 
LEU HB3    H  N N 230 
LEU HG     H  N N 231 
LEU HD11   H  N N 232 
LEU HD12   H  N N 233 
LEU HD13   H  N N 234 
LEU HD21   H  N N 235 
LEU HD22   H  N N 236 
LEU HD23   H  N N 237 
LEU HXT    H  N N 238 
LYS N      N  N N 239 
LYS CA     C  N S 240 
LYS C      C  N N 241 
LYS O      O  N N 242 
LYS CB     C  N N 243 
LYS CG     C  N N 244 
LYS CD     C  N N 245 
LYS CE     C  N N 246 
LYS NZ     N  N N 247 
LYS OXT    O  N N 248 
LYS H      H  N N 249 
LYS H2     H  N N 250 
LYS HA     H  N N 251 
LYS HB2    H  N N 252 
LYS HB3    H  N N 253 
LYS HG2    H  N N 254 
LYS HG3    H  N N 255 
LYS HD2    H  N N 256 
LYS HD3    H  N N 257 
LYS HE2    H  N N 258 
LYS HE3    H  N N 259 
LYS HZ1    H  N N 260 
LYS HZ2    H  N N 261 
LYS HZ3    H  N N 262 
LYS HXT    H  N N 263 
MET N      N  N N 264 
MET CA     C  N S 265 
MET C      C  N N 266 
MET O      O  N N 267 
MET CB     C  N N 268 
MET CG     C  N N 269 
MET SD     S  N N 270 
MET CE     C  N N 271 
MET OXT    O  N N 272 
MET H      H  N N 273 
MET H2     H  N N 274 
MET HA     H  N N 275 
MET HB2    H  N N 276 
MET HB3    H  N N 277 
MET HG2    H  N N 278 
MET HG3    H  N N 279 
MET HE1    H  N N 280 
MET HE2    H  N N 281 
MET HE3    H  N N 282 
MET HXT    H  N N 283 
MSE N      N  N N 284 
MSE CA     C  N S 285 
MSE C      C  N N 286 
MSE O      O  N N 287 
MSE OXT    O  N N 288 
MSE CB     C  N N 289 
MSE CG     C  N N 290 
MSE SE     SE N N 291 
MSE CE     C  N N 292 
MSE H      H  N N 293 
MSE H2     H  N N 294 
MSE HA     H  N N 295 
MSE HXT    H  N N 296 
MSE HB2    H  N N 297 
MSE HB3    H  N N 298 
MSE HG2    H  N N 299 
MSE HG3    H  N N 300 
MSE HE1    H  N N 301 
MSE HE2    H  N N 302 
MSE HE3    H  N N 303 
SER N      N  N N 304 
SER CA     C  N S 305 
SER C      C  N N 306 
SER O      O  N N 307 
SER CB     C  N N 308 
SER OG     O  N N 309 
SER OXT    O  N N 310 
SER H      H  N N 311 
SER H2     H  N N 312 
SER HA     H  N N 313 
SER HB2    H  N N 314 
SER HB3    H  N N 315 
SER HG     H  N N 316 
SER HXT    H  N N 317 
THR N      N  N N 318 
THR CA     C  N S 319 
THR C      C  N N 320 
THR O      O  N N 321 
THR CB     C  N R 322 
THR OG1    O  N N 323 
THR CG2    C  N N 324 
THR OXT    O  N N 325 
THR H      H  N N 326 
THR H2     H  N N 327 
THR HA     H  N N 328 
THR HB     H  N N 329 
THR HG1    H  N N 330 
THR HG21   H  N N 331 
THR HG22   H  N N 332 
THR HG23   H  N N 333 
THR HXT    H  N N 334 
TYR N      N  N N 335 
TYR CA     C  N S 336 
TYR C      C  N N 337 
TYR O      O  N N 338 
TYR CB     C  N N 339 
TYR CG     C  Y N 340 
TYR CD1    C  Y N 341 
TYR CD2    C  Y N 342 
TYR CE1    C  Y N 343 
TYR CE2    C  Y N 344 
TYR CZ     C  Y N 345 
TYR OH     O  N N 346 
TYR OXT    O  N N 347 
TYR H      H  N N 348 
TYR H2     H  N N 349 
TYR HA     H  N N 350 
TYR HB2    H  N N 351 
TYR HB3    H  N N 352 
TYR HD1    H  N N 353 
TYR HD2    H  N N 354 
TYR HE1    H  N N 355 
TYR HE2    H  N N 356 
TYR HH     H  N N 357 
TYR HXT    H  N N 358 
VAL N      N  N N 359 
VAL CA     C  N S 360 
VAL C      C  N N 361 
VAL O      O  N N 362 
VAL CB     C  N N 363 
VAL CG1    C  N N 364 
VAL CG2    C  N N 365 
VAL OXT    O  N N 366 
VAL H      H  N N 367 
VAL H2     H  N N 368 
VAL HA     H  N N 369 
VAL HB     H  N N 370 
VAL HG11   H  N N 371 
VAL HG12   H  N N 372 
VAL HG13   H  N N 373 
VAL HG21   H  N N 374 
VAL HG22   H  N N 375 
VAL HG23   H  N N 376 
VAL HXT    H  N N 377 
# 
loop_
_chem_comp_bond.comp_id 
_chem_comp_bond.atom_id_1 
_chem_comp_bond.atom_id_2 
_chem_comp_bond.value_order 
_chem_comp_bond.pdbx_aromatic_flag 
_chem_comp_bond.pdbx_stereo_config 
_chem_comp_bond.pdbx_ordinal 
ALA N     CA     sing N N 1   
ALA N     H      sing N N 2   
ALA N     H2     sing N N 3   
ALA CA    C      sing N N 4   
ALA CA    CB     sing N N 5   
ALA CA    HA     sing N N 6   
ALA C     O      doub N N 7   
ALA C     OXT    sing N N 8   
ALA CB    HB1    sing N N 9   
ALA CB    HB2    sing N N 10  
ALA CB    HB3    sing N N 11  
ALA OXT   HXT    sing N N 12  
ARG N     CA     sing N N 13  
ARG N     H      sing N N 14  
ARG N     H2     sing N N 15  
ARG CA    C      sing N N 16  
ARG CA    CB     sing N N 17  
ARG CA    HA     sing N N 18  
ARG C     O      doub N N 19  
ARG C     OXT    sing N N 20  
ARG CB    CG     sing N N 21  
ARG CB    HB2    sing N N 22  
ARG CB    HB3    sing N N 23  
ARG CG    CD     sing N N 24  
ARG CG    HG2    sing N N 25  
ARG CG    HG3    sing N N 26  
ARG CD    NE     sing N N 27  
ARG CD    HD2    sing N N 28  
ARG CD    HD3    sing N N 29  
ARG NE    CZ     sing N N 30  
ARG NE    HE     sing N N 31  
ARG CZ    NH1    sing N N 32  
ARG CZ    NH2    doub N N 33  
ARG NH1   HH11   sing N N 34  
ARG NH1   HH12   sing N N 35  
ARG NH2   HH21   sing N N 36  
ARG NH2   HH22   sing N N 37  
ARG OXT   HXT    sing N N 38  
ASN N     CA     sing N N 39  
ASN N     H      sing N N 40  
ASN N     H2     sing N N 41  
ASN CA    C      sing N N 42  
ASN CA    CB     sing N N 43  
ASN CA    HA     sing N N 44  
ASN C     O      doub N N 45  
ASN C     OXT    sing N N 46  
ASN CB    CG     sing N N 47  
ASN CB    HB2    sing N N 48  
ASN CB    HB3    sing N N 49  
ASN CG    OD1    doub N N 50  
ASN CG    ND2    sing N N 51  
ASN ND2   HD21   sing N N 52  
ASN ND2   HD22   sing N N 53  
ASN OXT   HXT    sing N N 54  
ASP N     CA     sing N N 55  
ASP N     H      sing N N 56  
ASP N     H2     sing N N 57  
ASP CA    C      sing N N 58  
ASP CA    CB     sing N N 59  
ASP CA    HA     sing N N 60  
ASP C     O      doub N N 61  
ASP C     OXT    sing N N 62  
ASP CB    CG     sing N N 63  
ASP CB    HB2    sing N N 64  
ASP CB    HB3    sing N N 65  
ASP CG    OD1    doub N N 66  
ASP CG    OD2    sing N N 67  
ASP OD2   HD2    sing N N 68  
ASP OXT   HXT    sing N N 69  
BOG C1    O1     sing N N 70  
BOG C1    C2     sing N N 71  
BOG C1    O5     sing N N 72  
BOG C1    H1     sing N N 73  
BOG O1    "C1'"  sing N N 74  
BOG C2    O2     sing N N 75  
BOG C2    C3     sing N N 76  
BOG C2    H2     sing N N 77  
BOG O2    HO2    sing N N 78  
BOG C3    O3     sing N N 79  
BOG C3    C4     sing N N 80  
BOG C3    H3     sing N N 81  
BOG O3    HO3    sing N N 82  
BOG C4    O4     sing N N 83  
BOG C4    C5     sing N N 84  
BOG C4    H4     sing N N 85  
BOG O4    HO4    sing N N 86  
BOG C5    O5     sing N N 87  
BOG C5    C6     sing N N 88  
BOG C5    H5     sing N N 89  
BOG C6    O6     sing N N 90  
BOG C6    H61    sing N N 91  
BOG C6    H62    sing N N 92  
BOG O6    HO6    sing N N 93  
BOG "C1'" "C2'"  sing N N 94  
BOG "C1'" "H1'1" sing N N 95  
BOG "C1'" "H1'2" sing N N 96  
BOG "C2'" "C3'"  sing N N 97  
BOG "C2'" "H2'1" sing N N 98  
BOG "C2'" "H2'2" sing N N 99  
BOG "C3'" "C4'"  sing N N 100 
BOG "C3'" "H3'1" sing N N 101 
BOG "C3'" "H3'2" sing N N 102 
BOG "C4'" "C5'"  sing N N 103 
BOG "C4'" "H4'1" sing N N 104 
BOG "C4'" "H4'2" sing N N 105 
BOG "C5'" "C6'"  sing N N 106 
BOG "C5'" "H5'1" sing N N 107 
BOG "C5'" "H5'2" sing N N 108 
BOG "C6'" "C7'"  sing N N 109 
BOG "C6'" "H6'1" sing N N 110 
BOG "C6'" "H6'2" sing N N 111 
BOG "C7'" "C8'"  sing N N 112 
BOG "C7'" "H7'1" sing N N 113 
BOG "C7'" "H7'2" sing N N 114 
BOG "C8'" "H8'1" sing N N 115 
BOG "C8'" "H8'2" sing N N 116 
BOG "C8'" "H8'3" sing N N 117 
GLN N     CA     sing N N 118 
GLN N     H      sing N N 119 
GLN N     H2     sing N N 120 
GLN CA    C      sing N N 121 
GLN CA    CB     sing N N 122 
GLN CA    HA     sing N N 123 
GLN C     O      doub N N 124 
GLN C     OXT    sing N N 125 
GLN CB    CG     sing N N 126 
GLN CB    HB2    sing N N 127 
GLN CB    HB3    sing N N 128 
GLN CG    CD     sing N N 129 
GLN CG    HG2    sing N N 130 
GLN CG    HG3    sing N N 131 
GLN CD    OE1    doub N N 132 
GLN CD    NE2    sing N N 133 
GLN NE2   HE21   sing N N 134 
GLN NE2   HE22   sing N N 135 
GLN OXT   HXT    sing N N 136 
GLU N     CA     sing N N 137 
GLU N     H      sing N N 138 
GLU N     H2     sing N N 139 
GLU CA    C      sing N N 140 
GLU CA    CB     sing N N 141 
GLU CA    HA     sing N N 142 
GLU C     O      doub N N 143 
GLU C     OXT    sing N N 144 
GLU CB    CG     sing N N 145 
GLU CB    HB2    sing N N 146 
GLU CB    HB3    sing N N 147 
GLU CG    CD     sing N N 148 
GLU CG    HG2    sing N N 149 
GLU CG    HG3    sing N N 150 
GLU CD    OE1    doub N N 151 
GLU CD    OE2    sing N N 152 
GLU OE2   HE2    sing N N 153 
GLU OXT   HXT    sing N N 154 
GLY N     CA     sing N N 155 
GLY N     H      sing N N 156 
GLY N     H2     sing N N 157 
GLY CA    C      sing N N 158 
GLY CA    HA2    sing N N 159 
GLY CA    HA3    sing N N 160 
GLY C     O      doub N N 161 
GLY C     OXT    sing N N 162 
GLY OXT   HXT    sing N N 163 
HIS N     CA     sing N N 164 
HIS N     H      sing N N 165 
HIS N     H2     sing N N 166 
HIS CA    C      sing N N 167 
HIS CA    CB     sing N N 168 
HIS CA    HA     sing N N 169 
HIS C     O      doub N N 170 
HIS C     OXT    sing N N 171 
HIS CB    CG     sing N N 172 
HIS CB    HB2    sing N N 173 
HIS CB    HB3    sing N N 174 
HIS CG    ND1    sing Y N 175 
HIS CG    CD2    doub Y N 176 
HIS ND1   CE1    doub Y N 177 
HIS ND1   HD1    sing N N 178 
HIS CD2   NE2    sing Y N 179 
HIS CD2   HD2    sing N N 180 
HIS CE1   NE2    sing Y N 181 
HIS CE1   HE1    sing N N 182 
HIS NE2   HE2    sing N N 183 
HIS OXT   HXT    sing N N 184 
HOH O     H1     sing N N 185 
HOH O     H2     sing N N 186 
ILE N     CA     sing N N 187 
ILE N     H      sing N N 188 
ILE N     H2     sing N N 189 
ILE CA    C      sing N N 190 
ILE CA    CB     sing N N 191 
ILE CA    HA     sing N N 192 
ILE C     O      doub N N 193 
ILE C     OXT    sing N N 194 
ILE CB    CG1    sing N N 195 
ILE CB    CG2    sing N N 196 
ILE CB    HB     sing N N 197 
ILE CG1   CD1    sing N N 198 
ILE CG1   HG12   sing N N 199 
ILE CG1   HG13   sing N N 200 
ILE CG2   HG21   sing N N 201 
ILE CG2   HG22   sing N N 202 
ILE CG2   HG23   sing N N 203 
ILE CD1   HD11   sing N N 204 
ILE CD1   HD12   sing N N 205 
ILE CD1   HD13   sing N N 206 
ILE OXT   HXT    sing N N 207 
LEU N     CA     sing N N 208 
LEU N     H      sing N N 209 
LEU N     H2     sing N N 210 
LEU CA    C      sing N N 211 
LEU CA    CB     sing N N 212 
LEU CA    HA     sing N N 213 
LEU C     O      doub N N 214 
LEU C     OXT    sing N N 215 
LEU CB    CG     sing N N 216 
LEU CB    HB2    sing N N 217 
LEU CB    HB3    sing N N 218 
LEU CG    CD1    sing N N 219 
LEU CG    CD2    sing N N 220 
LEU CG    HG     sing N N 221 
LEU CD1   HD11   sing N N 222 
LEU CD1   HD12   sing N N 223 
LEU CD1   HD13   sing N N 224 
LEU CD2   HD21   sing N N 225 
LEU CD2   HD22   sing N N 226 
LEU CD2   HD23   sing N N 227 
LEU OXT   HXT    sing N N 228 
LYS N     CA     sing N N 229 
LYS N     H      sing N N 230 
LYS N     H2     sing N N 231 
LYS CA    C      sing N N 232 
LYS CA    CB     sing N N 233 
LYS CA    HA     sing N N 234 
LYS C     O      doub N N 235 
LYS C     OXT    sing N N 236 
LYS CB    CG     sing N N 237 
LYS CB    HB2    sing N N 238 
LYS CB    HB3    sing N N 239 
LYS CG    CD     sing N N 240 
LYS CG    HG2    sing N N 241 
LYS CG    HG3    sing N N 242 
LYS CD    CE     sing N N 243 
LYS CD    HD2    sing N N 244 
LYS CD    HD3    sing N N 245 
LYS CE    NZ     sing N N 246 
LYS CE    HE2    sing N N 247 
LYS CE    HE3    sing N N 248 
LYS NZ    HZ1    sing N N 249 
LYS NZ    HZ2    sing N N 250 
LYS NZ    HZ3    sing N N 251 
LYS OXT   HXT    sing N N 252 
MET N     CA     sing N N 253 
MET N     H      sing N N 254 
MET N     H2     sing N N 255 
MET CA    C      sing N N 256 
MET CA    CB     sing N N 257 
MET CA    HA     sing N N 258 
MET C     O      doub N N 259 
MET C     OXT    sing N N 260 
MET CB    CG     sing N N 261 
MET CB    HB2    sing N N 262 
MET CB    HB3    sing N N 263 
MET CG    SD     sing N N 264 
MET CG    HG2    sing N N 265 
MET CG    HG3    sing N N 266 
MET SD    CE     sing N N 267 
MET CE    HE1    sing N N 268 
MET CE    HE2    sing N N 269 
MET CE    HE3    sing N N 270 
MET OXT   HXT    sing N N 271 
MSE N     CA     sing N N 272 
MSE N     H      sing N N 273 
MSE N     H2     sing N N 274 
MSE CA    C      sing N N 275 
MSE CA    CB     sing N N 276 
MSE CA    HA     sing N N 277 
MSE C     O      doub N N 278 
MSE C     OXT    sing N N 279 
MSE OXT   HXT    sing N N 280 
MSE CB    CG     sing N N 281 
MSE CB    HB2    sing N N 282 
MSE CB    HB3    sing N N 283 
MSE CG    SE     sing N N 284 
MSE CG    HG2    sing N N 285 
MSE CG    HG3    sing N N 286 
MSE SE    CE     sing N N 287 
MSE CE    HE1    sing N N 288 
MSE CE    HE2    sing N N 289 
MSE CE    HE3    sing N N 290 
SER N     CA     sing N N 291 
SER N     H      sing N N 292 
SER N     H2     sing N N 293 
SER CA    C      sing N N 294 
SER CA    CB     sing N N 295 
SER CA    HA     sing N N 296 
SER C     O      doub N N 297 
SER C     OXT    sing N N 298 
SER CB    OG     sing N N 299 
SER CB    HB2    sing N N 300 
SER CB    HB3    sing N N 301 
SER OG    HG     sing N N 302 
SER OXT   HXT    sing N N 303 
THR N     CA     sing N N 304 
THR N     H      sing N N 305 
THR N     H2     sing N N 306 
THR CA    C      sing N N 307 
THR CA    CB     sing N N 308 
THR CA    HA     sing N N 309 
THR C     O      doub N N 310 
THR C     OXT    sing N N 311 
THR CB    OG1    sing N N 312 
THR CB    CG2    sing N N 313 
THR CB    HB     sing N N 314 
THR OG1   HG1    sing N N 315 
THR CG2   HG21   sing N N 316 
THR CG2   HG22   sing N N 317 
THR CG2   HG23   sing N N 318 
THR OXT   HXT    sing N N 319 
TYR N     CA     sing N N 320 
TYR N     H      sing N N 321 
TYR N     H2     sing N N 322 
TYR CA    C      sing N N 323 
TYR CA    CB     sing N N 324 
TYR CA    HA     sing N N 325 
TYR C     O      doub N N 326 
TYR C     OXT    sing N N 327 
TYR CB    CG     sing N N 328 
TYR CB    HB2    sing N N 329 
TYR CB    HB3    sing N N 330 
TYR CG    CD1    doub Y N 331 
TYR CG    CD2    sing Y N 332 
TYR CD1   CE1    sing Y N 333 
TYR CD1   HD1    sing N N 334 
TYR CD2   CE2    doub Y N 335 
TYR CD2   HD2    sing N N 336 
TYR CE1   CZ     doub Y N 337 
TYR CE1   HE1    sing N N 338 
TYR CE2   CZ     sing Y N 339 
TYR CE2   HE2    sing N N 340 
TYR CZ    OH     sing N N 341 
TYR OH    HH     sing N N 342 
TYR OXT   HXT    sing N N 343 
VAL N     CA     sing N N 344 
VAL N     H      sing N N 345 
VAL N     H2     sing N N 346 
VAL CA    C      sing N N 347 
VAL CA    CB     sing N N 348 
VAL CA    HA     sing N N 349 
VAL C     O      doub N N 350 
VAL C     OXT    sing N N 351 
VAL CB    CG1    sing N N 352 
VAL CB    CG2    sing N N 353 
VAL CB    HB     sing N N 354 
VAL CG1   HG11   sing N N 355 
VAL CG1   HG12   sing N N 356 
VAL CG1   HG13   sing N N 357 
VAL CG2   HG21   sing N N 358 
VAL CG2   HG22   sing N N 359 
VAL CG2   HG23   sing N N 360 
VAL OXT   HXT    sing N N 361 
# 
_atom_sites.entry_id                    2OXL 
_atom_sites.fract_transf_matrix[1][1]   -0.00806135 
_atom_sites.fract_transf_matrix[1][2]   -0.01177353 
_atom_sites.fract_transf_matrix[1][3]   0.00097255 
_atom_sites.fract_transf_matrix[2][1]   0.01078969 
_atom_sites.fract_transf_matrix[2][2]   -0.00781611 
_atom_sites.fract_transf_matrix[2][3]   -0.00518605 
_atom_sites.fract_transf_matrix[3][1]   0.00610287 
_atom_sites.fract_transf_matrix[3][2]   -0.00278329 
_atom_sites.fract_transf_matrix[3][3]   0.01689198 
_atom_sites.fract_transf_vector[1]      0.229293 
_atom_sites.fract_transf_vector[2]      -0.270752 
_atom_sites.fract_transf_vector[3]      -0.125111 
# 
loop_
_atom_type.symbol 
C  
N  
O  
SE 
# 
loop_
_atom_site.group_PDB 
_atom_site.id 
_atom_site.type_symbol 
_atom_site.label_atom_id 
_atom_site.label_alt_id 
_atom_site.label_comp_id 
_atom_site.label_asym_id 
_atom_site.label_entity_id 
_atom_site.label_seq_id 
_atom_site.pdbx_PDB_ins_code 
_atom_site.Cartn_x 
_atom_site.Cartn_y 
_atom_site.Cartn_z 
_atom_site.occupancy 
_atom_site.B_iso_or_equiv 
_atom_site.pdbx_formal_charge 
_atom_site.auth_seq_id 
_atom_site.auth_comp_id 
_atom_site.auth_asym_id 
_atom_site.auth_atom_id 
_atom_site.pdbx_PDB_model_num 
ATOM   1    N  N     . ASN A 1 1  ? -2.801  -9.998  -12.311 1.00 37.12 ? 25  ASN A N     1 
ATOM   2    C  CA    . ASN A 1 1  ? -3.366  -8.610  -12.300 1.00 34.82 ? 25  ASN A CA    1 
ATOM   3    C  C     . ASN A 1 1  ? -2.316  -7.554  -12.603 1.00 31.35 ? 25  ASN A C     1 
ATOM   4    O  O     . ASN A 1 1  ? -1.270  -7.509  -11.966 1.00 35.69 ? 25  ASN A O     1 
ATOM   5    C  CB    . ASN A 1 1  ? -4.026  -8.313  -10.959 1.00 36.33 ? 25  ASN A CB    1 
ATOM   6    C  CG    . ASN A 1 1  ? -5.226  -9.208  -10.688 1.00 42.65 ? 25  ASN A CG    1 
ATOM   7    O  OD1   . ASN A 1 1  ? -5.198  -10.412 -10.973 1.00 51.10 ? 25  ASN A OD1   1 
ATOM   8    N  ND2   . ASN A 1 1  ? -6.291  -8.621  -10.138 1.00 46.61 ? 25  ASN A ND2   1 
ATOM   9    N  N     . LEU A 1 2  ? -2.581  -6.734  -13.613 1.00 27.24 ? 26  LEU A N     1 
ATOM   10   C  CA    . LEU A 1 2  ? -1.795  -5.547  -13.864 0.50 25.79 ? 26  LEU A CA    1 
ATOM   11   C  C     . LEU A 1 2  ? -1.722  -4.720  -12.561 1.00 27.99 ? 26  LEU A C     1 
ATOM   12   O  O     . LEU A 1 2  ? -2.764  -4.437  -11.879 1.00 27.95 ? 26  LEU A O     1 
ATOM   13   C  CB    . LEU A 1 2  ? -2.393  -4.724  -15.015 0.50 24.03 ? 26  LEU A CB    1 
ATOM   14   C  CG    . LEU A 1 2  ? -1.448  -3.737  -15.699 0.50 24.34 ? 26  LEU A CG    1 
ATOM   15   C  CD1   . LEU A 1 2  ? -0.418  -4.520  -16.540 0.50 20.11 ? 26  LEU A CD1   1 
ATOM   16   C  CD2   . LEU A 1 2  ? -2.218  -2.690  -16.536 0.50 22.05 ? 26  LEU A CD2   1 
ATOM   17   N  N     . LEU A 1 3  ? -0.487  -4.371  -12.214 1.00 26.89 ? 27  LEU A N     1 
ATOM   18   C  CA    . LEU A 1 3  ? -0.166  -3.623  -10.982 1.00 25.83 ? 27  LEU A CA    1 
ATOM   19   C  C     . LEU A 1 3  ? -0.237  -4.445  -9.667  1.00 28.52 ? 27  LEU A C     1 
ATOM   20   O  O     . LEU A 1 3  ? -0.061  -3.884  -8.570  1.00 24.09 ? 27  LEU A O     1 
ATOM   21   C  CB    . LEU A 1 3  ? -1.013  -2.324  -10.876 1.00 25.37 ? 27  LEU A CB    1 
ATOM   22   C  CG    . LEU A 1 3  ? -0.985  -1.278  -12.022 1.00 26.29 ? 27  LEU A CG    1 
ATOM   23   C  CD1   . LEU A 1 3  ? -1.765  0.000   -11.649 1.00 29.26 ? 27  LEU A CD1   1 
ATOM   24   C  CD2   . LEU A 1 3  ? 0.427   -0.918  -12.403 1.00 28.17 ? 27  LEU A CD2   1 
ATOM   25   N  N     . GLU A 1 4  ? -0.442  -5.762  -9.732  1.00 30.05 ? 28  GLU A N     1 
ATOM   26   C  CA    . GLU A 1 4  ? -0.557  -6.541  -8.482  1.00 31.42 ? 28  GLU A CA    1 
ATOM   27   C  C     . GLU A 1 4  ? 0.709   -6.555  -7.596  1.00 28.75 ? 28  GLU A C     1 
ATOM   28   O  O     . GLU A 1 4  ? 0.628   -6.374  -6.369  1.00 26.66 ? 28  GLU A O     1 
ATOM   29   C  CB    . GLU A 1 4  ? -1.007  -7.980  -8.747  1.00 33.75 ? 28  GLU A CB    1 
ATOM   30   C  CG    . GLU A 1 4  ? -1.465  -8.723  -7.492  1.00 37.76 ? 28  GLU A CG    1 
ATOM   31   C  CD    . GLU A 1 4  ? -1.657  -10.219 -7.743  1.00 40.75 ? 28  GLU A CD    1 
ATOM   32   O  OE1   . GLU A 1 4  ? -2.020  -10.604 -8.881  1.00 51.46 ? 28  GLU A OE1   1 
ATOM   33   O  OE2   . GLU A 1 4  ? -1.445  -11.010 -6.798  1.00 53.22 ? 28  GLU A OE2   1 
ATOM   34   N  N     . GLU A 1 5  ? 1.858   -6.793  -8.217  1.00 25.40 ? 29  GLU A N     1 
ATOM   35   C  CA    . GLU A 1 5  ? 3.124   -6.855  -7.481  1.00 26.43 ? 29  GLU A CA    1 
ATOM   36   C  C     . GLU A 1 5  ? 3.529   -5.460  -7.006  1.00 21.15 ? 29  GLU A C     1 
ATOM   37   O  O     . GLU A 1 5  ? 4.113   -5.296  -5.919  1.00 18.40 ? 29  GLU A O     1 
ATOM   38   C  CB    . GLU A 1 5  ? 4.229   -7.492  -8.338  1.00 25.37 ? 29  GLU A CB    1 
ATOM   39   C  CG    . GLU A 1 5  ? 4.060   -9.010  -8.461  1.00 37.25 ? 29  GLU A CG    1 
ATOM   40   C  CD    . GLU A 1 5  ? 5.210   -9.699  -9.198  1.00 36.33 ? 29  GLU A CD    1 
ATOM   41   O  OE1   . GLU A 1 5  ? 5.446   -9.397  -10.388 1.00 52.30 ? 29  GLU A OE1   1 
ATOM   42   O  OE2   . GLU A 1 5  ? 5.872   -10.567 -8.585  1.00 56.98 ? 29  GLU A OE2   1 
ATOM   43   N  N     . GLU A 1 6  ? 3.192   -4.461  -7.817  1.00 19.40 ? 30  GLU A N     1 
ATOM   44   C  CA    . GLU A 1 6  ? 3.504   -3.068  -7.504  1.00 18.34 ? 30  GLU A CA    1 
ATOM   45   C  C     . GLU A 1 6  ? 2.713   -2.648  -6.266  1.00 17.65 ? 30  GLU A C     1 
ATOM   46   O  O     . GLU A 1 6  ? 3.257   -2.001  -5.348  1.00 14.84 ? 30  GLU A O     1 
ATOM   47   C  CB    . GLU A 1 6  ? 3.122   -2.182  -8.676  1.00 18.72 ? 30  GLU A CB    1 
ATOM   48   C  CG    . GLU A 1 6  ? 4.083   -2.222  -9.893  1.00 20.30 ? 30  GLU A CG    1 
ATOM   49   C  CD    . GLU A 1 6  ? 4.018   -3.503  -10.682 1.00 36.12 ? 30  GLU A CD    1 
ATOM   50   O  OE1   . GLU A 1 6  ? 2.976   -4.208  -10.609 1.00 28.54 ? 30  GLU A OE1   1 
ATOM   51   O  OE2   . GLU A 1 6  ? 5.018   -3.796  -11.387 1.00 39.10 ? 30  GLU A OE2   1 
ATOM   52   N  N     . SER A 1 7  ? 1.436   -3.022  -6.249  1.00 16.04 ? 31  SER A N     1 
ATOM   53   C  CA    . SER A 1 7  ? 0.554   -2.826  -5.069  1.00 16.86 ? 31  SER A CA    1 
ATOM   54   C  C     . SER A 1 7  ? 1.136   -3.284  -3.754  1.00 15.88 ? 31  SER A C     1 
ATOM   55   O  O     . SER A 1 7  ? 1.105   -2.541  -2.738  1.00 16.15 ? 31  SER A O     1 
ATOM   56   C  CB    . SER A 1 7  ? -0.773  -3.567  -5.295  1.00 16.15 ? 31  SER A CB    1 
ATOM   57   O  OG    . SER A 1 7  ? -1.599  -2.703  -5.997  1.00 21.47 ? 31  SER A OG    1 
ATOM   58   N  N     . ALA A 1 8  ? 1.712   -4.492  -3.774  1.00 15.24 ? 32  ALA A N     1 
ATOM   59   C  CA    . ALA A 1 8  ? 2.281   -5.115  -2.608  1.00 16.02 ? 32  ALA A CA    1 
ATOM   60   C  C     . ALA A 1 8  ? 3.528   -4.340  -2.125  1.00 15.87 ? 32  ALA A C     1 
ATOM   61   O  O     . ALA A 1 8  ? 3.714   -4.128  -0.927  1.00 16.50 ? 32  ALA A O     1 
ATOM   62   C  CB    . ALA A 1 8  ? 2.609   -6.564  -2.870  1.00 16.87 ? 32  ALA A CB    1 
ATOM   63   N  N     . VAL A 1 9  ? 4.354   -3.907  -3.077  1.00 13.93 ? 33  VAL A N     1 
ATOM   64   C  CA    . VAL A 1 9  ? 5.563   -3.129  -2.751  1.00 13.02 ? 33  VAL A CA    1 
ATOM   65   C  C     . VAL A 1 9  ? 5.177   -1.787  -2.135  1.00 11.13 ? 33  VAL A C     1 
ATOM   66   O  O     . VAL A 1 9  ? 5.773   -1.354  -1.117  1.00 14.08 ? 33  VAL A O     1 
ATOM   67   C  CB    . VAL A 1 9  ? 6.434   -2.951  -4.011  1.00 14.80 ? 33  VAL A CB    1 
ATOM   68   C  CG1   . VAL A 1 9  ? 7.515   -1.852  -3.808  1.00 15.00 ? 33  VAL A CG1   1 
ATOM   69   C  CG2   . VAL A 1 9  ? 7.086   -4.309  -4.422  1.00 16.80 ? 33  VAL A CG2   1 
ATOM   70   N  N     . LEU A 1 10 ? 4.172   -1.152  -2.708  1.00 12.13 ? 34  LEU A N     1 
ATOM   71   C  CA    . LEU A 1 10 ? 3.689   0.151   -2.250  1.00 15.20 ? 34  LEU A CA    1 
ATOM   72   C  C     . LEU A 1 10 ? 3.097   0.025   -0.832  1.00 16.19 ? 34  LEU A C     1 
ATOM   73   O  O     . LEU A 1 10 ? 3.401   0.832   0.057   1.00 10.92 ? 34  LEU A O     1 
ATOM   74   C  CB    . LEU A 1 10 ? 2.679   0.713   -3.209  1.00 13.84 ? 34  LEU A CB    1 
ATOM   75   C  CG    . LEU A 1 10 ? 2.036   2.082   -2.851  1.00 12.66 ? 34  LEU A CG    1 
ATOM   76   C  CD1   . LEU A 1 10 ? 3.036   3.179   -2.502  1.00 15.37 ? 34  LEU A CD1   1 
ATOM   77   C  CD2   . LEU A 1 10 ? 1.029   2.517   -3.901  1.00 14.64 ? 34  LEU A CD2   1 
ATOM   78   N  N     . GLY A 1 11 ? 2.296   -1.015  -0.644  1.00 15.13 ? 35  GLY A N     1 
ATOM   79   C  CA    . GLY A 1 11 ? 1.689   -1.319  0.659   1.00 15.98 ? 35  GLY A CA    1 
ATOM   80   C  C     . GLY A 1 11 ? 2.740   -1.579  1.720   1.00 18.85 ? 35  GLY A C     1 
ATOM   81   O  O     . GLY A 1 11 ? 2.579   -1.135  2.859   1.00 16.23 ? 35  GLY A O     1 
ATOM   82   N  N     . GLN A 1 12 ? 3.822   -2.280  1.369   1.00 14.33 ? 36  GLN A N     1 
ATOM   83   C  CA    . GLN A 1 12 ? 4.917   -2.506  2.297   1.00 15.65 ? 36  GLN A CA    1 
ATOM   84   C  C     . GLN A 1 12 ? 5.616   -1.213  2.699   1.00 16.65 ? 36  GLN A C     1 
ATOM   85   O  O     . GLN A 1 12 ? 5.981   -1.060  3.864   1.00 18.57 ? 36  GLN A O     1 
ATOM   86   C  CB    . GLN A 1 12 ? 5.984   -3.438  1.730   1.00 18.33 ? 36  GLN A CB    1 
ATOM   87   C  CG    . GLN A 1 12 ? 7.003   -3.851  2.784   1.00 29.34 ? 36  GLN A CG    1 
ATOM   88   C  CD    . GLN A 1 12 ? 6.333   -4.633  3.930   1.00 44.87 ? 36  GLN A CD    1 
ATOM   89   O  OE1   . GLN A 1 12 ? 5.747   -5.707  3.703   1.00 51.16 ? 36  GLN A OE1   1 
ATOM   90   N  NE2   . GLN A 1 12 ? 6.386   -4.084  5.152   1.00 40.50 ? 36  GLN A NE2   1 
ATOM   91   N  N     . ALA A 1 13 ? 5.795   -0.298  1.743   1.00 14.50 ? 37  ALA A N     1 
ATOM   92   C  CA    . ALA A 1 13 ? 6.457   0.966   2.048   1.00 16.00 ? 37  ALA A CA    1 
ATOM   93   C  C     . ALA A 1 13 ? 5.591   1.721   3.068   1.00 15.32 ? 37  ALA A C     1 
ATOM   94   O  O     . ALA A 1 13 ? 6.134   2.305   4.038   1.00 15.45 ? 37  ALA A O     1 
ATOM   95   C  CB    . ALA A 1 13 ? 6.669   1.813   0.767   1.00 15.77 ? 37  ALA A CB    1 
ATOM   96   N  N     . VAL A 1 14 ? 4.271   1.676   2.865   1.00 15.28 ? 38  VAL A N     1 
ATOM   97   C  CA    . VAL A 1 14 ? 3.337   2.431   3.734   1.00 17.35 ? 38  VAL A CA    1 
ATOM   98   C  C     . VAL A 1 14 ? 3.386   1.851   5.154   1.00 19.06 ? 38  VAL A C     1 
ATOM   99   O  O     . VAL A 1 14 ? 3.671   2.583   6.121   1.00 17.63 ? 38  VAL A O     1 
ATOM   100  C  CB    . VAL A 1 14 ? 1.911   2.496   3.170   1.00 14.20 ? 38  VAL A CB    1 
ATOM   101  C  CG1   . VAL A 1 14 ? 0.961   3.074   4.191   1.00 19.47 ? 38  VAL A CG1   1 
ATOM   102  C  CG2   . VAL A 1 14 ? 1.858   3.364   1.869   1.00 14.67 ? 38  VAL A CG2   1 
ATOM   103  N  N     . THR A 1 15 ? 3.236   0.536   5.269   1.00 19.44 ? 39  THR A N     1 
ATOM   104  C  CA    . THR A 1 15 ? 3.363   -0.109  6.597   1.00 20.98 ? 39  THR A CA    1 
ATOM   105  C  C     . THR A 1 15 ? 4.733   0.132   7.241   1.00 21.12 ? 39  THR A C     1 
ATOM   106  O  O     . THR A 1 15 ? 4.837   0.393   8.440   1.00 24.49 ? 39  THR A O     1 
ATOM   107  C  CB    . THR A 1 15 ? 2.993   -1.614  6.549   1.00 23.94 ? 39  THR A CB    1 
ATOM   108  O  OG1   . THR A 1 15 ? 4.050   -2.345  5.948   1.00 38.09 ? 39  THR A OG1   1 
ATOM   109  C  CG2   . THR A 1 15 ? 1.743   -1.847  5.766   1.00 18.79 ? 39  THR A CG2   1 
ATOM   110  N  N     . ASN A 1 16 ? 5.806   0.094   6.465   1.00 18.55 ? 40  ASN A N     1 
ATOM   111  C  CA    . ASN A 1 16 ? 7.126   0.347   6.999   1.00 20.05 ? 40  ASN A CA    1 
ATOM   112  C  C     . ASN A 1 16 ? 7.274   1.750   7.608   1.00 22.14 ? 40  ASN A C     1 
ATOM   113  O  O     . ASN A 1 16 ? 7.903   1.909   8.667   1.00 22.74 ? 40  ASN A O     1 
ATOM   114  C  CB    . ASN A 1 16 ? 8.196   0.187   5.918   1.00 24.28 ? 40  ASN A CB    1 
ATOM   115  C  CG    . ASN A 1 16 ? 8.543   -1.238  5.652   1.00 22.97 ? 40  ASN A CG    1 
ATOM   116  O  OD1   . ASN A 1 16 ? 8.068   -2.158  6.320   1.00 27.34 ? 40  ASN A OD1   1 
ATOM   117  N  ND2   . ASN A 1 16 ? 9.384   -1.438  4.652   1.00 26.02 ? 40  ASN A ND2   1 
ATOM   118  N  N     . LEU A 1 17 ? 6.726   2.755   6.928   1.00 21.31 ? 41  LEU A N     1 
ATOM   119  C  CA    . LEU A 1 17 ? 6.668   4.121   7.476   1.00 20.97 ? 41  LEU A CA    1 
ATOM   120  C  C     . LEU A 1 17 ? 5.854   4.196   8.759   1.00 21.84 ? 41  LEU A C     1 
ATOM   121  O  O     . LEU A 1 17 ? 6.249   4.873   9.718   1.00 24.50 ? 41  LEU A O     1 
ATOM   122  C  CB    . LEU A 1 17 ? 6.071   5.099   6.452   1.00 19.34 ? 41  LEU A CB    1 
ATOM   123  C  CG    . LEU A 1 17 ? 7.055   5.341   5.307   1.00 17.48 ? 41  LEU A CG    1 
ATOM   124  C  CD1   . LEU A 1 17 ? 6.302   6.016   4.223   1.00 14.84 ? 41  LEU A CD1   1 
ATOM   125  C  CD2   . LEU A 1 17 ? 8.341   6.111   5.762   1.00 19.95 ? 41  LEU A CD2   1 
HETATM 126  N  N     . MSE A 1 18 ? 4.709   3.542   8.782   1.00 21.14 ? 42  MSE A N     1 
HETATM 127  C  CA    . MSE A 1 18 ? 3.888   3.568   9.990   1.00 27.89 ? 42  MSE A CA    1 
HETATM 128  C  C     . MSE A 1 18 ? 4.595   2.866   11.201  1.00 30.45 ? 42  MSE A C     1 
HETATM 129  O  O     . MSE A 1 18 ? 4.508   3.325   12.383  1.00 29.39 ? 42  MSE A O     1 
HETATM 130  C  CB    . MSE A 1 18 ? 2.542   2.917   9.667   1.00 23.97 ? 42  MSE A CB    1 
HETATM 131  C  CG    . MSE A 1 18 ? 1.607   3.663   8.697   1.00 27.81 ? 42  MSE A CG    1 
HETATM 132  SE SE    . MSE A 1 18 ? 0.126   2.399   8.698   1.00 40.99 ? 42  MSE A SE    1 
HETATM 133  C  CE    . MSE A 1 18 ? -1.327  2.822   7.561   1.00 4.04  ? 42  MSE A CE    1 
ATOM   134  N  N     . LEU A 1 19 ? 5.320   1.786   10.905  1.00 26.89 ? 43  LEU A N     1 
ATOM   135  C  CA    . LEU A 1 19 ? 6.108   1.059   11.913  1.00 30.05 ? 43  LEU A CA    1 
ATOM   136  C  C     . LEU A 1 19 ? 7.231   1.902   12.487  1.00 29.76 ? 43  LEU A C     1 
ATOM   137  O  O     . LEU A 1 19 ? 7.526   1.800   13.673  1.00 32.44 ? 43  LEU A O     1 
ATOM   138  C  CB    . LEU A 1 19 ? 6.700   -0.237  11.343  1.00 28.11 ? 43  LEU A CB    1 
ATOM   139  C  CG    . LEU A 1 19 ? 5.892   -1.548  11.355  1.00 38.14 ? 43  LEU A CG    1 
ATOM   140  C  CD1   . LEU A 1 19 ? 4.398   -1.314  11.228  1.00 40.75 ? 43  LEU A CD1   1 
ATOM   141  C  CD2   . LEU A 1 19 ? 6.375   -2.501  10.237  1.00 30.09 ? 43  LEU A CD2   1 
ATOM   142  N  N     . SER A 1 20 ? 7.865   2.729   11.663  1.00 26.68 ? 44  SER A N     1 
ATOM   143  C  CA    . SER A 1 20 ? 8.968   3.572   12.143  1.00 28.98 ? 44  SER A CA    1 
ATOM   144  C  C     . SER A 1 20 ? 8.468   4.875   12.781  1.00 30.21 ? 44  SER A C     1 
ATOM   145  O  O     . SER A 1 20 ? 9.273   5.708   13.214  1.00 32.10 ? 44  SER A O     1 
ATOM   146  C  CB    . SER A 1 20 ? 10.010  3.828   11.032  1.00 30.79 ? 44  SER A CB    1 
ATOM   147  O  OG    . SER A 1 20 ? 9.425   4.420   9.861   1.00 31.44 ? 44  SER A OG    1 
ATOM   148  N  N     . GLY A 1 21 ? 7.140   5.027   12.846  1.00 27.09 ? 45  GLY A N     1 
ATOM   149  C  CA    . GLY A 1 21 ? 6.493   6.242   13.307  1.00 29.20 ? 45  GLY A CA    1 
ATOM   150  C  C     . GLY A 1 21 ? 6.717   7.460   12.431  1.00 29.77 ? 45  GLY A C     1 
ATOM   151  O  O     . GLY A 1 21 ? 6.680   8.594   12.935  1.00 31.64 ? 45  GLY A O     1 
ATOM   152  N  N     . ASP A 1 22 ? 6.930   7.259   11.127  1.00 24.52 ? 46  ASP A N     1 
ATOM   153  C  CA    . ASP A 1 22 ? 7.094   8.409   10.220  1.00 25.92 ? 46  ASP A CA    1 
ATOM   154  C  C     . ASP A 1 22 ? 5.766   8.819   9.570   1.00 25.54 ? 46  ASP A C     1 
ATOM   155  O  O     . ASP A 1 22 ? 4.784   8.064   9.581   1.00 26.94 ? 46  ASP A O     1 
ATOM   156  C  CB    . ASP A 1 22 ? 8.209   8.161   9.202   1.00 28.23 ? 46  ASP A CB    1 
ATOM   157  C  CG    . ASP A 1 22 ? 9.589   8.082   9.857   1.00 37.33 ? 46  ASP A CG    1 
ATOM   158  O  OD1   . ASP A 1 22 ? 10.053  9.126   10.354  1.00 38.08 ? 46  ASP A OD1   1 
ATOM   159  O  OD2   . ASP A 1 22 ? 10.225  6.993   9.863   1.00 35.81 ? 46  ASP A OD2   1 
ATOM   160  N  N     . ASN A 1 23 ? 5.724   10.040  9.047   1.00 21.72 ? 47  ASN A N     1 
ATOM   161  C  CA    . ASN A 1 23 ? 4.547   10.500  8.315   1.00 24.08 ? 47  ASN A CA    1 
ATOM   162  C  C     . ASN A 1 23 ? 4.419   9.696   7.016   1.00 20.42 ? 47  ASN A C     1 
ATOM   163  O  O     . ASN A 1 23 ? 5.423   9.424   6.348   1.00 21.74 ? 47  ASN A O     1 
ATOM   164  C  CB    . ASN A 1 23 ? 4.685   11.966  7.940   1.00 26.16 ? 47  ASN A CB    1 
ATOM   165  C  CG    . ASN A 1 23 ? 4.908   12.848  9.126   1.00 37.03 ? 47  ASN A CG    1 
ATOM   166  O  OD1   . ASN A 1 23 ? 5.808   13.693  9.121   1.00 40.05 ? 47  ASN A OD1   1 
ATOM   167  N  ND2   . ASN A 1 23 ? 4.089   12.668  10.155  1.00 32.33 ? 47  ASN A ND2   1 
ATOM   168  N  N     . VAL A 1 24 ? 3.180   9.339   6.684   1.00 19.89 ? 48  VAL A N     1 
ATOM   169  C  CA    . VAL A 1 24 ? 2.890   8.692   5.408   1.00 18.28 ? 48  VAL A CA    1 
ATOM   170  C  C     . VAL A 1 24 ? 2.576   9.839   4.443   1.00 16.16 ? 48  VAL A C     1 
ATOM   171  O  O     . VAL A 1 24 ? 1.463   10.378  4.426   1.00 20.76 ? 48  VAL A O     1 
ATOM   172  C  CB    . VAL A 1 24 ? 1.725   7.716   5.498   1.00 18.49 ? 48  VAL A CB    1 
ATOM   173  C  CG1   . VAL A 1 24 ? 1.469   7.051   4.107   1.00 17.56 ? 48  VAL A CG1   1 
ATOM   174  C  CG2   . VAL A 1 24 ? 2.014   6.667   6.604   1.00 17.88 ? 48  VAL A CG2   1 
ATOM   175  N  N     . ASN A 1 25 ? 3.572   10.209  3.665   1.00 17.77 ? 49  ASN A N     1 
ATOM   176  C  CA    . ASN A 1 25 ? 3.373   11.201  2.605   1.00 19.38 ? 49  ASN A CA    1 
ATOM   177  C  C     . ASN A 1 25 ? 4.166   10.843  1.371   1.00 20.14 ? 49  ASN A C     1 
ATOM   178  O  O     . ASN A 1 25 ? 4.913   9.888   1.380   1.00 17.53 ? 49  ASN A O     1 
ATOM   179  C  CB    . ASN A 1 25 ? 3.691   12.603  3.078   1.00 18.81 ? 49  ASN A CB    1 
ATOM   180  C  CG    . ASN A 1 25 ? 5.090   12.726  3.679   1.00 25.99 ? 49  ASN A CG    1 
ATOM   181  O  OD1   . ASN A 1 25 ? 6.024   12.109  3.205   1.00 22.50 ? 49  ASN A OD1   1 
ATOM   182  N  ND2   . ASN A 1 25 ? 5.235   13.574  4.713   1.00 25.63 ? 49  ASN A ND2   1 
ATOM   183  N  N     . ASN A 1 26 ? 3.991   11.616  0.301   1.00 21.05 ? 50  ASN A N     1 
ATOM   184  C  CA    . ASN A 1 26 ? 4.608   11.253  -0.977  1.00 20.04 ? 50  ASN A CA    1 
ATOM   185  C  C     . ASN A 1 26 ? 6.111   11.193  -0.827  1.00 18.16 ? 50  ASN A C     1 
ATOM   186  O  O     . ASN A 1 26 ? 6.743   10.260  -1.270  1.00 14.91 ? 50  ASN A O     1 
ATOM   187  C  CB    . ASN A 1 26 ? 4.211   12.267  -2.073  1.00 23.53 ? 50  ASN A CB    1 
ATOM   188  C  CG    . ASN A 1 26 ? 2.698   12.311  -2.336  1.00 31.58 ? 50  ASN A CG    1 
ATOM   189  O  OD1   . ASN A 1 26 ? 2.109   11.361  -2.843  1.00 39.23 ? 50  ASN A OD1   1 
ATOM   190  N  ND2   . ASN A 1 26 ? 2.073   13.424  -1.985  1.00 38.77 ? 50  ASN A ND2   1 
ATOM   191  N  N     . LYS A 1 27 ? 6.700   12.198  -0.167  1.00 19.61 ? 51  LYS A N     1 
ATOM   192  C  CA    . LYS A 1 27 ? 8.157   12.256  -0.044  1.00 20.00 ? 51  LYS A CA    1 
ATOM   193  C  C     . LYS A 1 27 ? 8.703   10.988  0.601   1.00 16.31 ? 51  LYS A C     1 
ATOM   194  O  O     . LYS A 1 27 ? 9.629   10.392  0.107   1.00 16.31 ? 51  LYS A O     1 
ATOM   195  C  CB    . LYS A 1 27 ? 8.601   13.497  0.779   1.00 19.98 ? 51  LYS A CB    1 
ATOM   196  C  CG    . LYS A 1 27 ? 10.110  13.508  1.047   1.00 28.64 ? 51  LYS A CG    1 
ATOM   197  C  CD    . LYS A 1 27 ? 10.620  14.742  1.846   1.00 27.06 ? 51  LYS A CD    1 
ATOM   198  C  CE    . LYS A 1 27 ? 10.083  14.762  3.268   1.00 41.69 ? 51  LYS A CE    1 
ATOM   199  N  NZ    . LYS A 1 27 ? 11.069  15.388  4.222   1.00 52.32 ? 51  LYS A NZ    1 
ATOM   200  N  N     . ASN A 1 28 ? 8.137   10.609  1.755   1.00 14.10 ? 52  ASN A N     1 
ATOM   201  C  CA    . ASN A 1 28 ? 8.642   9.509   2.511   1.00 16.60 ? 52  ASN A CA    1 
ATOM   202  C  C     . ASN A 1 28 ? 8.451   8.166   1.816   1.00 16.69 ? 52  ASN A C     1 
ATOM   203  O  O     . ASN A 1 28 ? 9.301   7.302   1.964   1.00 16.49 ? 52  ASN A O     1 
ATOM   204  C  CB    . ASN A 1 28 ? 7.976   9.493   3.890   1.00 15.95 ? 52  ASN A CB    1 
ATOM   205  C  CG    . ASN A 1 28 ? 8.513   10.609  4.791   1.00 23.66 ? 52  ASN A CG    1 
ATOM   206  O  OD1   . ASN A 1 28 ? 9.581   11.185  4.507   1.00 22.71 ? 52  ASN A OD1   1 
ATOM   207  N  ND2   . ASN A 1 28 ? 7.805   10.904  5.873   1.00 23.66 ? 52  ASN A ND2   1 
ATOM   208  N  N     . ILE A 1 29 ? 7.346   8.017   1.084   1.00 15.42 ? 53  ILE A N     1 
ATOM   209  C  CA    . ILE A 1 29 ? 7.084   6.787   0.304   1.00 16.05 ? 53  ILE A CA    1 
ATOM   210  C  C     . ILE A 1 29 ? 8.154   6.667   -0.761  1.00 17.37 ? 53  ILE A C     1 
ATOM   211  O  O     . ILE A 1 29 ? 8.750   5.604   -0.916  1.00 17.49 ? 53  ILE A O     1 
ATOM   212  C  CB    . ILE A 1 29 ? 5.673   6.759   -0.302  1.00 15.21 ? 53  ILE A CB    1 
ATOM   213  C  CG1   . ILE A 1 29 ? 4.634   6.595   0.845   1.00 17.40 ? 53  ILE A CG1   1 
ATOM   214  C  CG2   . ILE A 1 29 ? 5.556   5.599   -1.342  1.00 17.42 ? 53  ILE A CG2   1 
ATOM   215  C  CD1   . ILE A 1 29 ? 3.197   6.841   0.452   1.00 17.66 ? 53  ILE A CD1   1 
ATOM   216  N  N     . ILE A 1 30 ? 8.406   7.771   -1.470  1.00 15.96 ? 54  ILE A N     1 
ATOM   217  C  CA    . ILE A 1 30 ? 9.446   7.790   -2.518  1.00 16.81 ? 54  ILE A CA    1 
ATOM   218  C  C     . ILE A 1 30 ? 10.803  7.412   -1.966  1.00 15.58 ? 54  ILE A C     1 
ATOM   219  O  O     . ILE A 1 30 ? 11.501  6.562   -2.546  1.00 15.48 ? 54  ILE A O     1 
ATOM   220  C  CB    . ILE A 1 30 ? 9.481   9.162   -3.264  1.00 15.61 ? 54  ILE A CB    1 
ATOM   221  C  CG1   . ILE A 1 30 ? 8.245   9.296   -4.151  1.00 15.54 ? 54  ILE A CG1   1 
ATOM   222  C  CG2   . ILE A 1 30 ? 10.744  9.283   -4.143  1.00 20.71 ? 54  ILE A CG2   1 
ATOM   223  C  CD1   . ILE A 1 30 ? 7.921   10.777  -4.507  1.00 23.39 ? 54  ILE A CD1   1 
ATOM   224  N  N     . LEU A 1 31 ? 11.207  8.054   -0.854  1.00 18.68 ? 55  LEU A N     1 
ATOM   225  C  CA    . LEU A 1 31 ? 12.491  7.761   -0.235  1.00 17.79 ? 55  LEU A CA    1 
ATOM   226  C  C     . LEU A 1 31 ? 12.588  6.296   0.210   1.00 17.99 ? 55  LEU A C     1 
ATOM   227  O  O     . LEU A 1 31 ? 13.629  5.657   0.069   1.00 17.56 ? 55  LEU A O     1 
ATOM   228  C  CB    . LEU A 1 31 ? 12.752  8.722   0.936   1.00 18.88 ? 55  LEU A CB    1 
ATOM   229  C  CG    . LEU A 1 31 ? 12.960  10.187  0.498   1.00 19.95 ? 55  LEU A CG    1 
ATOM   230  C  CD1   . LEU A 1 31 ? 13.087  11.092  1.744   1.00 22.87 ? 55  LEU A CD1   1 
ATOM   231  C  CD2   . LEU A 1 31 ? 14.182  10.318  -0.425  1.00 25.49 ? 55  LEU A CD2   1 
ATOM   232  N  N     . SER A 1 32 ? 11.475  5.755   0.699   1.00 18.53 ? 56  SER A N     1 
ATOM   233  C  CA    A SER A 1 32 ? 11.452  4.365   1.119   0.50 17.77 ? 56  SER A CA    1 
ATOM   234  C  CA    B SER A 1 32 ? 11.405  4.352   1.113   0.50 17.31 ? 56  SER A CA    1 
ATOM   235  C  C     . SER A 1 32 ? 11.615  3.411   -0.088  1.00 17.51 ? 56  SER A C     1 
ATOM   236  O  O     . SER A 1 32 ? 12.326  2.393   -0.007  1.00 16.92 ? 56  SER A O     1 
ATOM   237  C  CB    A SER A 1 32 ? 10.170  4.073   1.892   0.50 19.38 ? 56  SER A CB    1 
ATOM   238  C  CB    B SER A 1 32 ? 10.044  4.061   1.752   0.50 18.84 ? 56  SER A CB    1 
ATOM   239  O  OG    A SER A 1 32 ? 10.152  2.725   2.316   0.50 21.92 ? 56  SER A OG    1 
ATOM   240  O  OG    B SER A 1 32 ? 9.905   4.695   3.005   0.50 17.75 ? 56  SER A OG    1 
ATOM   241  N  N     . LEU A 1 33 ? 10.953  3.750   -1.190  1.00 16.68 ? 57  LEU A N     1 
ATOM   242  C  CA    . LEU A 1 33 ? 11.055  2.922   -2.406  1.00 17.93 ? 57  LEU A CA    1 
ATOM   243  C  C     . LEU A 1 33 ? 12.478  3.014   -2.962  1.00 20.62 ? 57  LEU A C     1 
ATOM   244  O  O     . LEU A 1 33 ? 13.077  1.993   -3.380  1.00 18.65 ? 57  LEU A O     1 
ATOM   245  C  CB    . LEU A 1 33 ? 10.027  3.338   -3.440  1.00 16.56 ? 57  LEU A CB    1 
ATOM   246  C  CG    . LEU A 1 33 ? 8.551   3.032   -3.085  1.00 16.93 ? 57  LEU A CG    1 
ATOM   247  C  CD1   . LEU A 1 33 ? 7.570   3.663   -4.033  1.00 19.27 ? 57  LEU A CD1   1 
ATOM   248  C  CD2   . LEU A 1 33 ? 8.303   1.521   -3.029  1.00 19.55 ? 57  LEU A CD2   1 
ATOM   249  N  N     . ILE A 1 34 ? 13.024  4.236   -2.974  1.00 21.04 ? 58  ILE A N     1 
ATOM   250  C  CA    . ILE A 1 34 ? 14.386  4.410   -3.528  1.00 22.75 ? 58  ILE A CA    1 
ATOM   251  C  C     . ILE A 1 34 ? 15.323  3.600   -2.669  1.00 22.77 ? 58  ILE A C     1 
ATOM   252  O  O     . ILE A 1 34 ? 16.177  2.900   -3.191  1.00 24.25 ? 58  ILE A O     1 
ATOM   253  C  CB    . ILE A 1 34 ? 14.825  5.874   -3.591  1.00 23.60 ? 58  ILE A CB    1 
ATOM   254  C  CG1   . ILE A 1 34 ? 14.115  6.604   -4.738  1.00 23.86 ? 58  ILE A CG1   1 
ATOM   255  C  CG2   . ILE A 1 34 ? 16.377  5.977   -3.724  1.00 26.88 ? 58  ILE A CG2   1 
ATOM   256  C  CD1   . ILE A 1 34 ? 14.169  8.124   -4.605  1.00 24.33 ? 58  ILE A CD1   1 
ATOM   257  N  N     . HIS A 1 35 ? 15.141  3.654   -1.351  1.00 24.17 ? 59  HIS A N     1 
ATOM   258  C  CA    . HIS A 1 35 ? 15.957  2.831   -0.464  1.00 25.58 ? 59  HIS A CA    1 
ATOM   259  C  C     . HIS A 1 35 ? 15.845  1.324   -0.763  1.00 23.57 ? 59  HIS A C     1 
ATOM   260  O  O     . HIS A 1 35 ? 16.842  0.597   -0.760  1.00 23.95 ? 59  HIS A O     1 
ATOM   261  C  CB    . HIS A 1 35 ? 15.617  3.067   0.996   1.00 24.30 ? 59  HIS A CB    1 
ATOM   262  C  CG    . HIS A 1 35 ? 16.379  2.163   1.910   1.00 31.40 ? 59  HIS A CG    1 
ATOM   263  N  ND1   . HIS A 1 35 ? 17.753  2.222   2.034   1.00 31.50 ? 59  HIS A ND1   1 
ATOM   264  C  CD2   . HIS A 1 35 ? 15.967  1.150   2.707   1.00 28.17 ? 59  HIS A CD2   1 
ATOM   265  C  CE1   . HIS A 1 35 ? 18.150  1.296   2.891   1.00 33.24 ? 59  HIS A CE1   1 
ATOM   266  N  NE2   . HIS A 1 35 ? 17.086  0.631   3.311   1.00 35.34 ? 59  HIS A NE2   1 
ATOM   267  N  N     . SER A 1 36 ? 14.623  0.855   -0.991  1.00 23.50 ? 60  SER A N     1 
ATOM   268  C  CA    . SER A 1 36 ? 14.411  -0.539  -1.390  1.00 23.27 ? 60  SER A CA    1 
ATOM   269  C  C     . SER A 1 36 ? 15.095  -0.829  -2.730  1.00 22.01 ? 60  SER A C     1 
ATOM   270  O  O     . SER A 1 36 ? 15.729  -1.861  -2.891  1.00 23.71 ? 60  SER A O     1 
ATOM   271  C  CB    . SER A 1 36 ? 12.918  -0.825  -1.500  1.00 20.96 ? 60  SER A CB    1 
ATOM   272  O  OG    . SER A 1 36 ? 12.342  -0.730  -0.216  1.00 23.94 ? 60  SER A OG    1 
ATOM   273  N  N     . LEU A 1 37 ? 14.952  0.076   -3.690  1.00 24.16 ? 61  LEU A N     1 
ATOM   274  C  CA    . LEU A 1 37 ? 15.540  -0.155  -5.011  1.00 28.25 ? 61  LEU A CA    1 
ATOM   275  C  C     . LEU A 1 37 ? 17.057  -0.287  -4.904  1.00 32.22 ? 61  LEU A C     1 
ATOM   276  O  O     . LEU A 1 37 ? 17.672  -1.171  -5.538  1.00 34.02 ? 61  LEU A O     1 
ATOM   277  C  CB    . LEU A 1 37 ? 15.157  0.970   -5.978  1.00 28.64 ? 61  LEU A CB    1 
ATOM   278  C  CG    . LEU A 1 37 ? 15.608  0.866   -7.440  1.00 28.92 ? 61  LEU A CG    1 
ATOM   279  C  CD1   . LEU A 1 37 ? 15.133  -0.452  -8.103  1.00 26.16 ? 61  LEU A CD1   1 
ATOM   280  C  CD2   . LEU A 1 37 ? 15.130  2.083   -8.212  1.00 31.37 ? 61  LEU A CD2   1 
ATOM   281  N  N     . GLU A 1 38 ? 17.649  0.564   -4.068  1.00 31.47 ? 62  GLU A N     1 
ATOM   282  C  CA    . GLU A 1 38 ? 19.102  0.580   -3.907  1.00 37.87 ? 62  GLU A CA    1 
ATOM   283  C  C     . GLU A 1 38 ? 19.635  -0.632  -3.146  1.00 37.39 ? 62  GLU A C     1 
ATOM   284  O  O     . GLU A 1 38 ? 20.812  -0.940  -3.246  1.00 40.65 ? 62  GLU A O     1 
ATOM   285  C  CB    . GLU A 1 38 ? 19.592  1.889   -3.241  1.00 38.49 ? 62  GLU A CB    1 
ATOM   286  C  CG    . GLU A 1 38 ? 19.234  3.199   -3.992  1.00 49.13 ? 62  GLU A CG    1 
ATOM   287  C  CD    . GLU A 1 38 ? 19.999  3.417   -5.308  1.00 61.83 ? 62  GLU A CD    1 
ATOM   288  O  OE1   . GLU A 1 38 ? 20.654  4.477   -5.451  1.00 67.59 ? 62  GLU A OE1   1 
ATOM   289  O  OE2   . GLU A 1 38 ? 19.932  2.546   -6.206  1.00 69.29 ? 62  GLU A OE2   1 
ATOM   290  N  N     . THR A 1 39 ? 18.790  -1.314  -2.383  1.00 38.23 ? 63  THR A N     1 
ATOM   291  C  CA    . THR A 1 39 ? 19.245  -2.450  -1.559  1.00 35.73 ? 63  THR A CA    1 
ATOM   292  C  C     . THR A 1 39 ? 18.813  -3.816  -2.091  1.00 37.11 ? 63  THR A C     1 
ATOM   293  O  O     . THR A 1 39 ? 18.974  -4.840  -1.422  1.00 37.99 ? 63  THR A O     1 
ATOM   294  C  CB    . THR A 1 39 ? 18.845  -2.281  -0.060  1.00 39.08 ? 63  THR A CB    1 
ATOM   295  O  OG1   . THR A 1 39 ? 17.417  -2.240  0.074   1.00 34.32 ? 63  THR A OG1   1 
ATOM   296  C  CG2   . THR A 1 39 ? 19.442  -0.991  0.524   1.00 37.55 ? 63  THR A CG2   1 
ATOM   297  N  N     . THR A 1 40 ? 18.267  -3.832  -3.311  1.00 35.78 ? 64  THR A N     1 
ATOM   298  C  CA    . THR A 1 40 ? 17.891  -5.073  -3.976  1.00 34.87 ? 64  THR A CA    1 
ATOM   299  C  C     . THR A 1 40 ? 18.881  -5.349  -5.108  1.00 36.65 ? 64  THR A C     1 
ATOM   300  O  O     . THR A 1 40 ? 19.168  -4.475  -5.941  1.00 39.97 ? 64  THR A O     1 
ATOM   301  C  CB    . THR A 1 40 ? 16.452  -4.987  -4.571  1.00 35.43 ? 64  THR A CB    1 
ATOM   302  O  OG1   . THR A 1 40 ? 15.536  -4.581  -3.555  1.00 34.89 ? 64  THR A OG1   1 
ATOM   303  C  CG2   . THR A 1 40 ? 16.002  -6.329  -5.118  1.00 38.73 ? 64  THR A CG2   1 
ATOM   304  N  N     . SER A 1 41 ? 19.403  -6.561  -5.141  1.00 34.95 ? 65  SER A N     1 
ATOM   305  C  CA    A SER A 1 41 ? 20.319  -6.944  -6.206  0.50 35.00 ? 65  SER A CA    1 
ATOM   306  C  CA    B SER A 1 41 ? 20.332  -6.959  -6.189  0.50 34.78 ? 65  SER A CA    1 
ATOM   307  C  C     . SER A 1 41 ? 19.624  -7.807  -7.248  1.00 34.92 ? 65  SER A C     1 
ATOM   308  O  O     . SER A 1 41 ? 20.173  -8.051  -8.331  1.00 37.41 ? 65  SER A O     1 
ATOM   309  C  CB    A SER A 1 41 ? 21.537  -7.665  -5.624  0.50 35.23 ? 65  SER A CB    1 
ATOM   310  C  CB    B SER A 1 41 ? 21.526  -7.717  -5.584  0.50 34.85 ? 65  SER A CB    1 
ATOM   311  O  OG    A SER A 1 41 ? 22.243  -6.786  -4.781  0.50 32.41 ? 65  SER A OG    1 
ATOM   312  O  OG    B SER A 1 41 ? 21.096  -8.874  -4.887  0.50 30.25 ? 65  SER A OG    1 
ATOM   313  N  N     . ASP A 1 42 ? 18.409  -8.249  -6.928  1.00 30.31 ? 66  ASP A N     1 
ATOM   314  C  CA    . ASP A 1 42 ? 17.639  -9.153  -7.785  1.00 27.51 ? 66  ASP A CA    1 
ATOM   315  C  C     . ASP A 1 42 ? 16.903  -8.346  -8.861  1.00 28.13 ? 66  ASP A C     1 
ATOM   316  O  O     . ASP A 1 42 ? 16.007  -7.543  -8.553  1.00 24.53 ? 66  ASP A O     1 
ATOM   317  C  CB    . ASP A 1 42 ? 16.695  -9.957  -6.896  1.00 28.11 ? 66  ASP A CB    1 
ATOM   318  C  CG    . ASP A 1 42 ? 15.779  -10.879 -7.662  1.00 36.47 ? 66  ASP A CG    1 
ATOM   319  O  OD1   . ASP A 1 42 ? 15.151  -10.445 -8.647  1.00 43.40 ? 66  ASP A OD1   1 
ATOM   320  O  OD2   . ASP A 1 42 ? 15.650  -12.044 -7.246  1.00 48.06 ? 66  ASP A OD2   1 
ATOM   321  N  N     . ILE A 1 43 ? 17.291  -8.531  -10.128 1.00 26.07 ? 67  ILE A N     1 
ATOM   322  C  CA    . ILE A 1 43 ? 16.854  -7.577  -11.154 1.00 25.19 ? 67  ILE A CA    1 
ATOM   323  C  C     . ILE A 1 43 ? 15.358  -7.696  -11.403 1.00 18.61 ? 67  ILE A C     1 
ATOM   324  O  O     . ILE A 1 43 ? 14.728  -6.728  -11.840 1.00 23.65 ? 67  ILE A O     1 
ATOM   325  C  CB    . ILE A 1 43 ? 17.689  -7.677  -12.483 1.00 25.45 ? 67  ILE A CB    1 
ATOM   326  C  CG1   . ILE A 1 43 ? 17.490  -9.033  -13.134 1.00 27.70 ? 67  ILE A CG1   1 
ATOM   327  C  CG2   . ILE A 1 43 ? 19.184  -7.377  -12.212 1.00 28.84 ? 67  ILE A CG2   1 
ATOM   328  C  CD1   . ILE A 1 43 ? 17.812  -9.022  -14.610 1.00 39.48 ? 67  ILE A CD1   1 
ATOM   329  N  N     . LEU A 1 44 ? 14.794  -8.858  -11.091 1.00 21.45 ? 68  LEU A N     1 
ATOM   330  C  CA    . LEU A 1 44 ? 13.354  -9.100  -11.271 1.00 20.98 ? 68  LEU A CA    1 
ATOM   331  C  C     . LEU A 1 44 ? 12.562  -8.351  -10.196 1.00 21.23 ? 68  LEU A C     1 
ATOM   332  O  O     . LEU A 1 44 ? 11.596  -7.684  -10.526 1.00 18.16 ? 68  LEU A O     1 
ATOM   333  C  CB    . LEU A 1 44 ? 13.008  -10.593 -11.317 1.00 20.27 ? 68  LEU A CB    1 
ATOM   334  C  CG    . LEU A 1 44 ? 13.739  -11.401 -12.424 1.00 18.96 ? 68  LEU A CG    1 
ATOM   335  C  CD1   . LEU A 1 44 ? 13.326  -12.853 -12.396 1.00 24.14 ? 68  LEU A CD1   1 
ATOM   336  C  CD2   . LEU A 1 44 ? 13.621  -10.768 -13.859 1.00 20.92 ? 68  LEU A CD2   1 
ATOM   337  N  N     . LYS A 1 45 ? 13.048  -8.386  -8.946  1.00 21.32 ? 69  LYS A N     1 
ATOM   338  C  CA    . LYS A 1 45 ? 12.465  -7.599  -7.847  1.00 23.43 ? 69  LYS A CA    1 
ATOM   339  C  C     . LYS A 1 45 ? 12.694  -6.103  -8.015  1.00 20.69 ? 69  LYS A C     1 
ATOM   340  O  O     . LYS A 1 45 ? 11.798  -5.277  -7.729  1.00 18.09 ? 69  LYS A O     1 
ATOM   341  C  CB    . LYS A 1 45 ? 13.014  -8.066  -6.484  1.00 25.87 ? 69  LYS A CB    1 
ATOM   342  C  CG    . LYS A 1 45 ? 12.536  -9.470  -6.058  1.00 30.16 ? 69  LYS A CG    1 
ATOM   343  C  CD    . LYS A 1 45 ? 13.363  -10.017 -4.875  1.00 33.10 ? 69  LYS A CD    1 
ATOM   344  C  CE    . LYS A 1 45 ? 12.899  -11.430 -4.473  1.00 41.75 ? 69  LYS A CE    1 
ATOM   345  N  NZ    . LYS A 1 45 ? 13.724  -12.044 -3.385  1.00 54.06 ? 69  LYS A NZ    1 
ATOM   346  N  N     . ALA A 1 46 ? 13.899  -5.738  -8.463  1.00 18.62 ? 70  ALA A N     1 
ATOM   347  C  CA    . ALA A 1 46 ? 14.206  -4.367  -8.831  1.00 18.44 ? 70  ALA A CA    1 
ATOM   348  C  C     . ALA A 1 46 ? 13.206  -3.798  -9.836  1.00 17.49 ? 70  ALA A C     1 
ATOM   349  O  O     . ALA A 1 46 ? 12.794  -2.648  -9.695  1.00 18.53 ? 70  ALA A O     1 
ATOM   350  C  CB    . ALA A 1 46 ? 15.646  -4.243  -9.393  1.00 21.27 ? 70  ALA A CB    1 
ATOM   351  N  N     . ASP A 1 47 ? 12.842  -4.581  -10.856 1.00 17.02 ? 71  ASP A N     1 
ATOM   352  C  CA    . ASP A 1 47 ? 11.867  -4.128  -11.852 1.00 20.56 ? 71  ASP A CA    1 
ATOM   353  C  C     . ASP A 1 47 ? 10.541  -3.730  -11.163 1.00 18.65 ? 71  ASP A C     1 
ATOM   354  O  O     . ASP A 1 47 ? 9.983   -2.679  -11.455 1.00 17.53 ? 71  ASP A O     1 
ATOM   355  C  CB    . ASP A 1 47 ? 11.613  -5.195  -12.927 1.00 19.78 ? 71  ASP A CB    1 
ATOM   356  C  CG    . ASP A 1 47 ? 10.591  -4.741  -13.965 1.00 17.16 ? 71  ASP A CG    1 
ATOM   357  O  OD1   . ASP A 1 47 ? 10.828  -3.706  -14.657 1.00 18.77 ? 71  ASP A OD1   1 
ATOM   358  O  OD2   . ASP A 1 47 ? 9.546   -5.428  -14.075 1.00 22.56 ? 71  ASP A OD2   1 
ATOM   359  N  N     . VAL A 1 48 ? 10.089  -4.555  -10.227 1.00 17.27 ? 72  VAL A N     1 
ATOM   360  C  CA    . VAL A 1 48 ? 8.811   -4.282  -9.555  1.00 18.00 ? 72  VAL A CA    1 
ATOM   361  C  C     . VAL A 1 48 ? 8.859   -2.965  -8.741  1.00 15.84 ? 72  VAL A C     1 
ATOM   362  O  O     . VAL A 1 48 ? 7.935   -2.138  -8.819  1.00 14.94 ? 72  VAL A O     1 
ATOM   363  C  CB    . VAL A 1 48 ? 8.341   -5.462  -8.704  1.00 16.22 ? 72  VAL A CB    1 
ATOM   364  C  CG1   . VAL A 1 48 ? 6.967   -5.092  -8.053  1.00 21.39 ? 72  VAL A CG1   1 
ATOM   365  C  CG2   . VAL A 1 48 ? 8.192   -6.717  -9.575  1.00 21.07 ? 72  VAL A CG2   1 
ATOM   366  N  N     . ILE A 1 49 ? 9.963   -2.746  -8.031  1.00 15.44 ? 73  ILE A N     1 
ATOM   367  C  CA    . ILE A 1 49 ? 10.155  -1.506  -7.220  1.00 17.08 ? 73  ILE A CA    1 
ATOM   368  C  C     . ILE A 1 49 ? 10.238  -0.254  -8.100  1.00 16.76 ? 73  ILE A C     1 
ATOM   369  O  O     . ILE A 1 49 ? 9.634   0.775   -7.827  1.00 14.38 ? 73  ILE A O     1 
ATOM   370  C  CB    . ILE A 1 49 ? 11.400  -1.614  -6.302  1.00 18.12 ? 73  ILE A CB    1 
ATOM   371  C  CG1   . ILE A 1 49 ? 11.305  -2.858  -5.447  1.00 16.07 ? 73  ILE A CG1   1 
ATOM   372  C  CG2   . ILE A 1 49 ? 11.502  -0.362  -5.391  1.00 13.99 ? 73  ILE A CG2   1 
ATOM   373  C  CD1   . ILE A 1 49 ? 12.589  -3.290  -4.820  1.00 19.52 ? 73  ILE A CD1   1 
ATOM   374  N  N     . ARG A 1 50 ? 10.946  -0.368  -9.224  1.00 18.11 ? 74  ARG A N     1 
ATOM   375  C  CA    . ARG A 1 50 ? 11.026  0.708   -10.201 1.00 17.95 ? 74  ARG A CA    1 
ATOM   376  C  C     . ARG A 1 50 ? 9.665   1.066   -10.764 1.00 14.51 ? 74  ARG A C     1 
ATOM   377  O  O     . ARG A 1 50 ? 9.351   2.249   -10.927 1.00 17.59 ? 74  ARG A O     1 
ATOM   378  C  CB    . ARG A 1 50 ? 12.016  0.273   -11.325 1.00 22.51 ? 74  ARG A CB    1 
ATOM   379  C  CG    . ARG A 1 50 ? 12.780  1.359   -11.995 1.00 31.39 ? 74  ARG A CG    1 
ATOM   380  C  CD    . ARG A 1 50 ? 13.774  0.752   -13.028 1.00 27.84 ? 74  ARG A CD    1 
ATOM   381  N  NE    . ARG A 1 50 ? 14.899  0.097   -12.376 1.00 35.88 ? 74  ARG A NE    1 
ATOM   382  C  CZ    . ARG A 1 50 ? 15.206  -1.194  -12.477 1.00 38.44 ? 74  ARG A CZ    1 
ATOM   383  N  NH1   . ARG A 1 50 ? 14.496  -2.022  -13.239 1.00 42.50 ? 74  ARG A NH1   1 
ATOM   384  N  NH2   . ARG A 1 50 ? 16.250  -1.661  -11.812 1.00 41.03 ? 74  ARG A NH2   1 
ATOM   385  N  N     . LYS A 1 51 ? 8.831   0.082   -11.085 1.00 16.97 ? 75  LYS A N     1 
ATOM   386  C  CA    . LYS A 1 51 ? 7.482   0.397   -11.575 1.00 14.62 ? 75  LYS A CA    1 
ATOM   387  C  C     . LYS A 1 51 ? 6.648   1.070   -10.477 1.00 16.01 ? 75  LYS A C     1 
ATOM   388  O  O     . LYS A 1 51 ? 5.853   1.965   -10.762 1.00 14.12 ? 75  LYS A O     1 
ATOM   389  C  CB    . LYS A 1 51 ? 6.742   -0.822  -12.133 1.00 18.12 ? 75  LYS A CB    1 
ATOM   390  C  CG    . LYS A 1 51 ? 7.296   -1.329  -13.500 1.00 20.89 ? 75  LYS A CG    1 
ATOM   391  C  CD    . LYS A 1 51 ? 7.137   -0.248  -14.610 1.00 27.59 ? 75  LYS A CD    1 
ATOM   392  C  CE    . LYS A 1 51 ? 8.407   0.568   -14.749 1.00 28.84 ? 75  LYS A CE    1 
ATOM   393  N  NZ    . LYS A 1 51 ? 8.532   1.344   -16.022 1.00 37.97 ? 75  LYS A NZ    1 
ATOM   394  N  N     . THR A 1 52 ? 6.837   0.611   -9.252  1.00 14.91 ? 76  THR A N     1 
ATOM   395  C  CA    . THR A 1 52 ? 6.077   1.157   -8.109  1.00 14.61 ? 76  THR A CA    1 
ATOM   396  C  C     . THR A 1 52 ? 6.495   2.622   -7.903  1.00 15.51 ? 76  THR A C     1 
ATOM   397  O  O     . THR A 1 52 ? 5.656   3.515   -7.700  1.00 15.94 ? 76  THR A O     1 
ATOM   398  C  CB    . THR A 1 52 ? 6.329   0.347   -6.834  1.00 16.22 ? 76  THR A CB    1 
ATOM   399  O  OG1   . THR A 1 52 ? 6.038   -1.031  -7.094  1.00 16.42 ? 76  THR A OG1   1 
ATOM   400  C  CG2   . THR A 1 52 ? 5.379   0.863   -5.686  1.00 11.73 ? 76  THR A CG2   1 
ATOM   401  N  N     . LEU A 1 53 ? 7.791   2.865   -7.991  1.00 15.17 ? 77  LEU A N     1 
ATOM   402  C  CA    . LEU A 1 53 ? 8.331   4.209   -7.860  1.00 17.18 ? 77  LEU A CA    1 
ATOM   403  C  C     . LEU A 1 53 ? 7.765   5.098   -8.945  1.00 19.11 ? 77  LEU A C     1 
ATOM   404  O  O     . LEU A 1 53 ? 7.320   6.215   -8.675  1.00 17.80 ? 77  LEU A O     1 
ATOM   405  C  CB    . LEU A 1 53 ? 9.874   4.176   -7.893  1.00 20.03 ? 77  LEU A CB    1 
ATOM   406  C  CG    . LEU A 1 53 ? 10.650  5.482   -7.664  1.00 26.98 ? 77  LEU A CG    1 
ATOM   407  C  CD1   . LEU A 1 53 ? 10.305  6.151   -6.341  1.00 21.46 ? 77  LEU A CD1   1 
ATOM   408  C  CD2   . LEU A 1 53 ? 12.110  5.164   -7.705  1.00 25.78 ? 77  LEU A CD2   1 
ATOM   409  N  N     . GLU A 1 54 ? 7.751   4.598   -10.181 1.00 16.81 ? 78  GLU A N     1 
ATOM   410  C  CA    . GLU A 1 54 ? 7.230   5.398   -11.284 1.00 17.67 ? 78  GLU A CA    1 
ATOM   411  C  C     . GLU A 1 54 ? 5.771   5.800   -11.061 1.00 18.60 ? 78  GLU A C     1 
ATOM   412  O  O     . GLU A 1 54 ? 5.396   6.944   -11.264 1.00 19.08 ? 78  GLU A O     1 
ATOM   413  C  CB    . GLU A 1 54 ? 7.438   4.675   -12.620 1.00 17.51 ? 78  GLU A CB    1 
ATOM   414  C  CG    . GLU A 1 54 ? 6.729   5.434   -13.756 1.00 20.43 ? 78  GLU A CG    1 
ATOM   415  C  CD    . GLU A 1 54 ? 7.015   4.900   -15.140 1.00 28.84 ? 78  GLU A CD    1 
ATOM   416  O  OE1   . GLU A 1 54 ? 7.765   3.907   -15.288 1.00 30.63 ? 78  GLU A OE1   1 
ATOM   417  O  OE2   . GLU A 1 54 ? 6.497   5.524   -16.085 1.00 29.32 ? 78  GLU A OE2   1 
ATOM   418  N  N     . ILE A 1 55 ? 4.945   4.852   -10.630 1.00 17.40 ? 79  ILE A N     1 
ATOM   419  C  CA    . ILE A 1 55 ? 3.531   5.109   -10.405 1.00 18.66 ? 79  ILE A CA    1 
ATOM   420  C  C     . ILE A 1 55 ? 3.320   6.174   -9.313  1.00 16.68 ? 79  ILE A C     1 
ATOM   421  O  O     . ILE A 1 55 ? 2.481   7.086   -9.495  1.00 19.77 ? 79  ILE A O     1 
ATOM   422  C  CB    . ILE A 1 55 ? 2.753   3.818   -10.034 1.00 20.57 ? 79  ILE A CB    1 
ATOM   423  C  CG1   . ILE A 1 55 ? 2.583   2.887   -11.245 1.00 22.84 ? 79  ILE A CG1   1 
ATOM   424  C  CG2   . ILE A 1 55 ? 1.405   4.148   -9.435  1.00 21.39 ? 79  ILE A CG2   1 
ATOM   425  C  CD1   . ILE A 1 55 ? 2.455   1.369   -10.803 1.00 24.41 ? 79  ILE A CD1   1 
ATOM   426  N  N     . VAL A 1 56 ? 4.090   6.071   -8.237  1.00 18.87 ? 80  VAL A N     1 
ATOM   427  C  CA    . VAL A 1 56 ? 4.003   7.066   -7.142  1.00 20.19 ? 80  VAL A CA    1 
ATOM   428  C  C     . VAL A 1 56 ? 4.468   8.438   -7.647  1.00 19.91 ? 80  VAL A C     1 
ATOM   429  O  O     . VAL A 1 56 ? 3.795   9.456   -7.366  1.00 19.31 ? 80  VAL A O     1 
ATOM   430  C  CB    . VAL A 1 56 ? 4.751   6.650   -5.860  1.00 19.27 ? 80  VAL A CB    1 
ATOM   431  C  CG1   . VAL A 1 56 ? 4.724   7.816   -4.815  1.00 16.59 ? 80  VAL A CG1   1 
ATOM   432  C  CG2   . VAL A 1 56 ? 4.111   5.324   -5.283  1.00 16.75 ? 80  VAL A CG2   1 
ATOM   433  N  N     . LEU A 1 57 ? 5.570   8.446   -8.405  1.00 21.69 ? 81  LEU A N     1 
ATOM   434  C  CA    . LEU A 1 57 ? 6.093   9.705   -8.981  1.00 21.49 ? 81  LEU A CA    1 
ATOM   435  C  C     . LEU A 1 57 ? 5.059   10.381  -9.865  1.00 21.89 ? 81  LEU A C     1 
ATOM   436  O  O     . LEU A 1 57 ? 4.854   11.603  -9.770  1.00 23.98 ? 81  LEU A O     1 
ATOM   437  C  CB    . LEU A 1 57 ? 7.428   9.463   -9.702  1.00 20.98 ? 81  LEU A CB    1 
ATOM   438  C  CG    . LEU A 1 57 ? 8.637   9.131   -8.814  1.00 25.90 ? 81  LEU A CG    1 
ATOM   439  C  CD1   . LEU A 1 57 ? 9.827   8.569   -9.596  1.00 28.16 ? 81  LEU A CD1   1 
ATOM   440  C  CD2   . LEU A 1 57 ? 9.073   10.299  -7.959  1.00 29.82 ? 81  LEU A CD2   1 
ATOM   441  N  N     . ARG A 1 58 ? 4.379   9.599   -10.713 1.00 21.44 ? 82  ARG A N     1 
ATOM   442  C  CA    . ARG A 1 58 ? 3.363   10.122  -11.629 1.00 20.91 ? 82  ARG A CA    1 
ATOM   443  C  C     . ARG A 1 58 ? 2.104   10.576  -10.910 1.00 26.59 ? 82  ARG A C     1 
ATOM   444  O  O     . ARG A 1 58 ? 1.561   11.631  -11.218 1.00 27.52 ? 82  ARG A O     1 
ATOM   445  C  CB    . ARG A 1 58 ? 3.041   9.139   -12.786 1.00 22.74 ? 82  ARG A CB    1 
ATOM   446  C  CG    . ARG A 1 58 ? 4.240   8.843   -13.680 1.00 16.44 ? 82  ARG A CG    1 
ATOM   447  C  CD    . ARG A 1 58 ? 3.855   7.825   -14.759 1.00 20.10 ? 82  ARG A CD    1 
ATOM   448  N  NE    . ARG A 1 58 ? 4.932   7.628   -15.734 1.00 18.95 ? 82  ARG A NE    1 
ATOM   449  C  CZ    . ARG A 1 58 ? 5.083   8.361   -16.851 1.00 15.79 ? 82  ARG A CZ    1 
ATOM   450  N  NH1   . ARG A 1 58 ? 4.241   9.338   -17.146 1.00 22.12 ? 82  ARG A NH1   1 
ATOM   451  N  NH2   . ARG A 1 58 ? 6.085   8.092   -17.676 1.00 22.07 ? 82  ARG A NH2   1 
ATOM   452  N  N     . TYR A 1 59 ? 1.652   9.803   -9.932  1.00 25.77 ? 83  TYR A N     1 
ATOM   453  C  CA    . TYR A 1 59 ? 0.560   10.247  -9.061  1.00 27.59 ? 83  TYR A CA    1 
ATOM   454  C  C     . TYR A 1 59 ? 0.936   11.548  -8.322  1.00 25.82 ? 83  TYR A C     1 
ATOM   455  O  O     . TYR A 1 59 ? 0.125   12.463  -8.211  1.00 30.64 ? 83  TYR A O     1 
ATOM   456  C  CB    . TYR A 1 59 ? 0.149   9.132   -8.068  1.00 29.05 ? 83  TYR A CB    1 
ATOM   457  C  CG    . TYR A 1 59 ? -0.634  9.660   -6.862  1.00 32.16 ? 83  TYR A CG    1 
ATOM   458  C  CD1   . TYR A 1 59 ? -2.016  9.812   -6.923  1.00 29.43 ? 83  TYR A CD1   1 
ATOM   459  C  CD2   . TYR A 1 59 ? 0.023   10.037  -5.685  1.00 40.07 ? 83  TYR A CD2   1 
ATOM   460  C  CE1   . TYR A 1 59 ? -2.731  10.315  -5.847  1.00 29.41 ? 83  TYR A CE1   1 
ATOM   461  C  CE2   . TYR A 1 59 ? -0.685  10.550  -4.589  1.00 40.38 ? 83  TYR A CE2   1 
ATOM   462  C  CZ    . TYR A 1 59 ? -2.058  10.682  -4.680  1.00 39.51 ? 83  TYR A CZ    1 
ATOM   463  O  OH    . TYR A 1 59 ? -2.765  11.183  -3.606  1.00 41.12 ? 83  TYR A OH    1 
ATOM   464  N  N     . THR A 1 60 ? 2.154   11.613  -7.797  1.00 28.80 ? 84  THR A N     1 
ATOM   465  C  CA    . THR A 1 60 ? 2.611   12.781  -7.040  1.00 31.13 ? 84  THR A CA    1 
ATOM   466  C  C     . THR A 1 60 ? 2.606   14.013  -7.950  1.00 32.33 ? 84  THR A C     1 
ATOM   467  O  O     . THR A 1 60 ? 1.993   15.029  -7.616  1.00 32.56 ? 84  THR A O     1 
ATOM   468  C  CB    . THR A 1 60 ? 3.993   12.527  -6.483  1.00 30.45 ? 84  THR A CB    1 
ATOM   469  O  OG1   . THR A 1 60 ? 3.903   11.450  -5.555  1.00 37.44 ? 84  THR A OG1   1 
ATOM   470  C  CG2   . THR A 1 60 ? 4.593   13.764  -5.771  1.00 30.00 ? 84  THR A CG2   1 
ATOM   471  N  N     . ALA A 1 61 ? 3.265   13.892  -9.105  1.00 30.55 ? 85  ALA A N     1 
ATOM   472  C  CA    . ALA A 1 61 ? 3.341   14.984  -10.095 1.00 33.82 ? 85  ALA A CA    1 
ATOM   473  C  C     . ALA A 1 61 ? 1.968   15.469  -10.571 1.00 37.41 ? 85  ALA A C     1 
ATOM   474  O  O     . ALA A 1 61 ? 1.742   16.684  -10.669 1.00 38.69 ? 85  ALA A O     1 
ATOM   475  C  CB    . ALA A 1 61 ? 4.231   14.573  -11.297 1.00 29.83 ? 85  ALA A CB    1 
ATOM   476  N  N     . ASP A 1 62 ? 1.070   14.521  -10.860 1.00 38.70 ? 86  ASP A N     1 
ATOM   477  C  CA    . ASP A 1 62 ? -0.283  14.775  -11.356 1.00 43.04 ? 86  ASP A CA    1 
ATOM   478  C  C     . ASP A 1 62 ? -1.262  15.123  -10.241 1.00 45.63 ? 86  ASP A C     1 
ATOM   479  O  O     . ASP A 1 62 ? -1.376  16.281  -9.812  1.00 47.48 ? 86  ASP A O     1 
ATOM   480  C  CB    . ASP A 1 62 ? -0.816  13.534  -12.092 1.00 46.79 ? 86  ASP A CB    1 
ATOM   481  C  CG    . ASP A 1 62 ? -0.161  13.318  -13.467 1.00 54.95 ? 86  ASP A CG    1 
ATOM   482  O  OD1   . ASP A 1 62 ? 1.014   12.863  -13.548 1.00 52.82 ? 86  ASP A OD1   1 
ATOM   483  O  OD2   . ASP A 1 62 ? -0.854  13.576  -14.483 1.00 62.82 ? 86  ASP A OD2   1 
ATOM   484  N  N     . ASN B 1 1  ? 6.111   -12.898 7.232   1.00 40.20 ? 25  ASN B N     1 
ATOM   485  C  CA    . ASN B 1 1  ? 6.264   -11.570 7.899   1.00 37.47 ? 25  ASN B CA    1 
ATOM   486  C  C     . ASN B 1 1  ? 4.979   -11.144 8.575   1.00 34.25 ? 25  ASN B C     1 
ATOM   487  O  O     . ASN B 1 1  ? 3.923   -11.169 7.959   1.00 38.23 ? 25  ASN B O     1 
ATOM   488  C  CB    . ASN B 1 1  ? 6.639   -10.492 6.889   1.00 41.17 ? 25  ASN B CB    1 
ATOM   489  C  CG    . ASN B 1 1  ? 7.802   -10.897 6.009   1.00 48.29 ? 25  ASN B CG    1 
ATOM   490  O  OD1   . ASN B 1 1  ? 8.927   -11.072 6.474   1.00 55.75 ? 25  ASN B OD1   1 
ATOM   491  N  ND2   . ASN B 1 1  ? 7.531   -11.035 4.717   1.00 66.80 ? 25  ASN B ND2   1 
ATOM   492  N  N     . LEU B 1 2  ? 5.068   -10.760 9.843   1.00 30.31 ? 26  LEU B N     1 
ATOM   493  C  CA    . LEU B 1 2  ? 3.971   -10.085 10.513  1.00 31.65 ? 26  LEU B CA    1 
ATOM   494  C  C     . LEU B 1 2  ? 3.616   -8.829  9.654   1.00 30.85 ? 26  LEU B C     1 
ATOM   495  O  O     . LEU B 1 2  ? 4.509   -8.057  9.194   1.00 29.74 ? 26  LEU B O     1 
ATOM   496  C  CB    . LEU B 1 2  ? 4.356   -9.688  11.953  1.00 31.68 ? 26  LEU B CB    1 
ATOM   497  C  CG    . LEU B 1 2  ? 3.210   -9.320  12.902  1.00 35.95 ? 26  LEU B CG    1 
ATOM   498  C  CD1   . LEU B 1 2  ? 2.450   -10.601 13.338  1.00 34.66 ? 26  LEU B CD1   1 
ATOM   499  C  CD2   . LEU B 1 2  ? 3.677   -8.448  14.111  1.00 31.45 ? 26  LEU B CD2   1 
ATOM   500  N  N     . LEU B 1 3  ? 2.317   -8.669  9.423   1.00 28.83 ? 27  LEU B N     1 
ATOM   501  C  CA    . LEU B 1 3  ? 1.744   -7.599  8.563   1.00 26.45 ? 27  LEU B CA    1 
ATOM   502  C  C     . LEU B 1 3  ? 1.933   -7.761  7.030   1.00 28.19 ? 27  LEU B C     1 
ATOM   503  O  O     . LEU B 1 3  ? 1.526   -6.879  6.260   1.00 23.53 ? 27  LEU B O     1 
ATOM   504  C  CB    . LEU B 1 3  ? 2.179   -6.190  9.018   1.00 23.68 ? 27  LEU B CB    1 
ATOM   505  C  CG    . LEU B 1 3  ? 1.935   -5.745  10.482  1.00 29.41 ? 27  LEU B CG    1 
ATOM   506  C  CD1   . LEU B 1 3  ? 2.317   -4.279  10.706  1.00 31.69 ? 27  LEU B CD1   1 
ATOM   507  C  CD2   . LEU B 1 3  ? 0.504   -5.991  10.920  1.00 33.85 ? 27  LEU B CD2   1 
ATOM   508  N  N     . GLU B 1 4  ? 2.506   -8.867  6.561   1.00 28.97 ? 28  GLU B N     1 
ATOM   509  C  CA    . GLU B 1 4  ? 2.729   -9.030  5.112   1.00 28.97 ? 28  GLU B CA    1 
ATOM   510  C  C     . GLU B 1 4  ? 1.459   -9.017  4.245   1.00 27.67 ? 28  GLU B C     1 
ATOM   511  O  O     . GLU B 1 4  ? 1.415   -8.347  3.193   1.00 25.17 ? 28  GLU B O     1 
ATOM   512  C  CB    . GLU B 1 4  ? 3.493   -10.320 4.824   1.00 33.60 ? 28  GLU B CB    1 
ATOM   513  C  CG    . GLU B 1 4  ? 3.959   -10.465 3.389   1.00 38.75 ? 28  GLU B CG    1 
ATOM   514  C  CD    . GLU B 1 4  ? 4.435   -11.875 3.111   1.00 53.01 ? 28  GLU B CD    1 
ATOM   515  O  OE1   . GLU B 1 4  ? 3.699   -12.641 2.448   1.00 55.56 ? 28  GLU B OE1   1 
ATOM   516  O  OE2   . GLU B 1 4  ? 5.530   -12.231 3.596   1.00 57.67 ? 28  GLU B OE2   1 
ATOM   517  N  N     . GLU B 1 5  ? 0.442   -9.761  4.671   1.00 23.05 ? 29  GLU B N     1 
ATOM   518  C  CA    . GLU B 1 5  ? -0.786  -9.858  3.891   1.00 22.15 ? 29  GLU B CA    1 
ATOM   519  C  C     . GLU B 1 5  ? -1.585  -8.550  3.993   1.00 19.48 ? 29  GLU B C     1 
ATOM   520  O  O     . GLU B 1 5  ? -2.269  -8.150  3.050   1.00 16.05 ? 29  GLU B O     1 
ATOM   521  C  CB    . GLU B 1 5  ? -1.631  -11.059 4.345   1.00 23.60 ? 29  GLU B CB    1 
ATOM   522  C  CG    . GLU B 1 5  ? -0.863  -12.372 4.230   1.00 37.13 ? 29  GLU B CG    1 
ATOM   523  C  CD    . GLU B 1 5  ? -1.775  -13.570 4.047   1.00 49.42 ? 29  GLU B CD    1 
ATOM   524  O  OE1   . GLU B 1 5  ? -1.992  -14.315 5.024   1.00 52.59 ? 29  GLU B OE1   1 
ATOM   525  O  OE2   . GLU B 1 5  ? -2.280  -13.761 2.920   1.00 53.70 ? 29  GLU B OE2   1 
ATOM   526  N  N     . GLU B 1 6  ? -1.480  -7.908  5.151   1.00 20.17 ? 30  GLU B N     1 
ATOM   527  C  CA    . GLU B 1 6  ? -2.180  -6.643  5.414   1.00 19.50 ? 30  GLU B CA    1 
ATOM   528  C  C     . GLU B 1 6  ? -1.593  -5.567  4.502   1.00 18.68 ? 30  GLU B C     1 
ATOM   529  O  O     . GLU B 1 6  ? -2.344  -4.776  3.886   1.00 14.73 ? 30  GLU B O     1 
ATOM   530  C  CB    . GLU B 1 6  ? -1.989  -6.233  6.862   1.00 20.03 ? 30  GLU B CB    1 
ATOM   531  C  CG    . GLU B 1 6  ? -2.824  -7.010  7.905   1.00 21.90 ? 30  GLU B CG    1 
ATOM   532  C  CD    . GLU B 1 6  ? -2.376  -8.429  8.117   1.00 34.29 ? 30  GLU B CD    1 
ATOM   533  O  OE1   . GLU B 1 6  ? -1.186  -8.727  7.871   1.00 28.53 ? 30  GLU B OE1   1 
ATOM   534  O  OE2   . GLU B 1 6  ? -3.224  -9.252  8.546   1.00 41.36 ? 30  GLU B OE2   1 
ATOM   535  N  N     . SER B 1 7  ? -0.259  -5.557  4.424   1.00 15.71 ? 31  SER B N     1 
ATOM   536  C  CA    . SER B 1 7  ? 0.488   -4.675  3.493   1.00 16.25 ? 31  SER B CA    1 
ATOM   537  C  C     . SER B 1 7  ? -0.025  -4.695  2.080   1.00 15.49 ? 31  SER B C     1 
ATOM   538  O  O     . SER B 1 7  ? -0.259  -3.628  1.460   1.00 16.85 ? 31  SER B O     1 
ATOM   539  C  CB    . SER B 1 7  ? 1.985   -5.056  3.475   1.00 15.66 ? 31  SER B CB    1 
ATOM   540  O  OG    . SER B 1 7  ? 2.630   -4.299  4.456   1.00 22.47 ? 31  SER B OG    1 
ATOM   541  N  N     . ALA B 1 8  ? -0.247  -5.913  1.561   1.00 15.45 ? 32  ALA B N     1 
ATOM   542  C  CA    . ALA B 1 8  ? -0.702  -6.111  0.201   1.00 17.44 ? 32  ALA B CA    1 
ATOM   543  C  C     . ALA B 1 8  ? -2.143  -5.582  0.004   1.00 15.95 ? 32  ALA B C     1 
ATOM   544  O  O     . ALA B 1 8  ? -2.475  -4.972  -1.019  1.00 16.27 ? 32  ALA B O     1 
ATOM   545  C  CB    . ALA B 1 8  ? -0.597  -7.556  -0.183  1.00 17.60 ? 32  ALA B CB    1 
ATOM   546  N  N     . VAL B 1 9  ? -2.993  -5.811  1.004   1.00 14.62 ? 33  VAL B N     1 
ATOM   547  C  CA    . VAL B 1 9  ? -4.369  -5.313  0.936   1.00 12.86 ? 33  VAL B CA    1 
ATOM   548  C  C     . VAL B 1 9  ? -4.380  -3.791  0.928   1.00 11.19 ? 33  VAL B C     1 
ATOM   549  O  O     . VAL B 1 9  ? -5.154  -3.174  0.170   1.00 14.39 ? 33  VAL B O     1 
ATOM   550  C  CB    . VAL B 1 9  ? -5.177  -5.864  2.101   1.00 13.82 ? 33  VAL B CB    1 
ATOM   551  C  CG1   . VAL B 1 9  ? -6.506  -5.093  2.295   1.00 13.36 ? 33  VAL B CG1   1 
ATOM   552  C  CG2   . VAL B 1 9  ? -5.452  -7.405  1.856   1.00 13.95 ? 33  VAL B CG2   1 
ATOM   553  N  N     . LEU B 1 10 ? -3.551  -3.197  1.766   1.00 11.95 ? 34  LEU B N     1 
ATOM   554  C  CA    . LEU B 1 10 ? -3.479  -1.734  1.902   1.00 13.82 ? 34  LEU B CA    1 
ATOM   555  C  C     . LEU B 1 10 ? -2.930  -1.133  0.593   1.00 15.46 ? 34  LEU B C     1 
ATOM   556  O  O     . LEU B 1 10 ? -3.460  -0.144  0.086   1.00 10.33 ? 34  LEU B O     1 
ATOM   557  C  CB    . LEU B 1 10 ? -2.615  -1.366  3.065   1.00 13.91 ? 34  LEU B CB    1 
ATOM   558  C  CG    . LEU B 1 10 ? -2.339  0.131   3.293   1.00 12.69 ? 34  LEU B CG    1 
ATOM   559  C  CD1   . LEU B 1 10 ? -3.617  0.978   3.404   1.00 16.06 ? 34  LEU B CD1   1 
ATOM   560  C  CD2   . LEU B 1 10 ? -1.391  0.341   4.467   1.00 12.55 ? 34  LEU B CD2   1 
ATOM   561  N  N     . GLY B 1 11 ? -1.902  -1.775  0.050   1.00 15.26 ? 35  GLY B N     1 
ATOM   562  C  CA    . GLY B 1 11 ? -1.301  -1.352  -1.219  1.00 15.76 ? 35  GLY B CA    1 
ATOM   563  C  C     . GLY B 1 11 ? -2.313  -1.403  -2.347  1.00 18.48 ? 35  GLY B C     1 
ATOM   564  O  O     . GLY B 1 11 ? -2.319  -0.529  -3.202  1.00 16.17 ? 35  GLY B O     1 
ATOM   565  N  N     . GLN B 1 12 ? -3.174  -2.425  -2.365  1.00 14.18 ? 36  GLN B N     1 
ATOM   566  C  CA    . GLN B 1 12 ? -4.215  -2.549  -3.381  1.00 13.77 ? 36  GLN B CA    1 
ATOM   567  C  C     . GLN B 1 12 ? -5.250  -1.441  -3.267  1.00 15.73 ? 36  GLN B C     1 
ATOM   568  O  O     . GLN B 1 12 ? -5.722  -0.934  -4.286  1.00 17.20 ? 36  GLN B O     1 
ATOM   569  C  CB    . GLN B 1 12 ? -4.953  -3.865  -3.247  1.00 17.17 ? 36  GLN B CB    1 
ATOM   570  C  CG    . GLN B 1 12 ? -5.861  -4.128  -4.419  1.00 26.12 ? 36  GLN B CG    1 
ATOM   571  C  CD    . GLN B 1 12 ? -5.054  -4.123  -5.736  1.00 41.33 ? 36  GLN B CD    1 
ATOM   572  O  OE1   . GLN B 1 12 ? -5.228  -3.238  -6.606  1.00 38.99 ? 36  GLN B OE1   1 
ATOM   573  N  NE2   . GLN B 1 12 ? -4.122  -5.089  -5.857  1.00 41.20 ? 36  GLN B NE2   1 
ATOM   574  N  N     . ALA B 1 13 ? -5.597  -1.063  -2.036  1.00 15.29 ? 37  ALA B N     1 
ATOM   575  C  CA    . ALA B 1 13 ? -6.604  -0.013  -1.834  1.00 16.52 ? 37  ALA B CA    1 
ATOM   576  C  C     . ALA B 1 13 ? -6.032  1.293   -2.404  1.00 16.53 ? 37  ALA B C     1 
ATOM   577  O  O     . ALA B 1 13 ? -6.749  2.055   -3.083  1.00 14.38 ? 37  ALA B O     1 
ATOM   578  C  CB    . ALA B 1 13 ? -6.928  0.158   -0.367  1.00 17.17 ? 37  ALA B CB    1 
ATOM   579  N  N     . VAL B 1 14 ? -4.749  1.521   -2.137  1.00 15.32 ? 38  VAL B N     1 
ATOM   580  C  CA    . VAL B 1 14 ? -4.082  2.760   -2.593  1.00 16.70 ? 38  VAL B CA    1 
ATOM   581  C  C     . VAL B 1 14 ? -4.074  2.803   -4.136  1.00 18.01 ? 38  VAL B C     1 
ATOM   582  O  O     . VAL B 1 14 ? -4.565  3.781   -4.741  1.00 17.04 ? 38  VAL B O     1 
ATOM   583  C  CB    . VAL B 1 14 ? -2.680  2.938   -1.959  1.00 14.64 ? 38  VAL B CB    1 
ATOM   584  C  CG1   . VAL B 1 14 ? -1.937  4.106   -2.570  1.00 19.20 ? 38  VAL B CG1   1 
ATOM   585  C  CG2   . VAL B 1 14 ? -2.793  3.152   -0.419  1.00 14.38 ? 38  VAL B CG2   1 
ATOM   586  N  N     . THR B 1 15 ? -3.608  1.734   -4.771  1.00 18.81 ? 39  THR B N     1 
ATOM   587  C  CA    . THR B 1 15 ? -3.624  1.667   -6.255  1.00 19.47 ? 39  THR B CA    1 
ATOM   588  C  C     . THR B 1 15 ? -5.038  1.780   -6.843  1.00 20.97 ? 39  THR B C     1 
ATOM   589  O  O     . THR B 1 15 ? -5.266  2.468   -7.850  1.00 23.04 ? 39  THR B O     1 
ATOM   590  C  CB    . THR B 1 15 ? -2.855  0.418   -6.790  1.00 22.64 ? 39  THR B CB    1 
ATOM   591  O  OG1   . THR B 1 15 ? -3.620  -0.746  -6.546  1.00 36.26 ? 39  THR B OG1   1 
ATOM   592  C  CG2   . THR B 1 15 ? -1.535  0.277   -6.114  1.00 16.70 ? 39  THR B CG2   1 
ATOM   593  N  N     . ASN B 1 16 ? -6.018  1.163   -6.202  1.00 17.40 ? 40  ASN B N     1 
ATOM   594  C  CA    . ASN B 1 16 ? -7.386  1.268   -6.663  1.00 19.86 ? 40  ASN B CA    1 
ATOM   595  C  C     . ASN B 1 16 ? -7.903  2.699   -6.653  1.00 22.40 ? 40  ASN B C     1 
ATOM   596  O  O     . ASN B 1 16 ? -8.589  3.120   -7.605  1.00 22.40 ? 40  ASN B O     1 
ATOM   597  C  CB    . ASN B 1 16 ? -8.307  0.424   -5.794  1.00 24.80 ? 40  ASN B CB    1 
ATOM   598  C  CG    . ASN B 1 16 ? -8.250  -1.032  -6.138  1.00 26.37 ? 40  ASN B CG    1 
ATOM   599  O  OD1   . ASN B 1 16 ? -7.599  -1.434  -7.100  1.00 27.85 ? 40  ASN B OD1   1 
ATOM   600  N  ND2   . ASN B 1 16 ? -8.943  -1.840  -5.350  1.00 26.49 ? 40  ASN B ND2   1 
ATOM   601  N  N     . LEU B 1 17 ? -7.599  3.434   -5.582  1.00 20.50 ? 41  LEU B N     1 
ATOM   602  C  CA    . LEU B 1 17 ? -7.950  4.861   -5.525  1.00 21.66 ? 41  LEU B CA    1 
ATOM   603  C  C     . LEU B 1 17 ? -7.272  5.650   -6.640  1.00 22.63 ? 41  LEU B C     1 
ATOM   604  O  O     . LEU B 1 17 ? -7.913  6.489   -7.286  1.00 25.45 ? 41  LEU B O     1 
ATOM   605  C  CB    . LEU B 1 17 ? -7.586  5.484   -4.171  1.00 19.62 ? 41  LEU B CB    1 
ATOM   606  C  CG    . LEU B 1 17 ? -8.521  5.000   -3.068  1.00 17.87 ? 41  LEU B CG    1 
ATOM   607  C  CD1   . LEU B 1 17 ? -7.898  5.408   -1.795  1.00 14.05 ? 41  LEU B CD1   1 
ATOM   608  C  CD2   . LEU B 1 17 ? -9.963  5.587   -3.262  1.00 22.00 ? 41  LEU B CD2   1 
HETATM 609  N  N     . MSE B 1 18 ? -5.990  5.411   -6.863  1.00 20.62 ? 42  MSE B N     1 
HETATM 610  C  CA    . MSE B 1 18 ? -5.285  6.140   -7.928  1.00 27.25 ? 42  MSE B CA    1 
HETATM 611  C  C     . MSE B 1 18 ? -5.869  5.839   -9.348  1.00 29.60 ? 42  MSE B C     1 
HETATM 612  O  O     . MSE B 1 18 ? -6.036  6.745   -10.216 1.00 27.58 ? 42  MSE B O     1 
HETATM 613  C  CB    . MSE B 1 18 ? -3.775  5.841   -7.843  1.00 22.55 ? 42  MSE B CB    1 
HETATM 614  C  CG    . MSE B 1 18 ? -3.015  6.344   -6.592  1.00 27.91 ? 42  MSE B CG    1 
HETATM 615  SE SE    . MSE B 1 18 ? -1.240  5.612   -6.964  1.00 39.82 ? 42  MSE B SE    1 
HETATM 616  C  CE    . MSE B 1 18 ? 0.130   5.846   -5.679  1.00 4.03  ? 42  MSE B CE    1 
ATOM   617  N  N     . LEU B 1 19 ? -6.216  4.575   -9.569  1.00 27.25 ? 43  LEU B N     1 
ATOM   618  C  CA    . LEU B 1 19 ? -6.872  4.148   -10.812 1.00 30.88 ? 43  LEU B CA    1 
ATOM   619  C  C     . LEU B 1 19 ? -8.224  4.815   -11.028 1.00 30.20 ? 43  LEU B C     1 
ATOM   620  O  O     . LEU B 1 19 ? -8.578  5.127   -12.161 1.00 32.11 ? 43  LEU B O     1 
ATOM   621  C  CB    . LEU B 1 19 ? -7.036  2.622   -10.851 1.00 30.49 ? 43  LEU B CB    1 
ATOM   622  C  CG    . LEU B 1 19 ? -5.839  1.768   -11.317 1.00 37.03 ? 43  LEU B CG    1 
ATOM   623  C  CD1   . LEU B 1 19 ? -4.496  2.388   -10.963 1.00 41.55 ? 43  LEU B CD1   1 
ATOM   624  C  CD2   . LEU B 1 19 ? -5.931  0.355   -10.727 1.00 32.38 ? 43  LEU B CD2   1 
ATOM   625  N  N     . SER B 1 20 ? -8.980  5.055   -9.962  1.00 25.98 ? 44  SER B N     1 
ATOM   626  C  CA    . SER B 1 20 ? -10.298 5.677   -10.129 1.00 28.95 ? 44  SER B CA    1 
ATOM   627  C  C     . SER B 1 20 ? -10.194 7.206   -10.163 1.00 30.63 ? 44  SER B C     1 
ATOM   628  O  O     . SER B 1 20 ? -11.218 7.907   -10.253 1.00 32.51 ? 44  SER B O     1 
ATOM   629  C  CB    . SER B 1 20 ? -11.311 5.170   -9.076  1.00 30.63 ? 44  SER B CB    1 
ATOM   630  O  OG    . SER B 1 20 ? -10.824 5.336   -7.740  1.00 32.36 ? 44  SER B OG    1 
ATOM   631  N  N     . GLY B 1 21 ? -8.953  7.707   -10.105 1.00 27.78 ? 45  GLY B N     1 
ATOM   632  C  CA    . GLY B 1 21 ? -8.667  9.135   -10.044 1.00 29.79 ? 45  GLY B CA    1 
ATOM   633  C  C     . GLY B 1 21 ? -9.124  9.813   -8.762  1.00 30.43 ? 45  GLY B C     1 
ATOM   634  O  O     . GLY B 1 21 ? -9.472  11.006  -8.789  1.00 31.30 ? 45  GLY B O     1 
ATOM   635  N  N     . ASP B 1 22 ? -9.135  9.079   -7.642  1.00 25.76 ? 46  ASP B N     1 
ATOM   636  C  CA    . ASP B 1 22 ? -9.578  9.663   -6.368  1.00 27.00 ? 46  ASP B CA    1 
ATOM   637  C  C     . ASP B 1 22 ? -8.401  10.080  -5.512  1.00 26.63 ? 46  ASP B C     1 
ATOM   638  O  O     . ASP B 1 22 ? -7.252  9.679   -5.763  1.00 28.87 ? 46  ASP B O     1 
ATOM   639  C  CB    . ASP B 1 22 ? -10.535 8.738   -5.614  1.00 29.43 ? 46  ASP B CB    1 
ATOM   640  C  CG    . ASP B 1 22 ? -11.896 8.600   -6.310  1.00 35.71 ? 46  ASP B CG    1 
ATOM   641  O  OD1   . ASP B 1 22 ? -12.652 9.590   -6.339  1.00 38.28 ? 46  ASP B OD1   1 
ATOM   642  O  OD2   . ASP B 1 22 ? -12.237 7.502   -6.807  1.00 35.85 ? 46  ASP B OD2   1 
ATOM   643  N  N     . ASN B 1 23 ? -8.676  10.920  -4.518  1.00 22.06 ? 47  ASN B N     1 
ATOM   644  C  CA    . ASN B 1 23 ? -7.631  11.366  -3.602  1.00 23.42 ? 47  ASN B CA    1 
ATOM   645  C  C     . ASN B 1 23 ? -7.197  10.180  -2.744  1.00 19.98 ? 47  ASN B C     1 
ATOM   646  O  O     . ASN B 1 23 ? -8.044  9.390   -2.318  1.00 21.19 ? 47  ASN B O     1 
ATOM   647  C  CB    . ASN B 1 23 ? -8.168  12.437  -2.672  1.00 24.85 ? 47  ASN B CB    1 
ATOM   648  C  CG    . ASN B 1 23 ? -8.555  13.680  -3.395  1.00 35.04 ? 47  ASN B CG    1 
ATOM   649  O  OD1   . ASN B 1 23 ? -9.676  14.178  -3.237  1.00 38.95 ? 47  ASN B OD1   1 
ATOM   650  N  ND2   . ASN B 1 23 ? -7.635  14.199  -4.194  1.00 35.53 ? 47  ASN B ND2   1 
ATOM   651  N  N     . VAL B 1 24 ? -5.894  10.079  -2.495  1.00 20.16 ? 48  VAL B N     1 
ATOM   652  C  CA    . VAL B 1 24 ? -5.375  9.049   -1.586  1.00 17.32 ? 48  VAL B CA    1 
ATOM   653  C  C     . VAL B 1 24 ? -5.317  9.750   -0.226  1.00 16.74 ? 48  VAL B C     1 
ATOM   654  O  O     . VAL B 1 24 ? -4.420  10.549  0.050   1.00 20.64 ? 48  VAL B O     1 
ATOM   655  C  CB    . VAL B 1 24 ? -4.006  8.520   -2.017  1.00 17.36 ? 48  VAL B CB    1 
ATOM   656  C  CG1   . VAL B 1 24 ? -3.472  7.461   -1.005  1.00 14.16 ? 48  VAL B CG1   1 
ATOM   657  C  CG2   . VAL B 1 24 ? -4.112  7.957   -3.456  1.00 20.33 ? 48  VAL B CG2   1 
ATOM   658  N  N     . ASN B 1 25 ? -6.319  9.475   0.591   1.00 17.37 ? 49  ASN B N     1 
ATOM   659  C  CA    . ASN B 1 25 ? -6.317  9.950   1.960   1.00 18.75 ? 49  ASN B CA    1 
ATOM   660  C  C     . ASN B 1 25 ? -6.934  8.936   2.901   1.00 18.26 ? 49  ASN B C     1 
ATOM   661  O  O     . ASN B 1 25 ? -7.421  7.915   2.478   1.00 17.07 ? 49  ASN B O     1 
ATOM   662  C  CB    . ASN B 1 25 ? -7.018  11.293  2.070   1.00 18.48 ? 49  ASN B CB    1 
ATOM   663  C  CG    . ASN B 1 25 ? -8.418  11.265  1.502   1.00 21.66 ? 49  ASN B CG    1 
ATOM   664  O  OD1   . ASN B 1 25 ? -9.124  10.274  1.627   1.00 22.08 ? 49  ASN B OD1   1 
ATOM   665  N  ND2   . ASN B 1 25 ? -8.846  12.389  0.904   1.00 25.18 ? 49  ASN B ND2   1 
ATOM   666  N  N     . ASN B 1 26 ? -6.910  9.229   4.198   1.00 20.27 ? 50  ASN B N     1 
ATOM   667  C  CA    . ASN B 1 26 ? -7.377  8.255   5.180   1.00 18.93 ? 50  ASN B CA    1 
ATOM   668  C  C     . ASN B 1 26 ? -8.805  7.862   4.941   1.00 17.22 ? 50  ASN B C     1 
ATOM   669  O  O     . ASN B 1 26 ? -9.134  6.695   4.919   1.00 15.44 ? 50  ASN B O     1 
ATOM   670  C  CB    . ASN B 1 26 ? -7.211  8.796   6.616   1.00 22.85 ? 50  ASN B CB    1 
ATOM   671  C  CG    . ASN B 1 26 ? -5.746  9.057   7.001   1.00 29.93 ? 50  ASN B CG    1 
ATOM   672  O  OD1   . ASN B 1 26 ? -5.377  10.177  7.345   1.00 40.27 ? 50  ASN B OD1   1 
ATOM   673  N  ND2   . ASN B 1 26 ? -4.919  8.032   6.936   1.00 37.42 ? 50  ASN B ND2   1 
ATOM   674  N  N     . LYS B 1 27 ? -9.686  8.856   4.780   1.00 18.80 ? 51  LYS B N     1 
ATOM   675  C  CA    . LYS B 1 27 ? -11.098 8.586   4.552   1.00 20.27 ? 51  LYS B CA    1 
ATOM   676  C  C     . LYS B 1 27 ? -11.294 7.597   3.425   1.00 14.55 ? 51  LYS B C     1 
ATOM   677  O  O     . LYS B 1 27 ? -11.985 6.633   3.587   1.00 18.09 ? 51  LYS B O     1 
ATOM   678  C  CB    . LYS B 1 27 ? -11.866 9.900   4.237   1.00 18.87 ? 51  LYS B CB    1 
ATOM   679  C  CG    . LYS B 1 27 ? -13.356 9.659   3.874   1.00 27.67 ? 51  LYS B CG    1 
ATOM   680  C  CD    . LYS B 1 27 ? -14.138 10.972  3.546   1.00 28.24 ? 51  LYS B CD    1 
ATOM   681  C  CE    . LYS B 1 27 ? -13.709 11.615  2.206   1.00 45.04 ? 51  LYS B CE    1 
ATOM   682  N  NZ    . LYS B 1 27 ? -14.362 11.023  0.965   1.00 51.24 ? 51  LYS B NZ    1 
ATOM   683  N  N     . ASN B 1 28 ? -10.701 7.868   2.254   1.00 13.81 ? 52  ASN B N     1 
ATOM   684  C  CA    . ASN B 1 28 ? -10.970 7.080   1.068   1.00 15.25 ? 52  ASN B CA    1 
ATOM   685  C  C     . ASN B 1 28 ? -10.387 5.664   1.150   1.00 15.71 ? 52  ASN B C     1 
ATOM   686  O  O     . ASN B 1 28 ? -10.978 4.727   0.619   1.00 18.17 ? 52  ASN B O     1 
ATOM   687  C  CB    . ASN B 1 28 ? -10.436 7.813   -0.170  1.00 15.75 ? 52  ASN B CB    1 
ATOM   688  C  CG    . ASN B 1 28 ? -11.286 9.016   -0.536  1.00 23.22 ? 52  ASN B CG    1 
ATOM   689  O  OD1   . ASN B 1 28 ? -12.441 9.134   -0.085  1.00 22.26 ? 52  ASN B OD1   1 
ATOM   690  N  ND2   . ASN B 1 28 ? -10.748 9.894   -1.376  1.00 23.04 ? 52  ASN B ND2   1 
ATOM   691  N  N     . ILE B 1 29 ? -9.242  5.537   1.806   1.00 15.44 ? 53  ILE B N     1 
ATOM   692  C  CA    . ILE B 1 29 ? -8.647  4.210   2.064   1.00 16.10 ? 53  ILE B CA    1 
ATOM   693  C  C     . ILE B 1 29 ? -9.561  3.395   2.948   1.00 17.01 ? 53  ILE B C     1 
ATOM   694  O  O     . ILE B 1 29 ? -9.860  2.245   2.626   1.00 17.40 ? 53  ILE B O     1 
ATOM   695  C  CB    . ILE B 1 29 ? -7.246  4.321   2.686   1.00 15.78 ? 53  ILE B CB    1 
ATOM   696  C  CG1   . ILE B 1 29 ? -6.277  4.843   1.615   1.00 18.29 ? 53  ILE B CG1   1 
ATOM   697  C  CG2   . ILE B 1 29 ? -6.763  2.955   3.251   1.00 17.46 ? 53  ILE B CG2   1 
ATOM   698  C  CD1   . ILE B 1 29 ? -5.019  5.442   2.172   1.00 21.58 ? 53  ILE B CD1   1 
ATOM   699  N  N     . ILE B 1 30 ? -10.021 3.995   4.051   1.00 16.33 ? 54  ILE B N     1 
ATOM   700  C  CA    . ILE B 1 30 ? -10.979 3.303   4.938   1.00 17.25 ? 54  ILE B CA    1 
ATOM   701  C  C     . ILE B 1 30 ? -12.217 2.861   4.189   1.00 15.76 ? 54  ILE B C     1 
ATOM   702  O  O     . ILE B 1 30 ? -12.665 1.702   4.319   1.00 16.18 ? 54  ILE B O     1 
ATOM   703  C  CB    . ILE B 1 30 ? -11.331 4.185   6.158   1.00 18.02 ? 54  ILE B CB    1 
ATOM   704  C  CG1   . ILE B 1 30 ? -10.099 4.330   7.048   1.00 15.22 ? 54  ILE B CG1   1 
ATOM   705  C  CG2   . ILE B 1 30 ? -12.561 3.622   6.943   1.00 21.71 ? 54  ILE B CG2   1 
ATOM   706  C  CD1   . ILE B 1 30 ? -10.170 5.569   8.001   1.00 22.10 ? 54  ILE B CD1   1 
ATOM   707  N  N     . LEU B 1 31 ? -12.818 3.777   3.414   1.00 19.75 ? 55  LEU B N     1 
ATOM   708  C  CA    . LEU B 1 31 ? -14.013 3.421   2.646   1.00 17.63 ? 55  LEU B CA    1 
ATOM   709  C  C     . LEU B 1 31 ? -13.767 2.291   1.648   1.00 18.50 ? 55  LEU B C     1 
ATOM   710  O  O     . LEU B 1 31 ? -14.597 1.397   1.478   1.00 17.13 ? 55  LEU B O     1 
ATOM   711  C  CB    . LEU B 1 31 ? -14.589 4.670   1.945   1.00 20.35 ? 55  LEU B CB    1 
ATOM   712  C  CG    . LEU B 1 31 ? -15.267 5.648   2.916   1.00 21.82 ? 55  LEU B CG    1 
ATOM   713  C  CD1   . LEU B 1 31 ? -15.678 6.933   2.159   1.00 23.96 ? 55  LEU B CD1   1 
ATOM   714  C  CD2   . LEU B 1 31 ? -16.461 4.998   3.646   1.00 23.66 ? 55  LEU B CD2   1 
ATOM   715  N  N     . SER B 1 32 ? -12.599 2.305   1.020   1.00 18.05 ? 56  SER B N     1 
ATOM   716  C  CA    A SER B 1 32 ? -12.244 1.242   0.096   0.50 17.11 ? 56  SER B CA    1 
ATOM   717  C  CA    B SER B 1 32 ? -12.201 1.243   0.097   0.50 16.77 ? 56  SER B CA    1 
ATOM   718  C  C     . SER B 1 32 ? -12.081 -0.111  0.819   1.00 17.01 ? 56  SER B C     1 
ATOM   719  O  O     . SER B 1 32 ? -12.518 -1.143  0.324   1.00 16.69 ? 56  SER B O     1 
ATOM   720  C  CB    A SER B 1 32 ? -10.981 1.612   -0.672  0.50 18.10 ? 56  SER B CB    1 
ATOM   721  C  CB    B SER B 1 32 ? -10.865 1.590   -0.567  0.50 17.81 ? 56  SER B CB    1 
ATOM   722  O  OG    A SER B 1 32 ? -10.623 0.566   -1.550  0.50 18.63 ? 56  SER B OG    1 
ATOM   723  O  OG    B SER B 1 32 ? -10.974 2.708   -1.424  0.50 15.19 ? 56  SER B OG    1 
ATOM   724  N  N     . LEU B 1 33 ? -11.454 -0.082  1.988   1.00 16.11 ? 57  LEU B N     1 
ATOM   725  C  CA    . LEU B 1 33 ? -11.280 -1.316  2.778   1.00 18.27 ? 57  LEU B CA    1 
ATOM   726  C  C     . LEU B 1 33 ? -12.637 -1.847  3.255   1.00 20.19 ? 57  LEU B C     1 
ATOM   727  O  O     . LEU B 1 33 ? -12.916 -3.066  3.175   1.00 17.82 ? 57  LEU B O     1 
ATOM   728  C  CB    . LEU B 1 33 ? -10.329 -1.079  3.920   1.00 16.62 ? 57  LEU B CB    1 
ATOM   729  C  CG    . LEU B 1 33 ? -8.851  -0.845  3.539   1.00 16.65 ? 57  LEU B CG    1 
ATOM   730  C  CD1   . LEU B 1 33 ? -8.029  -0.419  4.718   1.00 16.27 ? 57  LEU B CD1   1 
ATOM   731  C  CD2   . LEU B 1 33 ? -8.235  -2.106  2.885   1.00 20.06 ? 57  LEU B CD2   1 
ATOM   732  N  N     . ILE B 1 34 ? -13.492 -0.931  3.722   1.00 22.17 ? 58  ILE B N     1 
ATOM   733  C  CA    . ILE B 1 34 ? -14.833 -1.353  4.178   1.00 24.33 ? 58  ILE B CA    1 
ATOM   734  C  C     . ILE B 1 34 ? -15.556 -1.954  2.987   1.00 23.57 ? 58  ILE B C     1 
ATOM   735  O  O     . ILE B 1 34 ? -16.198 -2.998  3.105   1.00 25.24 ? 58  ILE B O     1 
ATOM   736  C  CB    . ILE B 1 34 ? -15.645 -0.205  4.807   1.00 24.19 ? 58  ILE B CB    1 
ATOM   737  C  CG1   . ILE B 1 34 ? -15.079 0.175   6.175   1.00 24.89 ? 58  ILE B CG1   1 
ATOM   738  C  CG2   . ILE B 1 34 ? -17.119 -0.609  4.958   1.00 27.85 ? 58  ILE B CG2   1 
ATOM   739  C  CD1   . ILE B 1 34 ? -15.524 1.539   6.658   1.00 25.89 ? 58  ILE B CD1   1 
ATOM   740  N  N     . HIS B 1 35 ? -15.460 -1.319  1.823   1.00 25.88 ? 59  HIS B N     1 
ATOM   741  C  CA    . HIS B 1 35 ? -16.102 -1.921  0.651   1.00 26.60 ? 59  HIS B CA    1 
ATOM   742  C  C     . HIS B 1 35 ? -15.582 -3.345  0.341   1.00 25.21 ? 59  HIS B C     1 
ATOM   743  O  O     . HIS B 1 35 ? -16.353 -4.250  0.002   1.00 23.33 ? 59  HIS B O     1 
ATOM   744  C  CB    . HIS B 1 35 ? -15.924 -1.059  -0.577  1.00 24.75 ? 59  HIS B CB    1 
ATOM   745  C  CG    . HIS B 1 35 ? -16.540 -1.656  -1.796  1.00 31.82 ? 59  HIS B CG    1 
ATOM   746  N  ND1   . HIS B 1 35 ? -17.905 -1.775  -1.957  1.00 30.94 ? 59  HIS B ND1   1 
ATOM   747  C  CD2   . HIS B 1 35 ? -15.978 -2.193  -2.905  1.00 31.02 ? 59  HIS B CD2   1 
ATOM   748  C  CE1   . HIS B 1 35 ? -18.156 -2.351  -3.120  1.00 38.43 ? 59  HIS B CE1   1 
ATOM   749  N  NE2   . HIS B 1 35 ? -17.005 -2.607  -3.716  1.00 36.02 ? 59  HIS B NE2   1 
ATOM   750  N  N     . SER B 1 36 ? -14.268 -3.521  0.429   1.00 24.37 ? 60  SER B N     1 
ATOM   751  C  CA    . SER B 1 36 ? -13.656 -4.839  0.208   1.00 23.77 ? 60  SER B CA    1 
ATOM   752  C  C     . SER B 1 36 ? -14.167 -5.831  1.250   1.00 22.46 ? 60  SER B C     1 
ATOM   753  O  O     . SER B 1 36 ? -14.482 -6.964  0.927   1.00 24.81 ? 60  SER B O     1 
ATOM   754  C  CB    . SER B 1 36 ? -12.143 -4.720  0.303   1.00 22.25 ? 60  SER B CB    1 
ATOM   755  O  OG    . SER B 1 36 ? -11.689 -3.913  -0.772  1.00 25.70 ? 60  SER B OG    1 
ATOM   756  N  N     . LEU B 1 37 ? -14.230 -5.395  2.499   1.00 24.64 ? 61  LEU B N     1 
ATOM   757  C  CA    . LEU B 1 37 ? -14.657 -6.269  3.580   1.00 27.80 ? 61  LEU B CA    1 
ATOM   758  C  C     . LEU B 1 37 ? -16.092 -6.724  3.354   1.00 31.65 ? 61  LEU B C     1 
ATOM   759  O  O     . LEU B 1 37 ? -16.412 -7.917  3.512   1.00 32.79 ? 61  LEU B O     1 
ATOM   760  C  CB    . LEU B 1 37 ? -14.493 -5.563  4.926   1.00 30.01 ? 61  LEU B CB    1 
ATOM   761  C  CG    . LEU B 1 37 ? -14.795 -6.307  6.225   1.00 29.17 ? 61  LEU B CG    1 
ATOM   762  C  CD1   . LEU B 1 37 ? -13.963 -7.607  6.357   1.00 26.45 ? 61  LEU B CD1   1 
ATOM   763  C  CD2   . LEU B 1 37 ? -14.547 -5.362  7.368   1.00 32.82 ? 61  LEU B CD2   1 
ATOM   764  N  N     . GLU B 1 38 ? -16.937 -5.784  2.945   1.00 30.06 ? 62  GLU B N     1 
ATOM   765  C  CA    . GLU B 1 38 ? -18.350 -6.082  2.718   1.00 37.80 ? 62  GLU B CA    1 
ATOM   766  C  C     . GLU B 1 38 ? -18.593 -6.977  1.500   1.00 38.63 ? 62  GLU B C     1 
ATOM   767  O  O     . GLU B 1 38 ? -19.632 -7.619  1.415   1.00 42.73 ? 62  GLU B O     1 
ATOM   768  C  CB    . GLU B 1 38 ? -19.193 -4.796  2.621   1.00 38.56 ? 62  GLU B CB    1 
ATOM   769  C  CG    . GLU B 1 38 ? -19.126 -3.874  3.857   1.00 48.27 ? 62  GLU B CG    1 
ATOM   770  C  CD    . GLU B 1 38 ? -20.007 -4.302  5.047   1.00 63.08 ? 62  GLU B CD    1 
ATOM   771  O  OE1   . GLU B 1 38 ? -20.595 -5.411  5.040   1.00 66.67 ? 62  GLU B OE1   1 
ATOM   772  O  OE2   . GLU B 1 38 ? -20.114 -3.503  6.010   1.00 68.05 ? 62  GLU B OE2   1 
ATOM   773  N  N     . THR B 1 39 ? -17.649 -7.029  0.565   1.00 39.56 ? 63  THR B N     1 
ATOM   774  C  CA    . THR B 1 39 ? -17.809 -7.824  -0.662  1.00 37.02 ? 63  THR B CA    1 
ATOM   775  C  C     . THR B 1 39 ? -17.018 -9.144  -0.689  1.00 38.92 ? 63  THR B C     1 
ATOM   776  O  O     . THR B 1 39 ? -16.934 -9.823  -1.725  1.00 40.37 ? 63  THR B O     1 
ATOM   777  C  CB    . THR B 1 39 ? -17.543 -6.966  -1.946  1.00 40.67 ? 63  THR B CB    1 
ATOM   778  O  OG1   . THR B 1 39 ? -16.161 -6.584  -2.028  1.00 34.53 ? 63  THR B OG1   1 
ATOM   779  C  CG2   . THR B 1 39 ? -18.427 -5.703  -1.951  1.00 39.91 ? 63  THR B CG2   1 
ATOM   780  N  N     . THR B 1 40 ? -16.435 -9.515  0.451   1.00 36.97 ? 64  THR B N     1 
ATOM   781  C  CA    . THR B 1 40 ? -15.698 -10.773 0.567   1.00 35.66 ? 64  THR B CA    1 
ATOM   782  C  C     . THR B 1 40 ? -16.518 -11.718 1.441   1.00 37.32 ? 64  THR B C     1 
ATOM   783  O  O     . THR B 1 40 ? -17.005 -11.336 2.517   1.00 40.00 ? 64  THR B O     1 
ATOM   784  C  CB    . THR B 1 40 ? -14.284 -10.566 1.223   1.00 37.40 ? 64  THR B CB    1 
ATOM   785  O  OG1   . THR B 1 40 ? -13.527 -9.623  0.463   1.00 38.34 ? 64  THR B OG1   1 
ATOM   786  C  CG2   . THR B 1 40 ? -13.503 -11.862 1.292   1.00 38.44 ? 64  THR B CG2   1 
ATOM   787  N  N     . SER B 1 41 ? -16.673 -12.951 0.995   1.00 34.62 ? 65  SER B N     1 
ATOM   788  C  CA    A SER B 1 41 ? -17.380 -13.922 1.807   0.50 34.96 ? 65  SER B CA    1 
ATOM   789  C  CA    C SER B 1 41 ? -17.397 -13.950 1.767   0.50 34.63 ? 65  SER B CA    1 
ATOM   790  C  C     . SER B 1 41 ? -16.435 -14.972 2.374   1.00 34.44 ? 65  SER B C     1 
ATOM   791  O  O     . SER B 1 41 ? -16.829 -15.802 3.200   1.00 36.71 ? 65  SER B O     1 
ATOM   792  C  CB    A SER B 1 41 ? -18.531 -14.533 1.013   0.50 35.42 ? 65  SER B CB    1 
ATOM   793  C  CB    C SER B 1 41 ? -18.457 -14.636 0.893   0.50 34.84 ? 65  SER B CB    1 
ATOM   794  O  OG    A SER B 1 41 ? -19.473 -13.517 0.733   0.50 32.47 ? 65  SER B OG    1 
ATOM   795  O  OG    C SER B 1 41 ? -17.876 -15.185 -0.273  0.50 29.26 ? 65  SER B OG    1 
ATOM   796  N  N     . ASP B 1 42 ? -15.173 -14.901 1.959   1.00 30.87 ? 66  ASP B N     1 
ATOM   797  C  CA    . ASP B 1 42 ? -14.130 -15.816 2.421   1.00 27.17 ? 66  ASP B CA    1 
ATOM   798  C  C     . ASP B 1 42 ? -13.602 -15.321 3.780   1.00 28.06 ? 66  ASP B C     1 
ATOM   799  O  O     . ASP B 1 42 ? -12.969 -14.258 3.872   1.00 24.14 ? 66  ASP B O     1 
ATOM   800  C  CB    . ASP B 1 42 ? -13.050 -15.893 1.340   1.00 29.04 ? 66  ASP B CB    1 
ATOM   801  C  CG    . ASP B 1 42 ? -11.882 -16.774 1.723   1.00 36.66 ? 66  ASP B CG    1 
ATOM   802  O  OD1   . ASP B 1 42 ? -11.343 -16.602 2.830   1.00 41.09 ? 66  ASP B OD1   1 
ATOM   803  O  OD2   . ASP B 1 42 ? -11.484 -17.619 0.898   1.00 49.60 ? 66  ASP B OD2   1 
ATOM   804  N  N     . ILE B 1 43 ? -13.876 -16.074 4.849   1.00 25.98 ? 67  ILE B N     1 
ATOM   805  C  CA    . ILE B 1 43 ? -13.625 -15.542 6.198   1.00 25.45 ? 67  ILE B CA    1 
ATOM   806  C  C     . ILE B 1 43 ? -12.131 -15.343 6.464   1.00 18.84 ? 67  ILE B C     1 
ATOM   807  O  O     . ILE B 1 43 ? -11.766 -14.518 7.287   1.00 22.50 ? 67  ILE B O     1 
ATOM   808  C  CB    . ILE B 1 43 ? -14.309 -16.390 7.321   1.00 25.03 ? 67  ILE B CB    1 
ATOM   809  C  CG1   . ILE B 1 43 ? -13.689 -17.775 7.401   1.00 28.89 ? 67  ILE B CG1   1 
ATOM   810  C  CG2   . ILE B 1 43 ? -15.854 -16.457 7.084   1.00 28.20 ? 67  ILE B CG2   1 
ATOM   811  C  CD1   . ILE B 1 43 ? -14.037 -18.494 8.687   1.00 38.13 ? 67  ILE B CD1   1 
ATOM   812  N  N     . LEU B 1 44 ? -11.290 -16.079 5.749   1.00 21.46 ? 68  LEU B N     1 
ATOM   813  C  CA    . LEU B 1 44 ? -9.833  -15.994 5.911   1.00 20.49 ? 68  LEU B CA    1 
ATOM   814  C  C     . LEU B 1 44 ? -9.325  -14.701 5.257   1.00 22.33 ? 68  LEU B C     1 
ATOM   815  O  O     . LEU B 1 44 ? -8.581  -13.948 5.884   1.00 18.57 ? 68  LEU B O     1 
ATOM   816  C  CB    . LEU B 1 44 ? -9.122  -17.234 5.363   1.00 18.75 ? 68  LEU B CB    1 
ATOM   817  C  CG    . LEU B 1 44 ? -9.539  -18.603 5.975   1.00 17.94 ? 68  LEU B CG    1 
ATOM   818  C  CD1   . LEU B 1 44 ? -8.774  -19.754 5.345   1.00 25.89 ? 68  LEU B CD1   1 
ATOM   819  C  CD2   . LEU B 1 44 ? -9.448  -18.626 7.545   1.00 21.92 ? 68  LEU B CD2   1 
ATOM   820  N  N     . LYS B 1 45 ? -9.816  -14.412 4.043   1.00 22.92 ? 69  LYS B N     1 
ATOM   821  C  CA    . LYS B 1 45 ? -9.571  -13.127 3.378   1.00 24.99 ? 69  LYS B CA    1 
ATOM   822  C  C     . LYS B 1 45 ? -10.183 -11.935 4.133   1.00 21.90 ? 69  LYS B C     1 
ATOM   823  O  O     . LYS B 1 45 ? -9.549  -10.863 4.272   1.00 19.46 ? 69  LYS B O     1 
ATOM   824  C  CB    . LYS B 1 45 ? -10.085 -13.166 1.924   1.00 27.22 ? 69  LYS B CB    1 
ATOM   825  C  CG    . LYS B 1 45 ? -9.205  -14.010 0.969   1.00 29.62 ? 69  LYS B CG    1 
ATOM   826  C  CD    . LYS B 1 45 ? -9.874  -14.238 -0.402  1.00 34.38 ? 69  LYS B CD    1 
ATOM   827  C  CE    . LYS B 1 45 ? -8.992  -15.147 -1.294  1.00 40.58 ? 69  LYS B CE    1 
ATOM   828  N  NZ    . LYS B 1 45 ? -9.578  -15.470 -2.627  1.00 51.19 ? 69  LYS B NZ    1 
ATOM   829  N  N     . ALA B 1 46 ? -11.419 -12.099 4.624   1.00 19.61 ? 70  ALA B N     1 
ATOM   830  C  CA    . ALA B 1 46 ? -12.020 -11.099 5.496   1.00 18.15 ? 70  ALA B CA    1 
ATOM   831  C  C     . ALA B 1 46 ? -11.142 -10.762 6.713   1.00 17.25 ? 70  ALA B C     1 
ATOM   832  O  O     . ALA B 1 46 ? -11.066 -9.597  7.099   1.00 19.01 ? 70  ALA B O     1 
ATOM   833  C  CB    . ALA B 1 46 ? -13.439 -11.522 5.965   1.00 20.18 ? 70  ALA B CB    1 
ATOM   834  N  N     . ASP B 1 47 ? -10.529 -11.770 7.349   1.00 17.98 ? 71  ASP B N     1 
ATOM   835  C  CA    . ASP B 1 47 ? -9.684  -11.510 8.521   1.00 19.58 ? 71  ASP B CA    1 
ATOM   836  C  C     . ASP B 1 47 ? -8.531  -10.529 8.153   1.00 17.26 ? 71  ASP B C     1 
ATOM   837  O  O     . ASP B 1 47 ? -8.247  -9.573  8.881   1.00 15.72 ? 71  ASP B O     1 
ATOM   838  C  CB    . ASP B 1 47 ? -9.127  -12.824 9.097   1.00 20.31 ? 71  ASP B CB    1 
ATOM   839  C  CG    . ASP B 1 47 ? -8.191  -12.593 10.265  1.00 18.98 ? 71  ASP B CG    1 
ATOM   840  O  OD1   . ASP B 1 47 ? -8.636  -12.044 11.312  1.00 18.65 ? 71  ASP B OD1   1 
ATOM   841  O  OD2   . ASP B 1 47 ? -7.008  -12.969 10.116  1.00 22.63 ? 71  ASP B OD2   1 
ATOM   842  N  N     . VAL B 1 48 ? -7.927  -10.757 6.998   1.00 16.92 ? 72  VAL B N     1 
ATOM   843  C  CA    . VAL B 1 48 ? -6.815  -9.900  6.540   1.00 17.25 ? 72  VAL B CA    1 
ATOM   844  C  C     . VAL B 1 48 ? -7.278  -8.447  6.294   1.00 15.05 ? 72  VAL B C     1 
ATOM   845  O  O     . VAL B 1 48 ? -6.628  -7.492  6.726   1.00 16.06 ? 72  VAL B O     1 
ATOM   846  C  CB    . VAL B 1 48 ? -6.137  -10.479 5.285   1.00 15.30 ? 72  VAL B CB    1 
ATOM   847  C  CG1   . VAL B 1 48 ? -4.991  -9.512  4.807   1.00 21.53 ? 72  VAL B CG1   1 
ATOM   848  C  CG2   . VAL B 1 48 ? -5.578  -11.883 5.544   1.00 17.88 ? 72  VAL B CG2   1 
ATOM   849  N  N     . ILE B 1 49 ? -8.413  -8.277  5.631   1.00 15.78 ? 73  ILE B N     1 
ATOM   850  C  CA    . ILE B 1 49 ? -8.980  -6.921  5.414   1.00 17.41 ? 73  ILE B CA    1 
ATOM   851  C  C     . ILE B 1 49 ? -9.326  -6.212  6.721   1.00 17.54 ? 73  ILE B C     1 
ATOM   852  O  O     . ILE B 1 49 ? -9.023  -5.049  6.921   1.00 13.67 ? 73  ILE B O     1 
ATOM   853  C  CB    . ILE B 1 49 ? -10.210 -6.971  4.482   1.00 18.73 ? 73  ILE B CB    1 
ATOM   854  C  CG1   . ILE B 1 49 ? -9.850  -7.684  3.192   1.00 17.71 ? 73  ILE B CG1   1 
ATOM   855  C  CG2   . ILE B 1 49 ? -10.698 -5.529  4.207   1.00 15.04 ? 73  ILE B CG2   1 
ATOM   856  C  CD1   . ILE B 1 49 ? -11.014 -8.196  2.387   1.00 20.88 ? 73  ILE B CD1   1 
ATOM   857  N  N     . ARG B 1 50 ? -9.918  -6.950  7.657   1.00 19.98 ? 74  ARG B N     1 
ATOM   858  C  CA    . ARG B 1 50 ? -10.243 -6.422  8.978   1.00 20.67 ? 74  ARG B CA    1 
ATOM   859  C  C     . ARG B 1 50 ? -9.001  -5.949  9.721   1.00 15.64 ? 74  ARG B C     1 
ATOM   860  O  O     . ARG B 1 50 ? -9.013  -4.874  10.333  1.00 18.13 ? 74  ARG B O     1 
ATOM   861  C  CB    . ARG B 1 50 ? -11.020 -7.524  9.771   1.00 23.48 ? 74  ARG B CB    1 
ATOM   862  C  CG    . ARG B 1 50 ? -12.027 -7.069  10.781  1.00 35.15 ? 74  ARG B CG    1 
ATOM   863  C  CD    . ARG B 1 50 ? -12.743 -8.297  11.414  1.00 29.00 ? 74  ARG B CD    1 
ATOM   864  N  NE    . ARG B 1 50 ? -13.691 -8.905  10.483  1.00 35.84 ? 74  ARG B NE    1 
ATOM   865  C  CZ    . ARG B 1 50 ? -13.646 -10.161 10.046  1.00 36.03 ? 74  ARG B CZ    1 
ATOM   866  N  NH1   . ARG B 1 50 ? -12.709 -11.007 10.464  1.00 41.97 ? 74  ARG B NH1   1 
ATOM   867  N  NH2   . ARG B 1 50 ? -14.557 -10.579 9.187   1.00 40.15 ? 74  ARG B NH2   1 
ATOM   868  N  N     . LYS B 1 51 ? -7.914  -6.708  9.681   1.00 16.08 ? 75  LYS B N     1 
ATOM   869  C  CA    . LYS B 1 51 ? -6.665  -6.272  10.319  1.00 15.09 ? 75  LYS B CA    1 
ATOM   870  C  C     . LYS B 1 51 ? -6.073  -5.027  9.642   1.00 16.25 ? 75  LYS B C     1 
ATOM   871  O  O     . LYS B 1 51 ? -5.512  -4.152  10.318  1.00 15.18 ? 75  LYS B O     1 
ATOM   872  C  CB    . LYS B 1 51 ? -5.617  -7.394  10.377  1.00 19.20 ? 75  LYS B CB    1 
ATOM   873  C  CG    . LYS B 1 51 ? -5.981  -8.514  11.400  1.00 21.38 ? 75  LYS B CG    1 
ATOM   874  C  CD    . LYS B 1 51 ? -6.211  -7.945  12.854  1.00 28.02 ? 75  LYS B CD    1 
ATOM   875  C  CE    . LYS B 1 51 ? -7.707  -7.750  13.166  1.00 30.16 ? 75  LYS B CE    1 
ATOM   876  N  NZ    . LYS B 1 51 ? -8.029  -7.653  14.618  1.00 35.78 ? 75  LYS B NZ    1 
ATOM   877  N  N     . THR B 1 52 ? -6.202  -4.978  8.325   1.00 14.35 ? 76  THR B N     1 
ATOM   878  C  CA    . THR B 1 52 ? -5.681  -3.840  7.550   1.00 14.47 ? 76  THR B CA    1 
ATOM   879  C  C     . THR B 1 52 ? -6.493  -2.586  7.920   1.00 15.27 ? 76  THR B C     1 
ATOM   880  O  O     . THR B 1 52 ? -5.938  -1.501  8.181   1.00 16.38 ? 76  THR B O     1 
ATOM   881  C  CB    . THR B 1 52 ? -5.809  -4.109  6.045   1.00 15.19 ? 76  THR B CB    1 
ATOM   882  O  OG1   . THR B 1 52 ? -5.160  -5.349  5.750   1.00 15.96 ? 76  THR B OG1   1 
ATOM   883  C  CG2   . THR B 1 52 ? -5.098  -2.965  5.225   1.00 10.92 ? 76  THR B CG2   1 
ATOM   884  N  N     . LEU B 1 53 ? -7.798  -2.754  7.992   1.00 16.27 ? 77  LEU B N     1 
ATOM   885  C  CA    . LEU B 1 53 ? -8.682  -1.666  8.405   1.00 19.51 ? 77  LEU B CA    1 
ATOM   886  C  C     . LEU B 1 53 ? -8.320  -1.197  9.804   1.00 19.36 ? 77  LEU B C     1 
ATOM   887  O  O     . LEU B 1 53 ? -8.208  0.000   10.059  1.00 17.09 ? 77  LEU B O     1 
ATOM   888  C  CB    . LEU B 1 53 ? -10.154 -2.106  8.290   1.00 20.96 ? 77  LEU B CB    1 
ATOM   889  C  CG    . LEU B 1 53 ? -11.313 -1.130  8.541   1.00 25.65 ? 77  LEU B CG    1 
ATOM   890  C  CD1   . LEU B 1 53 ? -11.220 0.138   7.693   1.00 22.63 ? 77  LEU B CD1   1 
ATOM   891  C  CD2   . LEU B 1 53 ? -12.590 -1.880  8.251   1.00 25.02 ? 77  LEU B CD2   1 
ATOM   892  N  N     . GLU B 1 54 ? -8.093  -2.137  10.727  1.00 18.43 ? 78  GLU B N     1 
ATOM   893  C  CA    . GLU B 1 54 ? -7.742  -1.737  12.081  1.00 18.86 ? 78  GLU B CA    1 
ATOM   894  C  C     . GLU B 1 54 ? -6.445  -0.919  12.139  1.00 18.72 ? 78  GLU B C     1 
ATOM   895  O  O     . GLU B 1 54 ? -6.344  0.078   12.850  1.00 18.44 ? 78  GLU B O     1 
ATOM   896  C  CB    . GLU B 1 54 ? -7.700  -2.962  13.017  1.00 18.92 ? 78  GLU B CB    1 
ATOM   897  C  CG    . GLU B 1 54 ? -7.090  -2.595  14.368  1.00 20.54 ? 78  GLU B CG    1 
ATOM   898  C  CD    . GLU B 1 54 ? -7.172  -3.696  15.417  1.00 27.09 ? 78  GLU B CD    1 
ATOM   899  O  OE1   . GLU B 1 54 ? -7.660  -4.818  15.117  1.00 31.64 ? 78  GLU B OE1   1 
ATOM   900  O  OE2   . GLU B 1 54 ? -6.768  -3.391  16.559  1.00 28.13 ? 78  GLU B OE2   1 
ATOM   901  N  N     . ILE B 1 55 ? -5.431  -1.362  11.403  1.00 17.04 ? 79  ILE B N     1 
ATOM   902  C  CA    . ILE B 1 55 ? -4.169  -0.669  11.356  1.00 17.72 ? 79  ILE B CA    1 
ATOM   903  C  C     . ILE B 1 55 ? -4.331  0.767   10.800  1.00 16.29 ? 79  ILE B C     1 
ATOM   904  O  O     . ILE B 1 55 ? -3.754  1.711   11.384  1.00 18.68 ? 79  ILE B O     1 
ATOM   905  C  CB    . ILE B 1 55 ? -3.123  -1.450  10.515  1.00 19.52 ? 79  ILE B CB    1 
ATOM   906  C  CG1   . ILE B 1 55 ? -2.585  -2.650  11.303  1.00 23.00 ? 79  ILE B CG1   1 
ATOM   907  C  CG2   . ILE B 1 55 ? -1.992  -0.560  10.100  1.00 22.57 ? 79  ILE B CG2   1 
ATOM   908  C  CD1   . ILE B 1 55 ? -2.132  -3.812  10.358  1.00 29.65 ? 79  ILE B CD1   1 
ATOM   909  N  N     . VAL B 1 56 ? -5.105  0.903   9.723   1.00 17.00 ? 80  VAL B N     1 
ATOM   910  C  CA    . VAL B 1 56 ? -5.318  2.249   9.130   1.00 19.27 ? 80  VAL B CA    1 
ATOM   911  C  C     . VAL B 1 56 ? -6.084  3.127   10.143  1.00 19.45 ? 80  VAL B C     1 
ATOM   912  O  O     . VAL B 1 56 ? -5.724  4.306   10.328  1.00 18.31 ? 80  VAL B O     1 
ATOM   913  C  CB    . VAL B 1 56 ? -6.024  2.215   7.780   1.00 18.77 ? 80  VAL B CB    1 
ATOM   914  C  CG1   . VAL B 1 56 ? -6.385  3.663   7.305   1.00 15.51 ? 80  VAL B CG1   1 
ATOM   915  C  CG2   . VAL B 1 56 ? -5.099  1.466   6.727   1.00 16.47 ? 80  VAL B CG2   1 
ATOM   916  N  N     . LEU B 1 57 ? -7.090  2.536   10.799  1.00 19.93 ? 81  LEU B N     1 
ATOM   917  C  CA    . LEU B 1 57 ? -7.880  3.274   11.825  1.00 18.84 ? 81  LEU B CA    1 
ATOM   918  C  C     . LEU B 1 57 ? -7.025  3.796   12.968  1.00 20.48 ? 81  LEU B C     1 
ATOM   919  O  O     . LEU B 1 57 ? -7.174  4.958   13.391  1.00 24.07 ? 81  LEU B O     1 
ATOM   920  C  CB    . LEU B 1 57 ? -9.067  2.425   12.329  1.00 18.74 ? 81  LEU B CB    1 
ATOM   921  C  CG    . LEU B 1 57 ? -10.229 2.192   11.354  1.00 23.03 ? 81  LEU B CG    1 
ATOM   922  C  CD1   . LEU B 1 57 ? -11.207 1.104   11.820  1.00 29.55 ? 81  LEU B CD1   1 
ATOM   923  C  CD2   . LEU B 1 57 ? -10.942 3.481   11.018  1.00 30.65 ? 81  LEU B CD2   1 
ATOM   924  N  N     . ARG B 1 58 ? -6.110  2.959   13.471  1.00 20.09 ? 82  ARG B N     1 
ATOM   925  C  CA    . ARG B 1 58 ? -5.230  3.314   14.575  1.00 21.41 ? 82  ARG B CA    1 
ATOM   926  C  C     . ARG B 1 58 ? -4.148  4.311   14.182  1.00 27.05 ? 82  ARG B C     1 
ATOM   927  O  O     . ARG B 1 58 ? -3.841  5.236   14.945  1.00 29.97 ? 82  ARG B O     1 
ATOM   928  C  CB    . ARG B 1 58 ? -4.624  2.059   15.261  1.00 22.48 ? 82  ARG B CB    1 
ATOM   929  C  CG    . ARG B 1 58 ? -5.664  1.099   15.799  1.00 15.55 ? 82  ARG B CG    1 
ATOM   930  C  CD    . ARG B 1 58 ? -4.943  -0.080  16.430  1.00 19.88 ? 82  ARG B CD    1 
ATOM   931  N  NE    . ARG B 1 58 ? -5.842  -0.951  17.177  1.00 20.56 ? 82  ARG B NE    1 
ATOM   932  C  CZ    . ARG B 1 58 ? -6.111  -0.813  18.485  1.00 16.80 ? 82  ARG B CZ    1 
ATOM   933  N  NH1   . ARG B 1 58 ? -5.544  0.164   19.188  1.00 21.79 ? 82  ARG B NH1   1 
ATOM   934  N  NH2   . ARG B 1 58 ? -6.944  -1.668  19.069  1.00 19.36 ? 82  ARG B NH2   1 
ATOM   935  N  N     . TYR B 1 59 ? -3.576  4.141   12.992  1.00 27.10 ? 83  TYR B N     1 
ATOM   936  C  CA    . TYR B 1 59 ? -2.675  5.153   12.437  1.00 29.74 ? 83  TYR B CA    1 
ATOM   937  C  C     . TYR B 1 59 ? -3.409  6.503   12.258  1.00 27.54 ? 83  TYR B C     1 
ATOM   938  O  O     . TYR B 1 59 ? -2.882  7.556   12.616  1.00 32.70 ? 83  TYR B O     1 
ATOM   939  C  CB    . TYR B 1 59 ? -2.015  4.660   11.119  1.00 31.42 ? 83  TYR B CB    1 
ATOM   940  C  CG    . TYR B 1 59 ? -1.428  5.809   10.296  1.00 34.45 ? 83  TYR B CG    1 
ATOM   941  C  CD1   . TYR B 1 59 ? -0.129  6.268   10.531  1.00 30.36 ? 83  TYR B CD1   1 
ATOM   942  C  CD2   . TYR B 1 59 ? -2.198  6.457   9.329   1.00 38.04 ? 83  TYR B CD2   1 
ATOM   943  C  CE1   . TYR B 1 59 ? 0.396   7.346   9.808   1.00 29.79 ? 83  TYR B CE1   1 
ATOM   944  C  CE2   . TYR B 1 59 ? -1.693  7.537   8.601   1.00 39.05 ? 83  TYR B CE2   1 
ATOM   945  C  CZ    . TYR B 1 59 ? -0.401  7.974   8.845   1.00 37.29 ? 83  TYR B CZ    1 
ATOM   946  O  OH    . TYR B 1 59 ? 0.092   9.040   8.112   1.00 41.66 ? 83  TYR B OH    1 
ATOM   947  N  N     . THR B 1 60 ? -4.619  6.462   11.710  1.00 30.08 ? 84  THR B N     1 
ATOM   948  C  CA    . THR B 1 60 ? -5.432  7.670   11.452  1.00 31.35 ? 84  THR B CA    1 
ATOM   949  C  C     . THR B 1 60 ? -5.762  8.404   12.765  1.00 33.47 ? 84  THR B C     1 
ATOM   950  O  O     . THR B 1 60 ? -5.602  9.628   12.851  1.00 32.75 ? 84  THR B O     1 
ATOM   951  C  CB    . THR B 1 60 ? -6.732  7.284   10.734  1.00 31.48 ? 84  THR B CB    1 
ATOM   952  O  OG1   . THR B 1 60 ? -6.408  6.739   9.451   1.00 34.40 ? 84  THR B OG1   1 
ATOM   953  C  CG2   . THR B 1 60 ? -7.702  8.479   10.562  1.00 30.14 ? 84  THR B CG2   1 
ATOM   954  N  N     . ALA B 1 61 ? -6.208  7.648   13.771  1.00 31.71 ? 85  ALA B N     1 
ATOM   955  C  CA    . ALA B 1 61 ? -6.553  8.218   15.085  1.00 36.02 ? 85  ALA B CA    1 
ATOM   956  C  C     . ALA B 1 61 ? -5.344  8.825   15.784  1.00 40.15 ? 85  ALA B C     1 
ATOM   957  O  O     . ALA B 1 61 ? -5.480  9.806   16.518  1.00 42.14 ? 85  ALA B O     1 
ATOM   958  C  CB    . ALA B 1 61 ? -7.232  7.173   15.978  1.00 33.92 ? 85  ALA B CB    1 
ATOM   959  N  N     . ASP B 1 62 ? -4.174  8.227   15.544  1.00 44.20 ? 86  ASP B N     1 
ATOM   960  C  CA    . ASP B 1 62 ? -2.858  8.744   15.945  1.00 48.93 ? 86  ASP B CA    1 
ATOM   961  C  C     . ASP B 1 62 ? -2.491  8.276   17.345  1.00 52.96 ? 86  ASP B C     1 
ATOM   962  O  O     . ASP B 1 62 ? -1.484  7.585   17.519  1.00 55.72 ? 86  ASP B O     1 
ATOM   963  C  CB    . ASP B 1 62 ? -2.749  10.281  15.776  1.00 51.32 ? 86  ASP B CB    1 
ATOM   964  C  CG    . ASP B 1 62 ? -1.691  10.919  16.687  1.00 58.64 ? 86  ASP B CG    1 
ATOM   965  O  OD1   . ASP B 1 62 ? -0.605  10.320  16.882  1.00 65.92 ? 86  ASP B OD1   1 
ATOM   966  O  OD2   . ASP B 1 62 ? -1.940  12.036  17.199  1.00 62.36 ? 86  ASP B OD2   1 
HETATM 967  C  C1    . BOG C 2 .  ? 12.657  5.305   -17.194 0.50 59.47 ? 101 BOG A C1    1 
HETATM 968  O  O1    . BOG C 2 .  ? 11.300  5.556   -16.749 0.50 58.25 ? 101 BOG A O1    1 
HETATM 969  C  C2    . BOG C 2 .  ? 13.259  4.166   -16.364 0.50 59.64 ? 101 BOG A C2    1 
HETATM 970  O  O2    . BOG C 2 .  ? 13.051  4.418   -14.977 0.50 58.24 ? 101 BOG A O2    1 
HETATM 971  C  C3    . BOG C 2 .  ? 14.763  4.012   -16.642 0.50 61.22 ? 101 BOG A C3    1 
HETATM 972  O  O3    . BOG C 2 .  ? 15.137  2.638   -16.454 0.50 61.70 ? 101 BOG A O3    1 
HETATM 973  C  C4    . BOG C 2 .  ? 15.170  4.512   -18.060 0.50 61.11 ? 101 BOG A C4    1 
HETATM 974  O  O4    . BOG C 2 .  ? 16.318  3.791   -18.551 0.50 61.80 ? 101 BOG A O4    1 
HETATM 975  C  C5    . BOG C 2 .  ? 14.013  4.475   -19.102 0.50 58.91 ? 101 BOG A C5    1 
HETATM 976  O  O5    . BOG C 2 .  ? 12.704  4.942   -18.600 0.50 60.36 ? 101 BOG A O5    1 
HETATM 977  C  C6    . BOG C 2 .  ? 13.842  3.067   -19.761 0.50 55.93 ? 101 BOG A C6    1 
HETATM 978  O  O6    . BOG C 2 .  ? 12.695  3.060   -20.617 0.50 48.82 ? 101 BOG A O6    1 
HETATM 979  C  "C1'" . BOG C 2 .  ? 10.998  6.969   -16.619 1.00 54.41 ? 101 BOG A "C1'" 1 
HETATM 980  C  "C2'" . BOG C 2 .  ? 10.913  7.387   -15.139 1.00 48.58 ? 101 BOG A "C2'" 1 
HETATM 981  C  "C3'" . BOG C 2 .  ? 9.481   7.642   -14.627 1.00 41.17 ? 101 BOG A "C3'" 1 
HETATM 982  C  "C4'" . BOG C 2 .  ? 8.844   8.965   -15.098 1.00 31.79 ? 101 BOG A "C4'" 1 
HETATM 983  C  "C5'" . BOG C 2 .  ? 8.248   9.758   -13.929 1.00 30.84 ? 101 BOG A "C5'" 1 
HETATM 984  C  "C6'" . BOG C 2 .  ? 7.540   11.000  -14.476 1.00 26.63 ? 101 BOG A "C6'" 1 
HETATM 985  C  "C7'" . BOG C 2 .  ? 6.772   11.711  -13.375 1.00 28.90 ? 101 BOG A "C7'" 1 
HETATM 986  C  "C8'" . BOG C 2 .  ? 5.820   12.690  -14.018 1.00 25.48 ? 101 BOG A "C8'" 1 
HETATM 987  C  C1    . BOG D 2 .  ? -11.047 -5.037  17.966  0.50 52.77 ? 101 BOG B C1    1 
HETATM 988  O  O1    . BOG D 2 .  ? -11.760 -4.022  17.222  0.50 52.14 ? 101 BOG B O1    1 
HETATM 989  C  C2    . BOG D 2 .  ? -10.264 -6.006  17.079  0.50 50.22 ? 101 BOG B C2    1 
HETATM 990  O  O2    . BOG D 2 .  ? -10.972 -6.288  15.868  0.50 53.86 ? 101 BOG B O2    1 
HETATM 991  C  C3    . BOG D 2 .  ? -10.046 -7.298  17.865  0.50 50.31 ? 101 BOG B C3    1 
HETATM 992  O  O3    . BOG D 2 .  ? -9.065  -8.067  17.164  0.50 41.28 ? 101 BOG B O3    1 
HETATM 993  C  C4    . BOG D 2 .  ? -9.656  -7.077  19.367  0.50 50.81 ? 101 BOG B C4    1 
HETATM 994  O  O4    . BOG D 2 .  ? -8.354  -7.630  19.629  0.50 52.44 ? 101 BOG B O4    1 
HETATM 995  C  C5    . BOG D 2 .  ? -9.770  -5.600  19.906  0.50 52.53 ? 101 BOG B C5    1 
HETATM 996  O  O5    . BOG D 2 .  ? -10.037 -4.569  18.902  0.50 52.41 ? 101 BOG B O5    1 
HETATM 997  C  C6    . BOG D 2 .  ? -8.545  -5.086  20.709  0.50 52.18 ? 101 BOG B C6    1 
HETATM 998  O  O6    . BOG D 2 .  ? -8.925  -4.096  21.681  0.50 49.56 ? 101 BOG B O6    1 
HETATM 999  C  "C1'" . BOG D 2 .  ? -11.044 -2.780  17.188  1.00 51.48 ? 101 BOG B "C1'" 1 
HETATM 1000 C  "C2'" . BOG D 2 .  ? -11.216 -2.216  15.778  1.00 48.60 ? 101 BOG B "C2'" 1 
HETATM 1001 C  "C3'" . BOG D 2 .  ? -10.250 -1.061  15.471  1.00 40.49 ? 101 BOG B "C3'" 1 
HETATM 1002 C  "C4'" . BOG D 2 .  ? -9.894  -0.218  16.697  1.00 34.34 ? 101 BOG B "C4'" 1 
HETATM 1003 C  "C5'" . BOG D 2 .  ? -9.785  1.242   16.302  1.00 30.96 ? 101 BOG B "C5'" 1 
HETATM 1004 C  "C6'" . BOG D 2 .  ? -9.127  2.039   17.411  1.00 28.91 ? 101 BOG B "C6'" 1 
HETATM 1005 C  "C7'" . BOG D 2 .  ? -8.625  3.331   16.776  1.00 30.30 ? 101 BOG B "C7'" 1 
HETATM 1006 C  "C8'" . BOG D 2 .  ? -7.853  4.136   17.795  1.00 27.49 ? 101 BOG B "C8'" 1 
HETATM 1007 O  O     . HOH E 3 .  ? 5.420   -7.551  -4.962  1.00 20.54 ? 102 HOH A O     1 
HETATM 1008 O  O     . HOH E 3 .  ? 8.329   -1.631  -0.334  1.00 19.99 ? 103 HOH A O     1 
HETATM 1009 O  O     . HOH E 3 .  ? 1.658   18.415  -12.549 1.00 23.07 ? 104 HOH A O     1 
HETATM 1010 O  O     . HOH E 3 .  ? 16.166  6.758   0.375   1.00 28.47 ? 105 HOH A O     1 
HETATM 1011 O  O     . HOH E 3 .  ? -0.708  -7.451  -3.961  1.00 33.11 ? 106 HOH A O     1 
HETATM 1012 O  O     . HOH E 3 .  ? 19.322  -10.996 -10.352 1.00 37.18 ? 107 HOH A O     1 
HETATM 1013 O  O     . HOH E 3 .  ? 15.506  -4.808  -13.499 1.00 28.99 ? 108 HOH A O     1 
HETATM 1014 O  O     . HOH E 3 .  ? 1.920   10.492  -15.945 1.00 25.16 ? 109 HOH A O     1 
HETATM 1015 O  O     . HOH E 3 .  ? -0.087  10.346  0.209   1.00 39.73 ? 110 HOH A O     1 
HETATM 1016 O  O     . HOH E 3 .  ? 9.961   0.329   0.435   1.00 30.23 ? 111 HOH A O     1 
HETATM 1017 O  O     . HOH E 3 .  ? 2.628   -4.739  -13.603 1.00 39.67 ? 112 HOH A O     1 
HETATM 1018 O  O     . HOH F 3 .  ? -2.968  -10.003 1.139   1.00 21.62 ? 102 HOH B O     1 
HETATM 1019 O  O     . HOH F 3 .  ? -7.608  -3.739  -0.798  1.00 21.55 ? 103 HOH B O     1 
HETATM 1020 O  O     . HOH F 3 .  ? -5.758  10.675  18.734  1.00 26.00 ? 104 HOH B O     1 
HETATM 1021 O  O     . HOH F 3 .  ? -17.410 1.761   1.528   1.00 27.52 ? 105 HOH B O     1 
HETATM 1022 O  O     . HOH F 3 .  ? -7.731  -10.475 2.057   1.00 25.32 ? 106 HOH B O     1 
HETATM 1023 O  O     . HOH F 3 .  ? -7.106  14.773  0.164   1.00 32.77 ? 107 HOH B O     1 
HETATM 1024 O  O     . HOH F 3 .  ? -12.763 -1.806  -2.706  1.00 28.15 ? 108 HOH B O     1 
HETATM 1025 O  O     . HOH F 3 .  ? 2.786   -7.839  0.652   1.00 34.40 ? 109 HOH B O     1 
HETATM 1026 O  O     . HOH F 3 .  ? -2.623  9.286   3.863   1.00 39.74 ? 110 HOH B O     1 
HETATM 1027 O  O     . HOH F 3 .  ? -9.708  -2.236  -0.804  1.00 28.77 ? 111 HOH B O     1 
HETATM 1028 O  O     . HOH F 3 .  ? -15.251 -18.719 3.837   1.00 35.45 ? 112 HOH B O     1 
HETATM 1029 O  O     . HOH F 3 .  ? 5.056   -6.474  6.704   1.00 41.72 ? 113 HOH B O     1 
HETATM 1030 O  O     . HOH F 3 .  ? -6.118  -15.176 6.859   1.00 30.67 ? 114 HOH B O     1 
HETATM 1031 O  O     . HOH F 3 .  ? -12.934 -13.806 9.405   1.00 29.10 ? 115 HOH B O     1 
HETATM 1032 O  O     . HOH F 3 .  ? -14.258 -13.876 -1.218  1.00 42.60 ? 116 HOH B O     1 
HETATM 1033 O  O     . HOH F 3 .  ? -3.819  4.983   17.600  1.00 37.48 ? 117 HOH B O     1 
HETATM 1034 O  O     . HOH F 3 .  ? -5.527  9.701   -7.736  1.00 48.78 ? 118 HOH B O     1 
HETATM 1035 O  O     . HOH F 3 .  ? -0.342  -10.391 10.191  1.00 40.40 ? 119 HOH B O     1 
HETATM 1036 O  O     . HOH F 3 .  ? -10.208 1.501   -9.031  1.00 31.81 ? 120 HOH B O     1 
HETATM 1037 O  O     . HOH F 3 .  ? -17.386 9.821   0.216   1.00 33.25 ? 121 HOH B O     1 
# 
